data_3VLG
# 
_entry.id   3VLG 
# 
_audit_conform.dict_name       mmcif_pdbx.dic 
_audit_conform.dict_version    5.398 
_audit_conform.dict_location   http://mmcif.pdb.org/dictionaries/ascii/mmcif_pdbx.dic 
# 
loop_
_database_2.database_id 
_database_2.database_code 
_database_2.pdbx_database_accession 
_database_2.pdbx_DOI 
PDB   3VLG         pdb_00003vlg 10.2210/pdb3vlg/pdb 
RCSB  RCSB095192   ?            ?                   
WWPDB D_1000095192 ?            ?                   
# 
loop_
_pdbx_audit_revision_history.ordinal 
_pdbx_audit_revision_history.data_content_type 
_pdbx_audit_revision_history.major_revision 
_pdbx_audit_revision_history.minor_revision 
_pdbx_audit_revision_history.revision_date 
1 'Structure model' 1 0 2012-04-18 
2 'Structure model' 1 1 2023-11-08 
3 'Structure model' 1 2 2024-10-30 
# 
_pdbx_audit_revision_details.ordinal             1 
_pdbx_audit_revision_details.revision_ordinal    1 
_pdbx_audit_revision_details.data_content_type   'Structure model' 
_pdbx_audit_revision_details.provider            repository 
_pdbx_audit_revision_details.type                'Initial release' 
_pdbx_audit_revision_details.description         ? 
_pdbx_audit_revision_details.details             ? 
# 
loop_
_pdbx_audit_revision_group.ordinal 
_pdbx_audit_revision_group.revision_ordinal 
_pdbx_audit_revision_group.data_content_type 
_pdbx_audit_revision_group.group 
1 2 'Structure model' 'Data collection'        
2 2 'Structure model' 'Database references'    
3 2 'Structure model' 'Refinement description' 
4 3 'Structure model' 'Structure summary'      
# 
loop_
_pdbx_audit_revision_category.ordinal 
_pdbx_audit_revision_category.revision_ordinal 
_pdbx_audit_revision_category.data_content_type 
_pdbx_audit_revision_category.category 
1 2 'Structure model' chem_comp_atom                
2 2 'Structure model' chem_comp_bond                
3 2 'Structure model' database_2                    
4 2 'Structure model' pdbx_initial_refinement_model 
5 2 'Structure model' struct_ref_seq_dif            
6 3 'Structure model' pdbx_entry_details            
7 3 'Structure model' pdbx_modification_feature     
# 
loop_
_pdbx_audit_revision_item.ordinal 
_pdbx_audit_revision_item.revision_ordinal 
_pdbx_audit_revision_item.data_content_type 
_pdbx_audit_revision_item.item 
1 2 'Structure model' '_database_2.pdbx_DOI'                
2 2 'Structure model' '_database_2.pdbx_database_accession' 
3 2 'Structure model' '_struct_ref_seq_dif.details'         
# 
_pdbx_database_status.status_code                     REL 
_pdbx_database_status.entry_id                        3VLG 
_pdbx_database_status.recvd_initial_deposition_date   2011-12-01 
_pdbx_database_status.deposit_site                    PDBJ 
_pdbx_database_status.process_site                    PDBJ 
_pdbx_database_status.status_code_sf                  REL 
_pdbx_database_status.status_code_mr                  ? 
_pdbx_database_status.SG_entry                        ? 
_pdbx_database_status.status_code_cs                  ? 
_pdbx_database_status.methods_development_category    ? 
_pdbx_database_status.pdb_format_compatible           Y 
_pdbx_database_status.status_code_nmr_data            ? 
# 
loop_
_pdbx_database_related.db_name 
_pdbx_database_related.db_id 
_pdbx_database_related.details 
_pdbx_database_related.content_type 
PDB 1YXJ 'The wild-type LOX-1 CTLD crystallized under acidic condition'            unspecified 
PDB 1YXK 'The wild-type LOX-1 CTLD in dimer, crystallized under neutral condition' unspecified 
# 
loop_
_audit_author.name 
_audit_author.pdbx_ordinal 
'Nakano, S.'     1 
'Sugihara, M.'   2 
'Yamada, R.'     3 
'Katayanagi, K.' 4 
'Tate, S.'       5 
# 
_citation.id                        primary 
_citation.title                     
'Structural implication for the impaired binding of W150A mutant LOX-1 to oxidized low density lipoprotein, OxLDL' 
_citation.journal_abbrev            Biochim.Biophys.Acta 
_citation.journal_volume            1824 
_citation.page_first                739 
_citation.page_last                 749 
_citation.year                      2012 
_citation.journal_id_ASTM           BBACAQ 
_citation.country                   NE 
_citation.journal_id_ISSN           0006-3002 
_citation.journal_id_CSD            0113 
_citation.book_publisher            ? 
_citation.pdbx_database_id_PubMed   22369967 
_citation.pdbx_database_id_DOI      10.1016/j.bbapap.2012.02.003 
# 
loop_
_citation_author.citation_id 
_citation_author.name 
_citation_author.ordinal 
_citation_author.identifier_ORCID 
primary 'Nakano, S.'     1 ? 
primary 'Sugihara, M.'   2 ? 
primary 'Yamada, R.'     3 ? 
primary 'Katayanagi, K.' 4 ? 
primary 'Tate, S.'       5 ? 
# 
loop_
_entity.id 
_entity.type 
_entity.src_method 
_entity.pdbx_description 
_entity.formula_weight 
_entity.pdbx_number_of_molecules 
_entity.pdbx_ec 
_entity.pdbx_mutation 
_entity.pdbx_fragment 
_entity.details 
1 polymer man 'Oxidized low-density lipoprotein receptor 1' 16320.606 1  ? W150A 'C-type lectin-like domain' ? 
2 water   nat water                                         18.015    80 ? ?     ?                           ? 
# 
_entity_name_com.entity_id   1 
_entity_name_com.name        'Ox-LDL receptor 1, C-type lectin domain family 8 member A, Lectin-like oxidized LDL receptor 1' 
# 
_entity_poly.entity_id                      1 
_entity_poly.type                           'polypeptide(L)' 
_entity_poly.nstd_linkage                   no 
_entity_poly.nstd_monomer                   no 
_entity_poly.pdbx_seq_one_letter_code       
;GPHMTLKRVANCSAPCPQDWIAHGENCYLFSSGSFNWEKSQEKCLSLDAKLLKINSTADLDFIQQAISYSSFPFWMGLSR
RNPSYPWLWEDGSPLMPHLFRVRGAVSQTYPSGTCAYIQRGAVYAENCILAAFSICQKKANLRAQ
;
_entity_poly.pdbx_seq_one_letter_code_can   
;GPHMTLKRVANCSAPCPQDWIAHGENCYLFSSGSFNWEKSQEKCLSLDAKLLKINSTADLDFIQQAISYSSFPFWMGLSR
RNPSYPWLWEDGSPLMPHLFRVRGAVSQTYPSGTCAYIQRGAVYAENCILAAFSICQKKANLRAQ
;
_entity_poly.pdbx_strand_id                 A 
_entity_poly.pdbx_target_identifier         ? 
# 
_pdbx_entity_nonpoly.entity_id   2 
_pdbx_entity_nonpoly.name        water 
_pdbx_entity_nonpoly.comp_id     HOH 
# 
loop_
_entity_poly_seq.entity_id 
_entity_poly_seq.num 
_entity_poly_seq.mon_id 
_entity_poly_seq.hetero 
1 1   GLY n 
1 2   PRO n 
1 3   HIS n 
1 4   MET n 
1 5   THR n 
1 6   LEU n 
1 7   LYS n 
1 8   ARG n 
1 9   VAL n 
1 10  ALA n 
1 11  ASN n 
1 12  CYS n 
1 13  SER n 
1 14  ALA n 
1 15  PRO n 
1 16  CYS n 
1 17  PRO n 
1 18  GLN n 
1 19  ASP n 
1 20  TRP n 
1 21  ILE n 
1 22  ALA n 
1 23  HIS n 
1 24  GLY n 
1 25  GLU n 
1 26  ASN n 
1 27  CYS n 
1 28  TYR n 
1 29  LEU n 
1 30  PHE n 
1 31  SER n 
1 32  SER n 
1 33  GLY n 
1 34  SER n 
1 35  PHE n 
1 36  ASN n 
1 37  TRP n 
1 38  GLU n 
1 39  LYS n 
1 40  SER n 
1 41  GLN n 
1 42  GLU n 
1 43  LYS n 
1 44  CYS n 
1 45  LEU n 
1 46  SER n 
1 47  LEU n 
1 48  ASP n 
1 49  ALA n 
1 50  LYS n 
1 51  LEU n 
1 52  LEU n 
1 53  LYS n 
1 54  ILE n 
1 55  ASN n 
1 56  SER n 
1 57  THR n 
1 58  ALA n 
1 59  ASP n 
1 60  LEU n 
1 61  ASP n 
1 62  PHE n 
1 63  ILE n 
1 64  GLN n 
1 65  GLN n 
1 66  ALA n 
1 67  ILE n 
1 68  SER n 
1 69  TYR n 
1 70  SER n 
1 71  SER n 
1 72  PHE n 
1 73  PRO n 
1 74  PHE n 
1 75  TRP n 
1 76  MET n 
1 77  GLY n 
1 78  LEU n 
1 79  SER n 
1 80  ARG n 
1 81  ARG n 
1 82  ASN n 
1 83  PRO n 
1 84  SER n 
1 85  TYR n 
1 86  PRO n 
1 87  TRP n 
1 88  LEU n 
1 89  TRP n 
1 90  GLU n 
1 91  ASP n 
1 92  GLY n 
1 93  SER n 
1 94  PRO n 
1 95  LEU n 
1 96  MET n 
1 97  PRO n 
1 98  HIS n 
1 99  LEU n 
1 100 PHE n 
1 101 ARG n 
1 102 VAL n 
1 103 ARG n 
1 104 GLY n 
1 105 ALA n 
1 106 VAL n 
1 107 SER n 
1 108 GLN n 
1 109 THR n 
1 110 TYR n 
1 111 PRO n 
1 112 SER n 
1 113 GLY n 
1 114 THR n 
1 115 CYS n 
1 116 ALA n 
1 117 TYR n 
1 118 ILE n 
1 119 GLN n 
1 120 ARG n 
1 121 GLY n 
1 122 ALA n 
1 123 VAL n 
1 124 TYR n 
1 125 ALA n 
1 126 GLU n 
1 127 ASN n 
1 128 CYS n 
1 129 ILE n 
1 130 LEU n 
1 131 ALA n 
1 132 ALA n 
1 133 PHE n 
1 134 SER n 
1 135 ILE n 
1 136 CYS n 
1 137 GLN n 
1 138 LYS n 
1 139 LYS n 
1 140 ALA n 
1 141 ASN n 
1 142 LEU n 
1 143 ARG n 
1 144 ALA n 
1 145 GLN n 
# 
_entity_src_gen.entity_id                          1 
_entity_src_gen.pdbx_src_id                        1 
_entity_src_gen.pdbx_alt_source_flag               sample 
_entity_src_gen.pdbx_seq_type                      ? 
_entity_src_gen.pdbx_beg_seq_num                   ? 
_entity_src_gen.pdbx_end_seq_num                   ? 
_entity_src_gen.gene_src_common_name               human 
_entity_src_gen.gene_src_genus                     ? 
_entity_src_gen.pdbx_gene_src_gene                 OLR1 
_entity_src_gen.gene_src_species                   ? 
_entity_src_gen.gene_src_strain                    ? 
_entity_src_gen.gene_src_tissue                    ? 
_entity_src_gen.gene_src_tissue_fraction           ? 
_entity_src_gen.gene_src_details                   ? 
_entity_src_gen.pdbx_gene_src_fragment             ? 
_entity_src_gen.pdbx_gene_src_scientific_name      'Homo sapiens' 
_entity_src_gen.pdbx_gene_src_ncbi_taxonomy_id     9606 
_entity_src_gen.pdbx_gene_src_variant              ? 
_entity_src_gen.pdbx_gene_src_cell_line            ? 
_entity_src_gen.pdbx_gene_src_atcc                 ? 
_entity_src_gen.pdbx_gene_src_organ                ? 
_entity_src_gen.pdbx_gene_src_organelle            ? 
_entity_src_gen.pdbx_gene_src_cell                 ? 
_entity_src_gen.pdbx_gene_src_cellular_location    ? 
_entity_src_gen.host_org_common_name               ? 
_entity_src_gen.pdbx_host_org_scientific_name      'Escherichia coli' 
_entity_src_gen.pdbx_host_org_ncbi_taxonomy_id     562 
_entity_src_gen.host_org_genus                     ? 
_entity_src_gen.pdbx_host_org_gene                 ? 
_entity_src_gen.pdbx_host_org_organ                ? 
_entity_src_gen.host_org_species                   ? 
_entity_src_gen.pdbx_host_org_tissue               ? 
_entity_src_gen.pdbx_host_org_tissue_fraction      ? 
_entity_src_gen.pdbx_host_org_strain               ? 
_entity_src_gen.pdbx_host_org_variant              ? 
_entity_src_gen.pdbx_host_org_cell_line            ? 
_entity_src_gen.pdbx_host_org_atcc                 ? 
_entity_src_gen.pdbx_host_org_culture_collection   ? 
_entity_src_gen.pdbx_host_org_cell                 ? 
_entity_src_gen.pdbx_host_org_organelle            ? 
_entity_src_gen.pdbx_host_org_cellular_location    ? 
_entity_src_gen.pdbx_host_org_vector_type          ? 
_entity_src_gen.pdbx_host_org_vector               ? 
_entity_src_gen.host_org_details                   ? 
_entity_src_gen.expression_system_id               ? 
_entity_src_gen.plasmid_name                       ? 
_entity_src_gen.plasmid_details                    ? 
_entity_src_gen.pdbx_description                   ? 
# 
loop_
_chem_comp.id 
_chem_comp.type 
_chem_comp.mon_nstd_flag 
_chem_comp.name 
_chem_comp.pdbx_synonyms 
_chem_comp.formula 
_chem_comp.formula_weight 
ALA 'L-peptide linking' y ALANINE         ? 'C3 H7 N O2'     89.093  
ARG 'L-peptide linking' y ARGININE        ? 'C6 H15 N4 O2 1' 175.209 
ASN 'L-peptide linking' y ASPARAGINE      ? 'C4 H8 N2 O3'    132.118 
ASP 'L-peptide linking' y 'ASPARTIC ACID' ? 'C4 H7 N O4'     133.103 
CYS 'L-peptide linking' y CYSTEINE        ? 'C3 H7 N O2 S'   121.158 
GLN 'L-peptide linking' y GLUTAMINE       ? 'C5 H10 N2 O3'   146.144 
GLU 'L-peptide linking' y 'GLUTAMIC ACID' ? 'C5 H9 N O4'     147.129 
GLY 'peptide linking'   y GLYCINE         ? 'C2 H5 N O2'     75.067  
HIS 'L-peptide linking' y HISTIDINE       ? 'C6 H10 N3 O2 1' 156.162 
HOH non-polymer         . WATER           ? 'H2 O'           18.015  
ILE 'L-peptide linking' y ISOLEUCINE      ? 'C6 H13 N O2'    131.173 
LEU 'L-peptide linking' y LEUCINE         ? 'C6 H13 N O2'    131.173 
LYS 'L-peptide linking' y LYSINE          ? 'C6 H15 N2 O2 1' 147.195 
MET 'L-peptide linking' y METHIONINE      ? 'C5 H11 N O2 S'  149.211 
PHE 'L-peptide linking' y PHENYLALANINE   ? 'C9 H11 N O2'    165.189 
PRO 'L-peptide linking' y PROLINE         ? 'C5 H9 N O2'     115.130 
SER 'L-peptide linking' y SERINE          ? 'C3 H7 N O3'     105.093 
THR 'L-peptide linking' y THREONINE       ? 'C4 H9 N O3'     119.119 
TRP 'L-peptide linking' y TRYPTOPHAN      ? 'C11 H12 N2 O2'  204.225 
TYR 'L-peptide linking' y TYROSINE        ? 'C9 H11 N O3'    181.189 
VAL 'L-peptide linking' y VALINE          ? 'C5 H11 N O2'    117.146 
# 
loop_
_pdbx_poly_seq_scheme.asym_id 
_pdbx_poly_seq_scheme.entity_id 
_pdbx_poly_seq_scheme.seq_id 
_pdbx_poly_seq_scheme.mon_id 
_pdbx_poly_seq_scheme.ndb_seq_num 
_pdbx_poly_seq_scheme.pdb_seq_num 
_pdbx_poly_seq_scheme.auth_seq_num 
_pdbx_poly_seq_scheme.pdb_mon_id 
_pdbx_poly_seq_scheme.auth_mon_id 
_pdbx_poly_seq_scheme.pdb_strand_id 
_pdbx_poly_seq_scheme.pdb_ins_code 
_pdbx_poly_seq_scheme.hetero 
A 1 1   GLY 1   129 ?   ?   ?   A . n 
A 1 2   PRO 2   130 ?   ?   ?   A . n 
A 1 3   HIS 3   131 ?   ?   ?   A . n 
A 1 4   MET 4   132 ?   ?   ?   A . n 
A 1 5   THR 5   133 ?   ?   ?   A . n 
A 1 6   LEU 6   134 ?   ?   ?   A . n 
A 1 7   LYS 7   135 ?   ?   ?   A . n 
A 1 8   ARG 8   136 ?   ?   ?   A . n 
A 1 9   VAL 9   137 ?   ?   ?   A . n 
A 1 10  ALA 10  138 ?   ?   ?   A . n 
A 1 11  ASN 11  139 ?   ?   ?   A . n 
A 1 12  CYS 12  140 ?   ?   ?   A . n 
A 1 13  SER 13  141 ?   ?   ?   A . n 
A 1 14  ALA 14  142 ?   ?   ?   A . n 
A 1 15  PRO 15  143 143 PRO PRO A . n 
A 1 16  CYS 16  144 144 CYS CYS A . n 
A 1 17  PRO 17  145 145 PRO PRO A . n 
A 1 18  GLN 18  146 146 GLN GLN A . n 
A 1 19  ASP 19  147 147 ASP ASP A . n 
A 1 20  TRP 20  148 148 TRP TRP A . n 
A 1 21  ILE 21  149 149 ILE ILE A . n 
A 1 22  ALA 22  150 150 ALA ALA A . n 
A 1 23  HIS 23  151 151 HIS HIS A . n 
A 1 24  GLY 24  152 152 GLY GLY A . n 
A 1 25  GLU 25  153 153 GLU GLU A . n 
A 1 26  ASN 26  154 154 ASN ASN A . n 
A 1 27  CYS 27  155 155 CYS CYS A . n 
A 1 28  TYR 28  156 156 TYR TYR A . n 
A 1 29  LEU 29  157 157 LEU LEU A . n 
A 1 30  PHE 30  158 158 PHE PHE A . n 
A 1 31  SER 31  159 159 SER SER A . n 
A 1 32  SER 32  160 160 SER SER A . n 
A 1 33  GLY 33  161 161 GLY GLY A . n 
A 1 34  SER 34  162 162 SER SER A . n 
A 1 35  PHE 35  163 163 PHE PHE A . n 
A 1 36  ASN 36  164 164 ASN ASN A . n 
A 1 37  TRP 37  165 165 TRP TRP A . n 
A 1 38  GLU 38  166 166 GLU GLU A . n 
A 1 39  LYS 39  167 167 LYS LYS A . n 
A 1 40  SER 40  168 168 SER SER A . n 
A 1 41  GLN 41  169 169 GLN GLN A . n 
A 1 42  GLU 42  170 170 GLU GLU A . n 
A 1 43  LYS 43  171 171 LYS LYS A . n 
A 1 44  CYS 44  172 172 CYS CYS A . n 
A 1 45  LEU 45  173 173 LEU LEU A . n 
A 1 46  SER 46  174 174 SER SER A . n 
A 1 47  LEU 47  175 175 LEU LEU A . n 
A 1 48  ASP 48  176 176 ASP ASP A . n 
A 1 49  ALA 49  177 177 ALA ALA A . n 
A 1 50  LYS 50  178 178 LYS LYS A . n 
A 1 51  LEU 51  179 179 LEU LEU A . n 
A 1 52  LEU 52  180 180 LEU LEU A . n 
A 1 53  LYS 53  181 181 LYS LYS A . n 
A 1 54  ILE 54  182 182 ILE ILE A . n 
A 1 55  ASN 55  183 183 ASN ASN A . n 
A 1 56  SER 56  184 184 SER SER A . n 
A 1 57  THR 57  185 185 THR THR A . n 
A 1 58  ALA 58  186 186 ALA ALA A . n 
A 1 59  ASP 59  187 187 ASP ASP A . n 
A 1 60  LEU 60  188 188 LEU LEU A . n 
A 1 61  ASP 61  189 189 ASP ASP A . n 
A 1 62  PHE 62  190 190 PHE PHE A . n 
A 1 63  ILE 63  191 191 ILE ILE A . n 
A 1 64  GLN 64  192 192 GLN GLN A . n 
A 1 65  GLN 65  193 193 GLN GLN A . n 
A 1 66  ALA 66  194 194 ALA ALA A . n 
A 1 67  ILE 67  195 195 ILE ILE A . n 
A 1 68  SER 68  196 196 SER SER A . n 
A 1 69  TYR 69  197 197 TYR TYR A . n 
A 1 70  SER 70  198 198 SER SER A . n 
A 1 71  SER 71  199 199 SER SER A . n 
A 1 72  PHE 72  200 200 PHE PHE A . n 
A 1 73  PRO 73  201 201 PRO PRO A . n 
A 1 74  PHE 74  202 202 PHE PHE A . n 
A 1 75  TRP 75  203 203 TRP TRP A . n 
A 1 76  MET 76  204 204 MET MET A . n 
A 1 77  GLY 77  205 205 GLY GLY A . n 
A 1 78  LEU 78  206 206 LEU LEU A . n 
A 1 79  SER 79  207 207 SER SER A . n 
A 1 80  ARG 80  208 208 ARG ARG A . n 
A 1 81  ARG 81  209 209 ARG ARG A . n 
A 1 82  ASN 82  210 210 ASN ASN A . n 
A 1 83  PRO 83  211 211 PRO PRO A . n 
A 1 84  SER 84  212 212 SER SER A . n 
A 1 85  TYR 85  213 213 TYR TYR A . n 
A 1 86  PRO 86  214 214 PRO PRO A . n 
A 1 87  TRP 87  215 215 TRP TRP A . n 
A 1 88  LEU 88  216 216 LEU LEU A . n 
A 1 89  TRP 89  217 217 TRP TRP A . n 
A 1 90  GLU 90  218 218 GLU GLU A . n 
A 1 91  ASP 91  219 219 ASP ASP A . n 
A 1 92  GLY 92  220 220 GLY GLY A . n 
A 1 93  SER 93  221 221 SER SER A . n 
A 1 94  PRO 94  222 222 PRO PRO A . n 
A 1 95  LEU 95  223 223 LEU LEU A . n 
A 1 96  MET 96  224 224 MET MET A . n 
A 1 97  PRO 97  225 225 PRO PRO A . n 
A 1 98  HIS 98  226 226 HIS HIS A . n 
A 1 99  LEU 99  227 227 LEU LEU A . n 
A 1 100 PHE 100 228 228 PHE PHE A . n 
A 1 101 ARG 101 229 229 ARG ARG A . n 
A 1 102 VAL 102 230 230 VAL VAL A . n 
A 1 103 ARG 103 231 231 ARG ARG A . n 
A 1 104 GLY 104 232 232 GLY GLY A . n 
A 1 105 ALA 105 233 233 ALA ALA A . n 
A 1 106 VAL 106 234 234 VAL VAL A . n 
A 1 107 SER 107 235 235 SER SER A . n 
A 1 108 GLN 108 236 236 GLN GLN A . n 
A 1 109 THR 109 237 237 THR THR A . n 
A 1 110 TYR 110 238 238 TYR TYR A . n 
A 1 111 PRO 111 239 239 PRO PRO A . n 
A 1 112 SER 112 240 240 SER SER A . n 
A 1 113 GLY 113 241 241 GLY GLY A . n 
A 1 114 THR 114 242 242 THR THR A . n 
A 1 115 CYS 115 243 243 CYS CYS A . n 
A 1 116 ALA 116 244 244 ALA ALA A . n 
A 1 117 TYR 117 245 245 TYR TYR A . n 
A 1 118 ILE 118 246 246 ILE ILE A . n 
A 1 119 GLN 119 247 247 GLN GLN A . n 
A 1 120 ARG 120 248 248 ARG ARG A . n 
A 1 121 GLY 121 249 249 GLY GLY A . n 
A 1 122 ALA 122 250 250 ALA ALA A . n 
A 1 123 VAL 123 251 251 VAL VAL A . n 
A 1 124 TYR 124 252 252 TYR TYR A . n 
A 1 125 ALA 125 253 253 ALA ALA A . n 
A 1 126 GLU 126 254 254 GLU GLU A . n 
A 1 127 ASN 127 255 255 ASN ASN A . n 
A 1 128 CYS 128 256 256 CYS CYS A . n 
A 1 129 ILE 129 257 257 ILE ILE A . n 
A 1 130 LEU 130 258 258 LEU LEU A . n 
A 1 131 ALA 131 259 259 ALA ALA A . n 
A 1 132 ALA 132 260 260 ALA ALA A . n 
A 1 133 PHE 133 261 261 PHE PHE A . n 
A 1 134 SER 134 262 262 SER SER A . n 
A 1 135 ILE 135 263 263 ILE ILE A . n 
A 1 136 CYS 136 264 264 CYS CYS A . n 
A 1 137 GLN 137 265 265 GLN GLN A . n 
A 1 138 LYS 138 266 266 LYS LYS A . n 
A 1 139 LYS 139 267 267 LYS LYS A . n 
A 1 140 ALA 140 268 268 ALA ALA A . n 
A 1 141 ASN 141 269 ?   ?   ?   A . n 
A 1 142 LEU 142 270 ?   ?   ?   A . n 
A 1 143 ARG 143 271 ?   ?   ?   A . n 
A 1 144 ALA 144 272 ?   ?   ?   A . n 
A 1 145 GLN 145 273 ?   ?   ?   A . n 
# 
loop_
_pdbx_nonpoly_scheme.asym_id 
_pdbx_nonpoly_scheme.entity_id 
_pdbx_nonpoly_scheme.mon_id 
_pdbx_nonpoly_scheme.ndb_seq_num 
_pdbx_nonpoly_scheme.pdb_seq_num 
_pdbx_nonpoly_scheme.auth_seq_num 
_pdbx_nonpoly_scheme.pdb_mon_id 
_pdbx_nonpoly_scheme.auth_mon_id 
_pdbx_nonpoly_scheme.pdb_strand_id 
_pdbx_nonpoly_scheme.pdb_ins_code 
B 2 HOH 1  1  1  HOH HOH A . 
B 2 HOH 2  2  2  HOH HOH A . 
B 2 HOH 3  3  3  HOH HOH A . 
B 2 HOH 4  4  4  HOH HOH A . 
B 2 HOH 5  5  5  HOH HOH A . 
B 2 HOH 6  6  6  HOH HOH A . 
B 2 HOH 7  7  7  HOH HOH A . 
B 2 HOH 8  8  8  HOH HOH A . 
B 2 HOH 9  9  9  HOH HOH A . 
B 2 HOH 10 10 10 HOH HOH A . 
B 2 HOH 11 11 11 HOH HOH A . 
B 2 HOH 12 12 12 HOH HOH A . 
B 2 HOH 13 13 13 HOH HOH A . 
B 2 HOH 14 14 14 HOH HOH A . 
B 2 HOH 15 15 15 HOH HOH A . 
B 2 HOH 16 16 16 HOH HOH A . 
B 2 HOH 17 17 17 HOH HOH A . 
B 2 HOH 18 18 18 HOH HOH A . 
B 2 HOH 19 19 19 HOH HOH A . 
B 2 HOH 20 20 20 HOH HOH A . 
B 2 HOH 21 21 21 HOH HOH A . 
B 2 HOH 22 22 22 HOH HOH A . 
B 2 HOH 23 23 23 HOH HOH A . 
B 2 HOH 24 24 24 HOH HOH A . 
B 2 HOH 25 25 25 HOH HOH A . 
B 2 HOH 26 26 26 HOH HOH A . 
B 2 HOH 27 27 27 HOH HOH A . 
B 2 HOH 28 28 28 HOH HOH A . 
B 2 HOH 29 29 29 HOH HOH A . 
B 2 HOH 30 30 30 HOH HOH A . 
B 2 HOH 31 31 31 HOH HOH A . 
B 2 HOH 32 32 32 HOH HOH A . 
B 2 HOH 33 33 33 HOH HOH A . 
B 2 HOH 34 34 34 HOH HOH A . 
B 2 HOH 35 35 35 HOH HOH A . 
B 2 HOH 36 36 36 HOH HOH A . 
B 2 HOH 37 37 37 HOH HOH A . 
B 2 HOH 38 38 38 HOH HOH A . 
B 2 HOH 39 39 39 HOH HOH A . 
B 2 HOH 40 40 40 HOH HOH A . 
B 2 HOH 41 41 41 HOH HOH A . 
B 2 HOH 42 42 42 HOH HOH A . 
B 2 HOH 43 43 43 HOH HOH A . 
B 2 HOH 44 44 44 HOH HOH A . 
B 2 HOH 45 45 45 HOH HOH A . 
B 2 HOH 46 46 46 HOH HOH A . 
B 2 HOH 47 47 47 HOH HOH A . 
B 2 HOH 48 48 48 HOH HOH A . 
B 2 HOH 49 49 49 HOH HOH A . 
B 2 HOH 50 50 50 HOH HOH A . 
B 2 HOH 51 51 51 HOH HOH A . 
B 2 HOH 52 52 52 HOH HOH A . 
B 2 HOH 53 53 53 HOH HOH A . 
B 2 HOH 54 54 54 HOH HOH A . 
B 2 HOH 55 55 55 HOH HOH A . 
B 2 HOH 56 56 56 HOH HOH A . 
B 2 HOH 57 57 57 HOH HOH A . 
B 2 HOH 58 58 58 HOH HOH A . 
B 2 HOH 59 59 59 HOH HOH A . 
B 2 HOH 60 60 60 HOH HOH A . 
B 2 HOH 61 61 61 HOH HOH A . 
B 2 HOH 62 62 62 HOH HOH A . 
B 2 HOH 63 63 63 HOH HOH A . 
B 2 HOH 64 64 64 HOH HOH A . 
B 2 HOH 65 65 65 HOH HOH A . 
B 2 HOH 66 66 66 HOH HOH A . 
B 2 HOH 67 67 67 HOH HOH A . 
B 2 HOH 68 68 68 HOH HOH A . 
B 2 HOH 69 69 69 HOH HOH A . 
B 2 HOH 70 70 70 HOH HOH A . 
B 2 HOH 71 71 71 HOH HOH A . 
B 2 HOH 72 72 72 HOH HOH A . 
B 2 HOH 73 73 73 HOH HOH A . 
B 2 HOH 74 74 74 HOH HOH A . 
B 2 HOH 75 75 75 HOH HOH A . 
B 2 HOH 76 76 76 HOH HOH A . 
B 2 HOH 77 77 77 HOH HOH A . 
B 2 HOH 78 78 78 HOH HOH A . 
B 2 HOH 79 79 79 HOH HOH A . 
B 2 HOH 80 80 80 HOH HOH A . 
# 
loop_
_software.name 
_software.classification 
_software.version 
_software.citation_id 
_software.pdbx_ordinal 
HKL-2000  'data collection' .        ? 1 
MOLREP    phasing           .        ? 2 
REFMAC    refinement        5.5.0109 ? 3 
HKL-2000  'data reduction'  .        ? 4 
SCALEPACK 'data scaling'    .        ? 5 
# 
_cell.entry_id           3VLG 
_cell.length_a           62.244 
_cell.length_b           62.244 
_cell.length_c           76.671 
_cell.angle_alpha        90.00 
_cell.angle_beta         90.00 
_cell.angle_gamma        90.00 
_cell.Z_PDB              8 
_cell.pdbx_unique_axis   ? 
_cell.length_a_esd       ? 
_cell.length_b_esd       ? 
_cell.length_c_esd       ? 
_cell.angle_alpha_esd    ? 
_cell.angle_beta_esd     ? 
_cell.angle_gamma_esd    ? 
# 
_symmetry.entry_id                         3VLG 
_symmetry.space_group_name_H-M             'P 41 21 2' 
_symmetry.pdbx_full_space_group_name_H-M   ? 
_symmetry.cell_setting                     ? 
_symmetry.Int_Tables_number                92 
_symmetry.space_group_name_Hall            ? 
# 
_exptl.entry_id          3VLG 
_exptl.method            'X-RAY DIFFRACTION' 
_exptl.crystals_number   1 
# 
_exptl_crystal.id                    1 
_exptl_crystal.density_meas          ? 
_exptl_crystal.density_Matthews      2.28 
_exptl_crystal.density_percent_sol   45.94 
_exptl_crystal.description           ? 
_exptl_crystal.F_000                 ? 
_exptl_crystal.preparation           ? 
# 
_exptl_crystal_grow.crystal_id      1 
_exptl_crystal_grow.method          'VAPOR DIFFUSION, SITTING DROP' 
_exptl_crystal_grow.temp            277 
_exptl_crystal_grow.temp_details    ? 
_exptl_crystal_grow.pH              5.0 
_exptl_crystal_grow.pdbx_details    
'20% PEG8000, 0.1M sodium citrate, 0.2M ammonium sulfate, pH 5.0, VAPOR DIFFUSION, SITTING DROP, temperature 277K' 
_exptl_crystal_grow.pdbx_pH_range   . 
# 
_diffrn.id                     1 
_diffrn.ambient_temp           95 
_diffrn.ambient_temp_details   ? 
_diffrn.crystal_id             1 
# 
_diffrn_detector.diffrn_id              1 
_diffrn_detector.detector               CCD 
_diffrn_detector.type                   'ADSC QUANTUM 315r' 
_diffrn_detector.pdbx_collection_date   2011-02-20 
_diffrn_detector.details                'Two dimensional focusing mirror' 
# 
_diffrn_radiation.diffrn_id                        1 
_diffrn_radiation.wavelength_id                    1 
_diffrn_radiation.pdbx_monochromatic_or_laue_m_l   M 
_diffrn_radiation.monochromator                    'Si(111) Double-crystal monochromator' 
_diffrn_radiation.pdbx_diffrn_protocol             'SINGLE WAVELENGTH' 
_diffrn_radiation.pdbx_scattering_type             x-ray 
# 
_diffrn_radiation_wavelength.id           1 
_diffrn_radiation_wavelength.wavelength   0.9 
_diffrn_radiation_wavelength.wt           1.0 
# 
_diffrn_source.diffrn_id                   1 
_diffrn_source.source                      SYNCHROTRON 
_diffrn_source.type                        'SPRING-8 BEAMLINE BL38B1' 
_diffrn_source.pdbx_synchrotron_site       SPring-8 
_diffrn_source.pdbx_synchrotron_beamline   BL38B1 
_diffrn_source.pdbx_wavelength             ? 
_diffrn_source.pdbx_wavelength_list        0.9 
# 
_reflns.entry_id                     3VLG 
_reflns.observed_criterion_sigma_I   0 
_reflns.observed_criterion_sigma_F   0 
_reflns.d_resolution_low             50 
_reflns.d_resolution_high            2.3 
_reflns.number_obs                   6945 
_reflns.number_all                   7135 
_reflns.percent_possible_obs         97.3 
_reflns.pdbx_Rmerge_I_obs            0.094 
_reflns.pdbx_Rsym_value              0.094 
_reflns.pdbx_netI_over_sigmaI        45.81 
_reflns.B_iso_Wilson_estimate        33.8 
_reflns.pdbx_redundancy              13.8 
_reflns.R_free_details               ? 
_reflns.limit_h_max                  ? 
_reflns.limit_h_min                  ? 
_reflns.limit_k_max                  ? 
_reflns.limit_k_min                  ? 
_reflns.limit_l_max                  ? 
_reflns.limit_l_min                  ? 
_reflns.observed_criterion_F_max     ? 
_reflns.observed_criterion_F_min     ? 
_reflns.pdbx_chi_squared             ? 
_reflns.pdbx_scaling_rejects         ? 
_reflns.pdbx_ordinal                 1 
_reflns.pdbx_diffrn_id               1 
# 
loop_
_reflns_shell.d_res_high 
_reflns_shell.d_res_low 
_reflns_shell.percent_possible_all 
_reflns_shell.Rmerge_I_obs 
_reflns_shell.pdbx_Rsym_value 
_reflns_shell.meanI_over_sigI_obs 
_reflns_shell.pdbx_redundancy 
_reflns_shell.percent_possible_obs 
_reflns_shell.number_unique_all 
_reflns_shell.number_measured_all 
_reflns_shell.number_measured_obs 
_reflns_shell.number_unique_obs 
_reflns_shell.pdbx_chi_squared 
_reflns_shell.pdbx_rejects 
_reflns_shell.pdbx_netI_over_sigmaI_obs 
_reflns_shell.number_possible 
_reflns_shell.Rmerge_F_all 
_reflns_shell.Rmerge_F_obs 
_reflns_shell.Rmerge_I_all 
_reflns_shell.meanI_over_sigI_all 
_reflns_shell.pdbx_Rrim_I_all 
_reflns_shell.pdbx_Rpim_I_all 
_reflns_shell.pdbx_ordinal 
_reflns_shell.pdbx_diffrn_id 
2.30 2.38  95.6 0.369 ? 10.9 14.2 ? 682 ? ? ? ? ? ? ? ? ? ? ? ? ? 1  1 
2.38 2.48  95.8 0.311 ? 13.1 14.2 ? 694 ? ? ? ? ? ? ? ? ? ? ? ? ? 2  1 
2.48 2.59  94.6 0.262 ? 15.2 14.1 ? 702 ? ? ? ? ? ? ? ? ? ? ? ? ? 3  1 
2.59 2.73  95.8 0.200 ? 20.1 14.2 ? 689 ? ? ? ? ? ? ? ? ? ? ? ? ? 4  1 
2.73 2.90  97.0 0.154 ? 26.6 14.1 ? 693 ? ? ? ? ? ? ? ? ? ? ? ? ? 5  1 
2.90 3.12  96.6 0.116 ? 34.1 13.9 ? 712 ? ? ? ? ? ? ? ? ? ? ? ? ? 6  1 
3.12 3.44  99.9 0.087 ? 45.9 13.9 ? 707 ? ? ? ? ? ? ? ? ? ? ? ? ? 7  1 
3.44 3.93  99.4 0.081 ? 61.4 13.7 ? 718 ? ? ? ? ? ? ? ? ? ? ? ? ? 8  1 
3.93 4.95  98.9 0.065 ? 78.1 13.2 ? 733 ? ? ? ? ? ? ? ? ? ? ? ? ? 9  1 
4.95 50.00 99.3 0.044 ? 77.4 12.2 ? 805 ? ? ? ? ? ? ? ? ? ? ? ? ? 10 1 
# 
_refine.entry_id                                 3VLG 
_refine.ls_number_reflns_obs                     6727 
_refine.ls_number_reflns_all                     ? 
_refine.pdbx_ls_sigma_I                          ? 
_refine.pdbx_ls_sigma_F                          ? 
_refine.pdbx_data_cutoff_high_absF               ? 
_refine.pdbx_data_cutoff_low_absF                ? 
_refine.pdbx_data_cutoff_high_rms_absF           ? 
_refine.ls_d_res_low                             38.17 
_refine.ls_d_res_high                            2.30 
_refine.ls_percent_reflns_obs                    99.44 
_refine.ls_R_factor_obs                          0.18240 
_refine.ls_R_factor_all                          ? 
_refine.ls_R_factor_R_work                       0.17924 
_refine.ls_R_factor_R_free                       0.24648 
_refine.ls_R_factor_R_free_error                 ? 
_refine.ls_R_factor_R_free_error_details         ? 
_refine.ls_percent_reflns_R_free                 4.7 
_refine.ls_number_reflns_R_free                  332 
_refine.ls_number_parameters                     ? 
_refine.ls_number_restraints                     ? 
_refine.occupancy_min                            ? 
_refine.occupancy_max                            ? 
_refine.correlation_coeff_Fo_to_Fc               0.948 
_refine.correlation_coeff_Fo_to_Fc_free          0.906 
_refine.B_iso_mean                               27.990 
_refine.aniso_B[1][1]                            0.06 
_refine.aniso_B[2][2]                            0.06 
_refine.aniso_B[3][3]                            -0.12 
_refine.aniso_B[1][2]                            0.00 
_refine.aniso_B[1][3]                            0.00 
_refine.aniso_B[2][3]                            0.00 
_refine.solvent_model_details                    MASK 
_refine.solvent_model_param_ksol                 ? 
_refine.solvent_model_param_bsol                 ? 
_refine.pdbx_solvent_vdw_probe_radii             1.40 
_refine.pdbx_solvent_ion_probe_radii             0.80 
_refine.pdbx_solvent_shrinkage_radii             0.80 
_refine.pdbx_ls_cross_valid_method               THROUGHOUT 
_refine.details                                  'HYDROGENS HAVE BEEN ADDED IN THE RIDING POSITIONS' 
_refine.pdbx_starting_model                      1YXK 
_refine.pdbx_method_to_determine_struct          'MOLECULAR REPLACEMENT' 
_refine.pdbx_isotropic_thermal_model             ? 
_refine.pdbx_stereochemistry_target_values       'MAXIMUM LIKELIHOOD' 
_refine.pdbx_stereochem_target_val_spec_case     ? 
_refine.pdbx_R_Free_selection_details            RANDOM 
_refine.pdbx_overall_ESU_R_Free                  0.232 
_refine.overall_SU_ML                            0.155 
_refine.pdbx_overall_phase_error                 ? 
_refine.overall_SU_B                             6.455 
_refine.overall_SU_R_Cruickshank_DPI             ? 
_refine.ls_redundancy_reflns_obs                 ? 
_refine.B_iso_min                                ? 
_refine.B_iso_max                                ? 
_refine.overall_SU_R_free                        ? 
_refine.pdbx_overall_ESU_R                       ? 
_refine.ls_wR_factor_R_free                      ? 
_refine.ls_wR_factor_R_work                      ? 
_refine.overall_FOM_free_R_set                   ? 
_refine.overall_FOM_work_R_set                   ? 
_refine.pdbx_diffrn_id                           1 
_refine.pdbx_refine_id                           'X-RAY DIFFRACTION' 
_refine.pdbx_TLS_residual_ADP_flag               ? 
_refine.pdbx_overall_SU_R_free_Cruickshank_DPI   ? 
_refine.pdbx_overall_SU_R_Blow_DPI               ? 
_refine.pdbx_overall_SU_R_free_Blow_DPI          ? 
# 
_refine_hist.pdbx_refine_id                   'X-RAY DIFFRACTION' 
_refine_hist.cycle_id                         LAST 
_refine_hist.pdbx_number_atoms_protein        1003 
_refine_hist.pdbx_number_atoms_nucleic_acid   0 
_refine_hist.pdbx_number_atoms_ligand         0 
_refine_hist.number_atoms_solvent             80 
_refine_hist.number_atoms_total               1083 
_refine_hist.d_res_high                       2.30 
_refine_hist.d_res_low                        38.17 
# 
loop_
_refine_ls_restr.type 
_refine_ls_restr.dev_ideal 
_refine_ls_restr.dev_ideal_target 
_refine_ls_restr.weight 
_refine_ls_restr.number 
_refine_ls_restr.pdbx_restraint_function 
_refine_ls_restr.pdbx_refine_id 
r_bond_refined_d             0.022  0.022  ? 1038 ? 'X-RAY DIFFRACTION' 
r_bond_other_d               ?      ?      ? ?    ? 'X-RAY DIFFRACTION' 
r_angle_refined_deg          1.815  1.930  ? 1411 ? 'X-RAY DIFFRACTION' 
r_angle_other_deg            ?      ?      ? ?    ? 'X-RAY DIFFRACTION' 
r_dihedral_angle_1_deg       7.801  5.000  ? 125  ? 'X-RAY DIFFRACTION' 
r_dihedral_angle_2_deg       35.468 23.617 ? 47   ? 'X-RAY DIFFRACTION' 
r_dihedral_angle_3_deg       19.337 15.000 ? 162  ? 'X-RAY DIFFRACTION' 
r_dihedral_angle_4_deg       10.040 15.000 ? 5    ? 'X-RAY DIFFRACTION' 
r_chiral_restr               0.139  0.200  ? 143  ? 'X-RAY DIFFRACTION' 
r_gen_planes_refined         0.009  0.021  ? 800  ? 'X-RAY DIFFRACTION' 
r_gen_planes_other           ?      ?      ? ?    ? 'X-RAY DIFFRACTION' 
r_nbd_refined                ?      ?      ? ?    ? 'X-RAY DIFFRACTION' 
r_nbd_other                  ?      ?      ? ?    ? 'X-RAY DIFFRACTION' 
r_nbtor_refined              ?      ?      ? ?    ? 'X-RAY DIFFRACTION' 
r_nbtor_other                ?      ?      ? ?    ? 'X-RAY DIFFRACTION' 
r_xyhbond_nbd_refined        ?      ?      ? ?    ? 'X-RAY DIFFRACTION' 
r_xyhbond_nbd_other          ?      ?      ? ?    ? 'X-RAY DIFFRACTION' 
r_metal_ion_refined          ?      ?      ? ?    ? 'X-RAY DIFFRACTION' 
r_metal_ion_other            ?      ?      ? ?    ? 'X-RAY DIFFRACTION' 
r_symmetry_vdw_refined       ?      ?      ? ?    ? 'X-RAY DIFFRACTION' 
r_symmetry_vdw_other         ?      ?      ? ?    ? 'X-RAY DIFFRACTION' 
r_symmetry_hbond_refined     ?      ?      ? ?    ? 'X-RAY DIFFRACTION' 
r_symmetry_hbond_other       ?      ?      ? ?    ? 'X-RAY DIFFRACTION' 
r_symmetry_metal_ion_refined ?      ?      ? ?    ? 'X-RAY DIFFRACTION' 
r_symmetry_metal_ion_other   ?      ?      ? ?    ? 'X-RAY DIFFRACTION' 
r_mcbond_it                  1.065  1.500  ? 630  ? 'X-RAY DIFFRACTION' 
r_mcbond_other               ?      ?      ? ?    ? 'X-RAY DIFFRACTION' 
r_mcangle_it                 2.063  2.000  ? 1009 ? 'X-RAY DIFFRACTION' 
r_scbond_it                  3.472  3.000  ? 408  ? 'X-RAY DIFFRACTION' 
r_scangle_it                 5.595  4.500  ? 402  ? 'X-RAY DIFFRACTION' 
r_rigid_bond_restr           ?      ?      ? ?    ? 'X-RAY DIFFRACTION' 
r_sphericity_free            ?      ?      ? ?    ? 'X-RAY DIFFRACTION' 
r_sphericity_bonded          ?      ?      ? ?    ? 'X-RAY DIFFRACTION' 
# 
_refine_ls_shell.pdbx_refine_id                   'X-RAY DIFFRACTION' 
_refine_ls_shell.pdbx_total_number_of_bins_used   20 
_refine_ls_shell.d_res_high                       2.303 
_refine_ls_shell.d_res_low                        2.362 
_refine_ls_shell.number_reflns_R_work             469 
_refine_ls_shell.R_factor_R_work                  0.157 
_refine_ls_shell.percent_reflns_obs               98.61 
_refine_ls_shell.R_factor_R_free                  0.281 
_refine_ls_shell.R_factor_R_free_error            ? 
_refine_ls_shell.percent_reflns_R_free            ? 
_refine_ls_shell.number_reflns_R_free             29 
_refine_ls_shell.number_reflns_all                ? 
_refine_ls_shell.R_factor_all                     ? 
_refine_ls_shell.number_reflns_obs                ? 
_refine_ls_shell.redundancy_reflns_obs            ? 
# 
_struct.entry_id                  3VLG 
_struct.title                     'Crystal structure of the W150A mutant LOX-1 CTLD showing impaired OxLDL binding' 
_struct.pdbx_model_details        ? 
_struct.pdbx_CASP_flag            ? 
_struct.pdbx_model_type_details   ? 
# 
_struct_keywords.entry_id        3VLG 
_struct_keywords.pdbx_keywords   'LIPID BINDING PROTEIN' 
_struct_keywords.text            'C-type lectin-like domain, oxidized LDL receptor, membrane protein, lipid binding protein' 
# 
loop_
_struct_asym.id 
_struct_asym.pdbx_blank_PDB_chainid_flag 
_struct_asym.pdbx_modified 
_struct_asym.entity_id 
_struct_asym.details 
A N N 1 ? 
B N N 2 ? 
# 
_struct_ref.id                         1 
_struct_ref.db_name                    UNP 
_struct_ref.db_code                    OLR1_HUMAN 
_struct_ref.pdbx_db_accession          P78380 
_struct_ref.entity_id                  1 
_struct_ref.pdbx_seq_one_letter_code   
;TLKRVANCSAPCPQDWIWHGENCYLFSSGSFNWEKSQEKCLSLDAKLLKINSTADLDFIQQAISYSSFPFWMGLSRRNPS
YPWLWEDGSPLMPHLFRVRGAVSQTYPSGTCAYIQRGAVYAENCILAAFSICQKKANLRAQ
;
_struct_ref.pdbx_align_begin           133 
_struct_ref.pdbx_db_isoform            ? 
# 
_struct_ref_seq.align_id                      1 
_struct_ref_seq.ref_id                        1 
_struct_ref_seq.pdbx_PDB_id_code              3VLG 
_struct_ref_seq.pdbx_strand_id                A 
_struct_ref_seq.seq_align_beg                 5 
_struct_ref_seq.pdbx_seq_align_beg_ins_code   ? 
_struct_ref_seq.seq_align_end                 145 
_struct_ref_seq.pdbx_seq_align_end_ins_code   ? 
_struct_ref_seq.pdbx_db_accession             P78380 
_struct_ref_seq.db_align_beg                  133 
_struct_ref_seq.pdbx_db_align_beg_ins_code    ? 
_struct_ref_seq.db_align_end                  273 
_struct_ref_seq.pdbx_db_align_end_ins_code    ? 
_struct_ref_seq.pdbx_auth_seq_align_beg       133 
_struct_ref_seq.pdbx_auth_seq_align_end       273 
# 
loop_
_struct_ref_seq_dif.align_id 
_struct_ref_seq_dif.pdbx_pdb_id_code 
_struct_ref_seq_dif.mon_id 
_struct_ref_seq_dif.pdbx_pdb_strand_id 
_struct_ref_seq_dif.seq_num 
_struct_ref_seq_dif.pdbx_pdb_ins_code 
_struct_ref_seq_dif.pdbx_seq_db_name 
_struct_ref_seq_dif.pdbx_seq_db_accession_code 
_struct_ref_seq_dif.db_mon_id 
_struct_ref_seq_dif.pdbx_seq_db_seq_num 
_struct_ref_seq_dif.details 
_struct_ref_seq_dif.pdbx_auth_seq_num 
_struct_ref_seq_dif.pdbx_ordinal 
1 3VLG GLY A 1  ? UNP P78380 ?   ?   'expression tag'      129 1 
1 3VLG PRO A 2  ? UNP P78380 ?   ?   'expression tag'      130 2 
1 3VLG HIS A 3  ? UNP P78380 ?   ?   'expression tag'      131 3 
1 3VLG MET A 4  ? UNP P78380 ?   ?   'expression tag'      132 4 
1 3VLG ALA A 22 ? UNP P78380 TRP 150 'engineered mutation' 150 5 
# 
_pdbx_struct_assembly.id                   1 
_pdbx_struct_assembly.details              author_and_software_defined_assembly 
_pdbx_struct_assembly.method_details       PISA 
_pdbx_struct_assembly.oligomeric_details   monomeric 
_pdbx_struct_assembly.oligomeric_count     1 
# 
_pdbx_struct_assembly_gen.assembly_id       1 
_pdbx_struct_assembly_gen.oper_expression   1 
_pdbx_struct_assembly_gen.asym_id_list      A,B 
# 
_pdbx_struct_oper_list.id                   1 
_pdbx_struct_oper_list.type                 'identity operation' 
_pdbx_struct_oper_list.name                 1_555 
_pdbx_struct_oper_list.symmetry_operation   x,y,z 
_pdbx_struct_oper_list.matrix[1][1]         1.0000000000 
_pdbx_struct_oper_list.matrix[1][2]         0.0000000000 
_pdbx_struct_oper_list.matrix[1][3]         0.0000000000 
_pdbx_struct_oper_list.vector[1]            0.0000000000 
_pdbx_struct_oper_list.matrix[2][1]         0.0000000000 
_pdbx_struct_oper_list.matrix[2][2]         1.0000000000 
_pdbx_struct_oper_list.matrix[2][3]         0.0000000000 
_pdbx_struct_oper_list.vector[2]            0.0000000000 
_pdbx_struct_oper_list.matrix[3][1]         0.0000000000 
_pdbx_struct_oper_list.matrix[3][2]         0.0000000000 
_pdbx_struct_oper_list.matrix[3][3]         1.0000000000 
_pdbx_struct_oper_list.vector[3]            0.0000000000 
# 
_struct_biol.id        1 
_struct_biol.details   ? 
# 
loop_
_struct_conf.conf_type_id 
_struct_conf.id 
_struct_conf.pdbx_PDB_helix_id 
_struct_conf.beg_label_comp_id 
_struct_conf.beg_label_asym_id 
_struct_conf.beg_label_seq_id 
_struct_conf.pdbx_beg_PDB_ins_code 
_struct_conf.end_label_comp_id 
_struct_conf.end_label_asym_id 
_struct_conf.end_label_seq_id 
_struct_conf.pdbx_end_PDB_ins_code 
_struct_conf.beg_auth_comp_id 
_struct_conf.beg_auth_asym_id 
_struct_conf.beg_auth_seq_id 
_struct_conf.end_auth_comp_id 
_struct_conf.end_auth_asym_id 
_struct_conf.end_auth_seq_id 
_struct_conf.pdbx_PDB_helix_class 
_struct_conf.details 
_struct_conf.pdbx_PDB_helix_length 
HELX_P HELX_P1 1 ASN A 36 ? LEU A 47 ? ASN A 164 LEU A 175 1 ? 12 
HELX_P HELX_P2 2 SER A 56 ? ILE A 67 ? SER A 184 ILE A 195 1 ? 12 
# 
_struct_conf_type.id          HELX_P 
_struct_conf_type.criteria    ? 
_struct_conf_type.reference   ? 
# 
loop_
_struct_conn.id 
_struct_conn.conn_type_id 
_struct_conn.pdbx_leaving_atom_flag 
_struct_conn.pdbx_PDB_id 
_struct_conn.ptnr1_label_asym_id 
_struct_conn.ptnr1_label_comp_id 
_struct_conn.ptnr1_label_seq_id 
_struct_conn.ptnr1_label_atom_id 
_struct_conn.pdbx_ptnr1_label_alt_id 
_struct_conn.pdbx_ptnr1_PDB_ins_code 
_struct_conn.pdbx_ptnr1_standard_comp_id 
_struct_conn.ptnr1_symmetry 
_struct_conn.ptnr2_label_asym_id 
_struct_conn.ptnr2_label_comp_id 
_struct_conn.ptnr2_label_seq_id 
_struct_conn.ptnr2_label_atom_id 
_struct_conn.pdbx_ptnr2_label_alt_id 
_struct_conn.pdbx_ptnr2_PDB_ins_code 
_struct_conn.ptnr1_auth_asym_id 
_struct_conn.ptnr1_auth_comp_id 
_struct_conn.ptnr1_auth_seq_id 
_struct_conn.ptnr2_auth_asym_id 
_struct_conn.ptnr2_auth_comp_id 
_struct_conn.ptnr2_auth_seq_id 
_struct_conn.ptnr2_symmetry 
_struct_conn.pdbx_ptnr3_label_atom_id 
_struct_conn.pdbx_ptnr3_label_seq_id 
_struct_conn.pdbx_ptnr3_label_comp_id 
_struct_conn.pdbx_ptnr3_label_asym_id 
_struct_conn.pdbx_ptnr3_label_alt_id 
_struct_conn.pdbx_ptnr3_PDB_ins_code 
_struct_conn.details 
_struct_conn.pdbx_dist_value 
_struct_conn.pdbx_value_order 
_struct_conn.pdbx_role 
disulf1 disulf ? ? A CYS 16  SG ? ? ? 1_555 A CYS 27  SG ? ? A CYS 144 A CYS 155 1_555 ? ? ? ? ? ? ? 2.084 ? ? 
disulf2 disulf ? ? A CYS 44  SG ? ? ? 1_555 A CYS 136 SG ? ? A CYS 172 A CYS 264 1_555 ? ? ? ? ? ? ? 2.078 ? ? 
disulf3 disulf ? ? A CYS 115 SG ? ? ? 1_555 A CYS 128 SG ? ? A CYS 243 A CYS 256 1_555 ? ? ? ? ? ? ? 2.030 ? ? 
# 
_struct_conn_type.id          disulf 
_struct_conn_type.criteria    ? 
_struct_conn_type.reference   ? 
# 
loop_
_pdbx_modification_feature.ordinal 
_pdbx_modification_feature.label_comp_id 
_pdbx_modification_feature.label_asym_id 
_pdbx_modification_feature.label_seq_id 
_pdbx_modification_feature.label_alt_id 
_pdbx_modification_feature.modified_residue_label_comp_id 
_pdbx_modification_feature.modified_residue_label_asym_id 
_pdbx_modification_feature.modified_residue_label_seq_id 
_pdbx_modification_feature.modified_residue_label_alt_id 
_pdbx_modification_feature.auth_comp_id 
_pdbx_modification_feature.auth_asym_id 
_pdbx_modification_feature.auth_seq_id 
_pdbx_modification_feature.PDB_ins_code 
_pdbx_modification_feature.symmetry 
_pdbx_modification_feature.modified_residue_auth_comp_id 
_pdbx_modification_feature.modified_residue_auth_asym_id 
_pdbx_modification_feature.modified_residue_auth_seq_id 
_pdbx_modification_feature.modified_residue_PDB_ins_code 
_pdbx_modification_feature.modified_residue_symmetry 
_pdbx_modification_feature.comp_id_linking_atom 
_pdbx_modification_feature.modified_residue_id_linking_atom 
_pdbx_modification_feature.modified_residue_id 
_pdbx_modification_feature.ref_pcm_id 
_pdbx_modification_feature.ref_comp_id 
_pdbx_modification_feature.type 
_pdbx_modification_feature.category 
1 CYS A 16  ? CYS A 27  ? CYS A 144 ? 1_555 CYS A 155 ? 1_555 SG SG . . . None 'Disulfide bridge' 
2 CYS A 44  ? CYS A 136 ? CYS A 172 ? 1_555 CYS A 264 ? 1_555 SG SG . . . None 'Disulfide bridge' 
3 CYS A 115 ? CYS A 128 ? CYS A 243 ? 1_555 CYS A 256 ? 1_555 SG SG . . . None 'Disulfide bridge' 
# 
loop_
_struct_sheet.id 
_struct_sheet.type 
_struct_sheet.number_strands 
_struct_sheet.details 
A ? 5 ? 
B ? 6 ? 
# 
loop_
_struct_sheet_order.sheet_id 
_struct_sheet_order.range_id_1 
_struct_sheet_order.range_id_2 
_struct_sheet_order.offset 
_struct_sheet_order.sense 
A 1 2 ? anti-parallel 
A 2 3 ? anti-parallel 
A 3 4 ? parallel      
A 4 5 ? anti-parallel 
B 1 2 ? anti-parallel 
B 2 3 ? parallel      
B 3 4 ? anti-parallel 
B 4 5 ? anti-parallel 
B 5 6 ? parallel      
# 
loop_
_struct_sheet_range.sheet_id 
_struct_sheet_range.id 
_struct_sheet_range.beg_label_comp_id 
_struct_sheet_range.beg_label_asym_id 
_struct_sheet_range.beg_label_seq_id 
_struct_sheet_range.pdbx_beg_PDB_ins_code 
_struct_sheet_range.end_label_comp_id 
_struct_sheet_range.end_label_asym_id 
_struct_sheet_range.end_label_seq_id 
_struct_sheet_range.pdbx_end_PDB_ins_code 
_struct_sheet_range.beg_auth_comp_id 
_struct_sheet_range.beg_auth_asym_id 
_struct_sheet_range.beg_auth_seq_id 
_struct_sheet_range.end_auth_comp_id 
_struct_sheet_range.end_auth_asym_id 
_struct_sheet_range.end_auth_seq_id 
A 1 ILE A 21  ? HIS A 23  ? ILE A 149 HIS A 151 
A 2 ASN A 26  ? PHE A 30  ? ASN A 154 PHE A 158 
A 3 PHE A 133 ? LYS A 139 ? PHE A 261 LYS A 267 
A 4 PHE A 74  ? ARG A 80  ? PHE A 202 ARG A 208 
A 5 LEU A 88  ? TRP A 89  ? LEU A 216 TRP A 217 
B 1 LYS A 50  ? LEU A 51  ? LYS A 178 LEU A 179 
B 2 PHE A 133 ? LYS A 139 ? PHE A 261 LYS A 267 
B 3 PHE A 74  ? ARG A 80  ? PHE A 202 ARG A 208 
B 4 THR A 114 ? GLN A 119 ? THR A 242 GLN A 247 
B 5 ALA A 122 ? ASN A 127 ? ALA A 250 ASN A 255 
B 6 VAL A 102 ? GLY A 104 ? VAL A 230 GLY A 232 
# 
loop_
_pdbx_struct_sheet_hbond.sheet_id 
_pdbx_struct_sheet_hbond.range_id_1 
_pdbx_struct_sheet_hbond.range_id_2 
_pdbx_struct_sheet_hbond.range_1_label_atom_id 
_pdbx_struct_sheet_hbond.range_1_label_comp_id 
_pdbx_struct_sheet_hbond.range_1_label_asym_id 
_pdbx_struct_sheet_hbond.range_1_label_seq_id 
_pdbx_struct_sheet_hbond.range_1_PDB_ins_code 
_pdbx_struct_sheet_hbond.range_1_auth_atom_id 
_pdbx_struct_sheet_hbond.range_1_auth_comp_id 
_pdbx_struct_sheet_hbond.range_1_auth_asym_id 
_pdbx_struct_sheet_hbond.range_1_auth_seq_id 
_pdbx_struct_sheet_hbond.range_2_label_atom_id 
_pdbx_struct_sheet_hbond.range_2_label_comp_id 
_pdbx_struct_sheet_hbond.range_2_label_asym_id 
_pdbx_struct_sheet_hbond.range_2_label_seq_id 
_pdbx_struct_sheet_hbond.range_2_PDB_ins_code 
_pdbx_struct_sheet_hbond.range_2_auth_atom_id 
_pdbx_struct_sheet_hbond.range_2_auth_comp_id 
_pdbx_struct_sheet_hbond.range_2_auth_asym_id 
_pdbx_struct_sheet_hbond.range_2_auth_seq_id 
A 1 2 N ILE A 21  ? N ILE A 149 O TYR A 28  ? O TYR A 156 
A 2 3 N CYS A 27  ? N CYS A 155 O LYS A 138 ? O LYS A 266 
A 3 4 O PHE A 133 ? O PHE A 261 N TRP A 75  ? N TRP A 203 
A 4 5 N SER A 79  ? N SER A 207 O LEU A 88  ? O LEU A 216 
B 1 2 N LYS A 50  ? N LYS A 178 O GLN A 137 ? O GLN A 265 
B 2 3 O PHE A 133 ? O PHE A 261 N TRP A 75  ? N TRP A 203 
B 3 4 N ARG A 80  ? N ARG A 208 O THR A 114 ? O THR A 242 
B 4 5 N CYS A 115 ? N CYS A 243 O GLU A 126 ? O GLU A 254 
B 5 6 O VAL A 123 ? O VAL A 251 N ARG A 103 ? N ARG A 231 
# 
_pdbx_entry_details.entry_id                   3VLG 
_pdbx_entry_details.compound_details           ? 
_pdbx_entry_details.source_details             ? 
_pdbx_entry_details.nonpolymer_details         ? 
_pdbx_entry_details.sequence_details           ? 
_pdbx_entry_details.has_ligand_of_interest     ? 
_pdbx_entry_details.has_protein_modification   Y 
# 
loop_
_pdbx_validate_torsion.id 
_pdbx_validate_torsion.PDB_model_num 
_pdbx_validate_torsion.auth_comp_id 
_pdbx_validate_torsion.auth_asym_id 
_pdbx_validate_torsion.auth_seq_id 
_pdbx_validate_torsion.PDB_ins_code 
_pdbx_validate_torsion.label_alt_id 
_pdbx_validate_torsion.phi 
_pdbx_validate_torsion.psi 
1 1 PRO A 145 ? ? -45.37  179.76 
2 1 LEU A 227 ? ? -101.62 -60.18 
# 
loop_
_pdbx_unobs_or_zero_occ_residues.id 
_pdbx_unobs_or_zero_occ_residues.PDB_model_num 
_pdbx_unobs_or_zero_occ_residues.polymer_flag 
_pdbx_unobs_or_zero_occ_residues.occupancy_flag 
_pdbx_unobs_or_zero_occ_residues.auth_asym_id 
_pdbx_unobs_or_zero_occ_residues.auth_comp_id 
_pdbx_unobs_or_zero_occ_residues.auth_seq_id 
_pdbx_unobs_or_zero_occ_residues.PDB_ins_code 
_pdbx_unobs_or_zero_occ_residues.label_asym_id 
_pdbx_unobs_or_zero_occ_residues.label_comp_id 
_pdbx_unobs_or_zero_occ_residues.label_seq_id 
1  1 Y 1 A GLY 129 ? A GLY 1   
2  1 Y 1 A PRO 130 ? A PRO 2   
3  1 Y 1 A HIS 131 ? A HIS 3   
4  1 Y 1 A MET 132 ? A MET 4   
5  1 Y 1 A THR 133 ? A THR 5   
6  1 Y 1 A LEU 134 ? A LEU 6   
7  1 Y 1 A LYS 135 ? A LYS 7   
8  1 Y 1 A ARG 136 ? A ARG 8   
9  1 Y 1 A VAL 137 ? A VAL 9   
10 1 Y 1 A ALA 138 ? A ALA 10  
11 1 Y 1 A ASN 139 ? A ASN 11  
12 1 Y 1 A CYS 140 ? A CYS 12  
13 1 Y 1 A SER 141 ? A SER 13  
14 1 Y 1 A ALA 142 ? A ALA 14  
15 1 Y 1 A ASN 269 ? A ASN 141 
16 1 Y 1 A LEU 270 ? A LEU 142 
17 1 Y 1 A ARG 271 ? A ARG 143 
18 1 Y 1 A ALA 272 ? A ALA 144 
19 1 Y 1 A GLN 273 ? A GLN 145 
# 
loop_
_chem_comp_atom.comp_id 
_chem_comp_atom.atom_id 
_chem_comp_atom.type_symbol 
_chem_comp_atom.pdbx_aromatic_flag 
_chem_comp_atom.pdbx_stereo_config 
_chem_comp_atom.pdbx_ordinal 
ALA N    N N N 1   
ALA CA   C N S 2   
ALA C    C N N 3   
ALA O    O N N 4   
ALA CB   C N N 5   
ALA OXT  O N N 6   
ALA H    H N N 7   
ALA H2   H N N 8   
ALA HA   H N N 9   
ALA HB1  H N N 10  
ALA HB2  H N N 11  
ALA HB3  H N N 12  
ALA HXT  H N N 13  
ARG N    N N N 14  
ARG CA   C N S 15  
ARG C    C N N 16  
ARG O    O N N 17  
ARG CB   C N N 18  
ARG CG   C N N 19  
ARG CD   C N N 20  
ARG NE   N N N 21  
ARG CZ   C N N 22  
ARG NH1  N N N 23  
ARG NH2  N N N 24  
ARG OXT  O N N 25  
ARG H    H N N 26  
ARG H2   H N N 27  
ARG HA   H N N 28  
ARG HB2  H N N 29  
ARG HB3  H N N 30  
ARG HG2  H N N 31  
ARG HG3  H N N 32  
ARG HD2  H N N 33  
ARG HD3  H N N 34  
ARG HE   H N N 35  
ARG HH11 H N N 36  
ARG HH12 H N N 37  
ARG HH21 H N N 38  
ARG HH22 H N N 39  
ARG HXT  H N N 40  
ASN N    N N N 41  
ASN CA   C N S 42  
ASN C    C N N 43  
ASN O    O N N 44  
ASN CB   C N N 45  
ASN CG   C N N 46  
ASN OD1  O N N 47  
ASN ND2  N N N 48  
ASN OXT  O N N 49  
ASN H    H N N 50  
ASN H2   H N N 51  
ASN HA   H N N 52  
ASN HB2  H N N 53  
ASN HB3  H N N 54  
ASN HD21 H N N 55  
ASN HD22 H N N 56  
ASN HXT  H N N 57  
ASP N    N N N 58  
ASP CA   C N S 59  
ASP C    C N N 60  
ASP O    O N N 61  
ASP CB   C N N 62  
ASP CG   C N N 63  
ASP OD1  O N N 64  
ASP OD2  O N N 65  
ASP OXT  O N N 66  
ASP H    H N N 67  
ASP H2   H N N 68  
ASP HA   H N N 69  
ASP HB2  H N N 70  
ASP HB3  H N N 71  
ASP HD2  H N N 72  
ASP HXT  H N N 73  
CYS N    N N N 74  
CYS CA   C N R 75  
CYS C    C N N 76  
CYS O    O N N 77  
CYS CB   C N N 78  
CYS SG   S N N 79  
CYS OXT  O N N 80  
CYS H    H N N 81  
CYS H2   H N N 82  
CYS HA   H N N 83  
CYS HB2  H N N 84  
CYS HB3  H N N 85  
CYS HG   H N N 86  
CYS HXT  H N N 87  
GLN N    N N N 88  
GLN CA   C N S 89  
GLN C    C N N 90  
GLN O    O N N 91  
GLN CB   C N N 92  
GLN CG   C N N 93  
GLN CD   C N N 94  
GLN OE1  O N N 95  
GLN NE2  N N N 96  
GLN OXT  O N N 97  
GLN H    H N N 98  
GLN H2   H N N 99  
GLN HA   H N N 100 
GLN HB2  H N N 101 
GLN HB3  H N N 102 
GLN HG2  H N N 103 
GLN HG3  H N N 104 
GLN HE21 H N N 105 
GLN HE22 H N N 106 
GLN HXT  H N N 107 
GLU N    N N N 108 
GLU CA   C N S 109 
GLU C    C N N 110 
GLU O    O N N 111 
GLU CB   C N N 112 
GLU CG   C N N 113 
GLU CD   C N N 114 
GLU OE1  O N N 115 
GLU OE2  O N N 116 
GLU OXT  O N N 117 
GLU H    H N N 118 
GLU H2   H N N 119 
GLU HA   H N N 120 
GLU HB2  H N N 121 
GLU HB3  H N N 122 
GLU HG2  H N N 123 
GLU HG3  H N N 124 
GLU HE2  H N N 125 
GLU HXT  H N N 126 
GLY N    N N N 127 
GLY CA   C N N 128 
GLY C    C N N 129 
GLY O    O N N 130 
GLY OXT  O N N 131 
GLY H    H N N 132 
GLY H2   H N N 133 
GLY HA2  H N N 134 
GLY HA3  H N N 135 
GLY HXT  H N N 136 
HIS N    N N N 137 
HIS CA   C N S 138 
HIS C    C N N 139 
HIS O    O N N 140 
HIS CB   C N N 141 
HIS CG   C Y N 142 
HIS ND1  N Y N 143 
HIS CD2  C Y N 144 
HIS CE1  C Y N 145 
HIS NE2  N Y N 146 
HIS OXT  O N N 147 
HIS H    H N N 148 
HIS H2   H N N 149 
HIS HA   H N N 150 
HIS HB2  H N N 151 
HIS HB3  H N N 152 
HIS HD1  H N N 153 
HIS HD2  H N N 154 
HIS HE1  H N N 155 
HIS HE2  H N N 156 
HIS HXT  H N N 157 
HOH O    O N N 158 
HOH H1   H N N 159 
HOH H2   H N N 160 
ILE N    N N N 161 
ILE CA   C N S 162 
ILE C    C N N 163 
ILE O    O N N 164 
ILE CB   C N S 165 
ILE CG1  C N N 166 
ILE CG2  C N N 167 
ILE CD1  C N N 168 
ILE OXT  O N N 169 
ILE H    H N N 170 
ILE H2   H N N 171 
ILE HA   H N N 172 
ILE HB   H N N 173 
ILE HG12 H N N 174 
ILE HG13 H N N 175 
ILE HG21 H N N 176 
ILE HG22 H N N 177 
ILE HG23 H N N 178 
ILE HD11 H N N 179 
ILE HD12 H N N 180 
ILE HD13 H N N 181 
ILE HXT  H N N 182 
LEU N    N N N 183 
LEU CA   C N S 184 
LEU C    C N N 185 
LEU O    O N N 186 
LEU CB   C N N 187 
LEU CG   C N N 188 
LEU CD1  C N N 189 
LEU CD2  C N N 190 
LEU OXT  O N N 191 
LEU H    H N N 192 
LEU H2   H N N 193 
LEU HA   H N N 194 
LEU HB2  H N N 195 
LEU HB3  H N N 196 
LEU HG   H N N 197 
LEU HD11 H N N 198 
LEU HD12 H N N 199 
LEU HD13 H N N 200 
LEU HD21 H N N 201 
LEU HD22 H N N 202 
LEU HD23 H N N 203 
LEU HXT  H N N 204 
LYS N    N N N 205 
LYS CA   C N S 206 
LYS C    C N N 207 
LYS O    O N N 208 
LYS CB   C N N 209 
LYS CG   C N N 210 
LYS CD   C N N 211 
LYS CE   C N N 212 
LYS NZ   N N N 213 
LYS OXT  O N N 214 
LYS H    H N N 215 
LYS H2   H N N 216 
LYS HA   H N N 217 
LYS HB2  H N N 218 
LYS HB3  H N N 219 
LYS HG2  H N N 220 
LYS HG3  H N N 221 
LYS HD2  H N N 222 
LYS HD3  H N N 223 
LYS HE2  H N N 224 
LYS HE3  H N N 225 
LYS HZ1  H N N 226 
LYS HZ2  H N N 227 
LYS HZ3  H N N 228 
LYS HXT  H N N 229 
MET N    N N N 230 
MET CA   C N S 231 
MET C    C N N 232 
MET O    O N N 233 
MET CB   C N N 234 
MET CG   C N N 235 
MET SD   S N N 236 
MET CE   C N N 237 
MET OXT  O N N 238 
MET H    H N N 239 
MET H2   H N N 240 
MET HA   H N N 241 
MET HB2  H N N 242 
MET HB3  H N N 243 
MET HG2  H N N 244 
MET HG3  H N N 245 
MET HE1  H N N 246 
MET HE2  H N N 247 
MET HE3  H N N 248 
MET HXT  H N N 249 
PHE N    N N N 250 
PHE CA   C N S 251 
PHE C    C N N 252 
PHE O    O N N 253 
PHE CB   C N N 254 
PHE CG   C Y N 255 
PHE CD1  C Y N 256 
PHE CD2  C Y N 257 
PHE CE1  C Y N 258 
PHE CE2  C Y N 259 
PHE CZ   C Y N 260 
PHE OXT  O N N 261 
PHE H    H N N 262 
PHE H2   H N N 263 
PHE HA   H N N 264 
PHE HB2  H N N 265 
PHE HB3  H N N 266 
PHE HD1  H N N 267 
PHE HD2  H N N 268 
PHE HE1  H N N 269 
PHE HE2  H N N 270 
PHE HZ   H N N 271 
PHE HXT  H N N 272 
PRO N    N N N 273 
PRO CA   C N S 274 
PRO C    C N N 275 
PRO O    O N N 276 
PRO CB   C N N 277 
PRO CG   C N N 278 
PRO CD   C N N 279 
PRO OXT  O N N 280 
PRO H    H N N 281 
PRO HA   H N N 282 
PRO HB2  H N N 283 
PRO HB3  H N N 284 
PRO HG2  H N N 285 
PRO HG3  H N N 286 
PRO HD2  H N N 287 
PRO HD3  H N N 288 
PRO HXT  H N N 289 
SER N    N N N 290 
SER CA   C N S 291 
SER C    C N N 292 
SER O    O N N 293 
SER CB   C N N 294 
SER OG   O N N 295 
SER OXT  O N N 296 
SER H    H N N 297 
SER H2   H N N 298 
SER HA   H N N 299 
SER HB2  H N N 300 
SER HB3  H N N 301 
SER HG   H N N 302 
SER HXT  H N N 303 
THR N    N N N 304 
THR CA   C N S 305 
THR C    C N N 306 
THR O    O N N 307 
THR CB   C N R 308 
THR OG1  O N N 309 
THR CG2  C N N 310 
THR OXT  O N N 311 
THR H    H N N 312 
THR H2   H N N 313 
THR HA   H N N 314 
THR HB   H N N 315 
THR HG1  H N N 316 
THR HG21 H N N 317 
THR HG22 H N N 318 
THR HG23 H N N 319 
THR HXT  H N N 320 
TRP N    N N N 321 
TRP CA   C N S 322 
TRP C    C N N 323 
TRP O    O N N 324 
TRP CB   C N N 325 
TRP CG   C Y N 326 
TRP CD1  C Y N 327 
TRP CD2  C Y N 328 
TRP NE1  N Y N 329 
TRP CE2  C Y N 330 
TRP CE3  C Y N 331 
TRP CZ2  C Y N 332 
TRP CZ3  C Y N 333 
TRP CH2  C Y N 334 
TRP OXT  O N N 335 
TRP H    H N N 336 
TRP H2   H N N 337 
TRP HA   H N N 338 
TRP HB2  H N N 339 
TRP HB3  H N N 340 
TRP HD1  H N N 341 
TRP HE1  H N N 342 
TRP HE3  H N N 343 
TRP HZ2  H N N 344 
TRP HZ3  H N N 345 
TRP HH2  H N N 346 
TRP HXT  H N N 347 
TYR N    N N N 348 
TYR CA   C N S 349 
TYR C    C N N 350 
TYR O    O N N 351 
TYR CB   C N N 352 
TYR CG   C Y N 353 
TYR CD1  C Y N 354 
TYR CD2  C Y N 355 
TYR CE1  C Y N 356 
TYR CE2  C Y N 357 
TYR CZ   C Y N 358 
TYR OH   O N N 359 
TYR OXT  O N N 360 
TYR H    H N N 361 
TYR H2   H N N 362 
TYR HA   H N N 363 
TYR HB2  H N N 364 
TYR HB3  H N N 365 
TYR HD1  H N N 366 
TYR HD2  H N N 367 
TYR HE1  H N N 368 
TYR HE2  H N N 369 
TYR HH   H N N 370 
TYR HXT  H N N 371 
VAL N    N N N 372 
VAL CA   C N S 373 
VAL C    C N N 374 
VAL O    O N N 375 
VAL CB   C N N 376 
VAL CG1  C N N 377 
VAL CG2  C N N 378 
VAL OXT  O N N 379 
VAL H    H N N 380 
VAL H2   H N N 381 
VAL HA   H N N 382 
VAL HB   H N N 383 
VAL HG11 H N N 384 
VAL HG12 H N N 385 
VAL HG13 H N N 386 
VAL HG21 H N N 387 
VAL HG22 H N N 388 
VAL HG23 H N N 389 
VAL HXT  H N N 390 
# 
loop_
_chem_comp_bond.comp_id 
_chem_comp_bond.atom_id_1 
_chem_comp_bond.atom_id_2 
_chem_comp_bond.value_order 
_chem_comp_bond.pdbx_aromatic_flag 
_chem_comp_bond.pdbx_stereo_config 
_chem_comp_bond.pdbx_ordinal 
ALA N   CA   sing N N 1   
ALA N   H    sing N N 2   
ALA N   H2   sing N N 3   
ALA CA  C    sing N N 4   
ALA CA  CB   sing N N 5   
ALA CA  HA   sing N N 6   
ALA C   O    doub N N 7   
ALA C   OXT  sing N N 8   
ALA CB  HB1  sing N N 9   
ALA CB  HB2  sing N N 10  
ALA CB  HB3  sing N N 11  
ALA OXT HXT  sing N N 12  
ARG N   CA   sing N N 13  
ARG N   H    sing N N 14  
ARG N   H2   sing N N 15  
ARG CA  C    sing N N 16  
ARG CA  CB   sing N N 17  
ARG CA  HA   sing N N 18  
ARG C   O    doub N N 19  
ARG C   OXT  sing N N 20  
ARG CB  CG   sing N N 21  
ARG CB  HB2  sing N N 22  
ARG CB  HB3  sing N N 23  
ARG CG  CD   sing N N 24  
ARG CG  HG2  sing N N 25  
ARG CG  HG3  sing N N 26  
ARG CD  NE   sing N N 27  
ARG CD  HD2  sing N N 28  
ARG CD  HD3  sing N N 29  
ARG NE  CZ   sing N N 30  
ARG NE  HE   sing N N 31  
ARG CZ  NH1  sing N N 32  
ARG CZ  NH2  doub N N 33  
ARG NH1 HH11 sing N N 34  
ARG NH1 HH12 sing N N 35  
ARG NH2 HH21 sing N N 36  
ARG NH2 HH22 sing N N 37  
ARG OXT HXT  sing N N 38  
ASN N   CA   sing N N 39  
ASN N   H    sing N N 40  
ASN N   H2   sing N N 41  
ASN CA  C    sing N N 42  
ASN CA  CB   sing N N 43  
ASN CA  HA   sing N N 44  
ASN C   O    doub N N 45  
ASN C   OXT  sing N N 46  
ASN CB  CG   sing N N 47  
ASN CB  HB2  sing N N 48  
ASN CB  HB3  sing N N 49  
ASN CG  OD1  doub N N 50  
ASN CG  ND2  sing N N 51  
ASN ND2 HD21 sing N N 52  
ASN ND2 HD22 sing N N 53  
ASN OXT HXT  sing N N 54  
ASP N   CA   sing N N 55  
ASP N   H    sing N N 56  
ASP N   H2   sing N N 57  
ASP CA  C    sing N N 58  
ASP CA  CB   sing N N 59  
ASP CA  HA   sing N N 60  
ASP C   O    doub N N 61  
ASP C   OXT  sing N N 62  
ASP CB  CG   sing N N 63  
ASP CB  HB2  sing N N 64  
ASP CB  HB3  sing N N 65  
ASP CG  OD1  doub N N 66  
ASP CG  OD2  sing N N 67  
ASP OD2 HD2  sing N N 68  
ASP OXT HXT  sing N N 69  
CYS N   CA   sing N N 70  
CYS N   H    sing N N 71  
CYS N   H2   sing N N 72  
CYS CA  C    sing N N 73  
CYS CA  CB   sing N N 74  
CYS CA  HA   sing N N 75  
CYS C   O    doub N N 76  
CYS C   OXT  sing N N 77  
CYS CB  SG   sing N N 78  
CYS CB  HB2  sing N N 79  
CYS CB  HB3  sing N N 80  
CYS SG  HG   sing N N 81  
CYS OXT HXT  sing N N 82  
GLN N   CA   sing N N 83  
GLN N   H    sing N N 84  
GLN N   H2   sing N N 85  
GLN CA  C    sing N N 86  
GLN CA  CB   sing N N 87  
GLN CA  HA   sing N N 88  
GLN C   O    doub N N 89  
GLN C   OXT  sing N N 90  
GLN CB  CG   sing N N 91  
GLN CB  HB2  sing N N 92  
GLN CB  HB3  sing N N 93  
GLN CG  CD   sing N N 94  
GLN CG  HG2  sing N N 95  
GLN CG  HG3  sing N N 96  
GLN CD  OE1  doub N N 97  
GLN CD  NE2  sing N N 98  
GLN NE2 HE21 sing N N 99  
GLN NE2 HE22 sing N N 100 
GLN OXT HXT  sing N N 101 
GLU N   CA   sing N N 102 
GLU N   H    sing N N 103 
GLU N   H2   sing N N 104 
GLU CA  C    sing N N 105 
GLU CA  CB   sing N N 106 
GLU CA  HA   sing N N 107 
GLU C   O    doub N N 108 
GLU C   OXT  sing N N 109 
GLU CB  CG   sing N N 110 
GLU CB  HB2  sing N N 111 
GLU CB  HB3  sing N N 112 
GLU CG  CD   sing N N 113 
GLU CG  HG2  sing N N 114 
GLU CG  HG3  sing N N 115 
GLU CD  OE1  doub N N 116 
GLU CD  OE2  sing N N 117 
GLU OE2 HE2  sing N N 118 
GLU OXT HXT  sing N N 119 
GLY N   CA   sing N N 120 
GLY N   H    sing N N 121 
GLY N   H2   sing N N 122 
GLY CA  C    sing N N 123 
GLY CA  HA2  sing N N 124 
GLY CA  HA3  sing N N 125 
GLY C   O    doub N N 126 
GLY C   OXT  sing N N 127 
GLY OXT HXT  sing N N 128 
HIS N   CA   sing N N 129 
HIS N   H    sing N N 130 
HIS N   H2   sing N N 131 
HIS CA  C    sing N N 132 
HIS CA  CB   sing N N 133 
HIS CA  HA   sing N N 134 
HIS C   O    doub N N 135 
HIS C   OXT  sing N N 136 
HIS CB  CG   sing N N 137 
HIS CB  HB2  sing N N 138 
HIS CB  HB3  sing N N 139 
HIS CG  ND1  sing Y N 140 
HIS CG  CD2  doub Y N 141 
HIS ND1 CE1  doub Y N 142 
HIS ND1 HD1  sing N N 143 
HIS CD2 NE2  sing Y N 144 
HIS CD2 HD2  sing N N 145 
HIS CE1 NE2  sing Y N 146 
HIS CE1 HE1  sing N N 147 
HIS NE2 HE2  sing N N 148 
HIS OXT HXT  sing N N 149 
HOH O   H1   sing N N 150 
HOH O   H2   sing N N 151 
ILE N   CA   sing N N 152 
ILE N   H    sing N N 153 
ILE N   H2   sing N N 154 
ILE CA  C    sing N N 155 
ILE CA  CB   sing N N 156 
ILE CA  HA   sing N N 157 
ILE C   O    doub N N 158 
ILE C   OXT  sing N N 159 
ILE CB  CG1  sing N N 160 
ILE CB  CG2  sing N N 161 
ILE CB  HB   sing N N 162 
ILE CG1 CD1  sing N N 163 
ILE CG1 HG12 sing N N 164 
ILE CG1 HG13 sing N N 165 
ILE CG2 HG21 sing N N 166 
ILE CG2 HG22 sing N N 167 
ILE CG2 HG23 sing N N 168 
ILE CD1 HD11 sing N N 169 
ILE CD1 HD12 sing N N 170 
ILE CD1 HD13 sing N N 171 
ILE OXT HXT  sing N N 172 
LEU N   CA   sing N N 173 
LEU N   H    sing N N 174 
LEU N   H2   sing N N 175 
LEU CA  C    sing N N 176 
LEU CA  CB   sing N N 177 
LEU CA  HA   sing N N 178 
LEU C   O    doub N N 179 
LEU C   OXT  sing N N 180 
LEU CB  CG   sing N N 181 
LEU CB  HB2  sing N N 182 
LEU CB  HB3  sing N N 183 
LEU CG  CD1  sing N N 184 
LEU CG  CD2  sing N N 185 
LEU CG  HG   sing N N 186 
LEU CD1 HD11 sing N N 187 
LEU CD1 HD12 sing N N 188 
LEU CD1 HD13 sing N N 189 
LEU CD2 HD21 sing N N 190 
LEU CD2 HD22 sing N N 191 
LEU CD2 HD23 sing N N 192 
LEU OXT HXT  sing N N 193 
LYS N   CA   sing N N 194 
LYS N   H    sing N N 195 
LYS N   H2   sing N N 196 
LYS CA  C    sing N N 197 
LYS CA  CB   sing N N 198 
LYS CA  HA   sing N N 199 
LYS C   O    doub N N 200 
LYS C   OXT  sing N N 201 
LYS CB  CG   sing N N 202 
LYS CB  HB2  sing N N 203 
LYS CB  HB3  sing N N 204 
LYS CG  CD   sing N N 205 
LYS CG  HG2  sing N N 206 
LYS CG  HG3  sing N N 207 
LYS CD  CE   sing N N 208 
LYS CD  HD2  sing N N 209 
LYS CD  HD3  sing N N 210 
LYS CE  NZ   sing N N 211 
LYS CE  HE2  sing N N 212 
LYS CE  HE3  sing N N 213 
LYS NZ  HZ1  sing N N 214 
LYS NZ  HZ2  sing N N 215 
LYS NZ  HZ3  sing N N 216 
LYS OXT HXT  sing N N 217 
MET N   CA   sing N N 218 
MET N   H    sing N N 219 
MET N   H2   sing N N 220 
MET CA  C    sing N N 221 
MET CA  CB   sing N N 222 
MET CA  HA   sing N N 223 
MET C   O    doub N N 224 
MET C   OXT  sing N N 225 
MET CB  CG   sing N N 226 
MET CB  HB2  sing N N 227 
MET CB  HB3  sing N N 228 
MET CG  SD   sing N N 229 
MET CG  HG2  sing N N 230 
MET CG  HG3  sing N N 231 
MET SD  CE   sing N N 232 
MET CE  HE1  sing N N 233 
MET CE  HE2  sing N N 234 
MET CE  HE3  sing N N 235 
MET OXT HXT  sing N N 236 
PHE N   CA   sing N N 237 
PHE N   H    sing N N 238 
PHE N   H2   sing N N 239 
PHE CA  C    sing N N 240 
PHE CA  CB   sing N N 241 
PHE CA  HA   sing N N 242 
PHE C   O    doub N N 243 
PHE C   OXT  sing N N 244 
PHE CB  CG   sing N N 245 
PHE CB  HB2  sing N N 246 
PHE CB  HB3  sing N N 247 
PHE CG  CD1  doub Y N 248 
PHE CG  CD2  sing Y N 249 
PHE CD1 CE1  sing Y N 250 
PHE CD1 HD1  sing N N 251 
PHE CD2 CE2  doub Y N 252 
PHE CD2 HD2  sing N N 253 
PHE CE1 CZ   doub Y N 254 
PHE CE1 HE1  sing N N 255 
PHE CE2 CZ   sing Y N 256 
PHE CE2 HE2  sing N N 257 
PHE CZ  HZ   sing N N 258 
PHE OXT HXT  sing N N 259 
PRO N   CA   sing N N 260 
PRO N   CD   sing N N 261 
PRO N   H    sing N N 262 
PRO CA  C    sing N N 263 
PRO CA  CB   sing N N 264 
PRO CA  HA   sing N N 265 
PRO C   O    doub N N 266 
PRO C   OXT  sing N N 267 
PRO CB  CG   sing N N 268 
PRO CB  HB2  sing N N 269 
PRO CB  HB3  sing N N 270 
PRO CG  CD   sing N N 271 
PRO CG  HG2  sing N N 272 
PRO CG  HG3  sing N N 273 
PRO CD  HD2  sing N N 274 
PRO CD  HD3  sing N N 275 
PRO OXT HXT  sing N N 276 
SER N   CA   sing N N 277 
SER N   H    sing N N 278 
SER N   H2   sing N N 279 
SER CA  C    sing N N 280 
SER CA  CB   sing N N 281 
SER CA  HA   sing N N 282 
SER C   O    doub N N 283 
SER C   OXT  sing N N 284 
SER CB  OG   sing N N 285 
SER CB  HB2  sing N N 286 
SER CB  HB3  sing N N 287 
SER OG  HG   sing N N 288 
SER OXT HXT  sing N N 289 
THR N   CA   sing N N 290 
THR N   H    sing N N 291 
THR N   H2   sing N N 292 
THR CA  C    sing N N 293 
THR CA  CB   sing N N 294 
THR CA  HA   sing N N 295 
THR C   O    doub N N 296 
THR C   OXT  sing N N 297 
THR CB  OG1  sing N N 298 
THR CB  CG2  sing N N 299 
THR CB  HB   sing N N 300 
THR OG1 HG1  sing N N 301 
THR CG2 HG21 sing N N 302 
THR CG2 HG22 sing N N 303 
THR CG2 HG23 sing N N 304 
THR OXT HXT  sing N N 305 
TRP N   CA   sing N N 306 
TRP N   H    sing N N 307 
TRP N   H2   sing N N 308 
TRP CA  C    sing N N 309 
TRP CA  CB   sing N N 310 
TRP CA  HA   sing N N 311 
TRP C   O    doub N N 312 
TRP C   OXT  sing N N 313 
TRP CB  CG   sing N N 314 
TRP CB  HB2  sing N N 315 
TRP CB  HB3  sing N N 316 
TRP CG  CD1  doub Y N 317 
TRP CG  CD2  sing Y N 318 
TRP CD1 NE1  sing Y N 319 
TRP CD1 HD1  sing N N 320 
TRP CD2 CE2  doub Y N 321 
TRP CD2 CE3  sing Y N 322 
TRP NE1 CE2  sing Y N 323 
TRP NE1 HE1  sing N N 324 
TRP CE2 CZ2  sing Y N 325 
TRP CE3 CZ3  doub Y N 326 
TRP CE3 HE3  sing N N 327 
TRP CZ2 CH2  doub Y N 328 
TRP CZ2 HZ2  sing N N 329 
TRP CZ3 CH2  sing Y N 330 
TRP CZ3 HZ3  sing N N 331 
TRP CH2 HH2  sing N N 332 
TRP OXT HXT  sing N N 333 
TYR N   CA   sing N N 334 
TYR N   H    sing N N 335 
TYR N   H2   sing N N 336 
TYR CA  C    sing N N 337 
TYR CA  CB   sing N N 338 
TYR CA  HA   sing N N 339 
TYR C   O    doub N N 340 
TYR C   OXT  sing N N 341 
TYR CB  CG   sing N N 342 
TYR CB  HB2  sing N N 343 
TYR CB  HB3  sing N N 344 
TYR CG  CD1  doub Y N 345 
TYR CG  CD2  sing Y N 346 
TYR CD1 CE1  sing Y N 347 
TYR CD1 HD1  sing N N 348 
TYR CD2 CE2  doub Y N 349 
TYR CD2 HD2  sing N N 350 
TYR CE1 CZ   doub Y N 351 
TYR CE1 HE1  sing N N 352 
TYR CE2 CZ   sing Y N 353 
TYR CE2 HE2  sing N N 354 
TYR CZ  OH   sing N N 355 
TYR OH  HH   sing N N 356 
TYR OXT HXT  sing N N 357 
VAL N   CA   sing N N 358 
VAL N   H    sing N N 359 
VAL N   H2   sing N N 360 
VAL CA  C    sing N N 361 
VAL CA  CB   sing N N 362 
VAL CA  HA   sing N N 363 
VAL C   O    doub N N 364 
VAL C   OXT  sing N N 365 
VAL CB  CG1  sing N N 366 
VAL CB  CG2  sing N N 367 
VAL CB  HB   sing N N 368 
VAL CG1 HG11 sing N N 369 
VAL CG1 HG12 sing N N 370 
VAL CG1 HG13 sing N N 371 
VAL CG2 HG21 sing N N 372 
VAL CG2 HG22 sing N N 373 
VAL CG2 HG23 sing N N 374 
VAL OXT HXT  sing N N 375 
# 
_pdbx_initial_refinement_model.id               1 
_pdbx_initial_refinement_model.entity_id_list   ? 
_pdbx_initial_refinement_model.type             'experimental model' 
_pdbx_initial_refinement_model.source_name      PDB 
_pdbx_initial_refinement_model.accession_code   1YXK 
_pdbx_initial_refinement_model.details          ? 
# 
_atom_sites.entry_id                    3VLG 
_atom_sites.fract_transf_matrix[1][1]   -0.00792486 
_atom_sites.fract_transf_matrix[1][2]   0.01388739 
_atom_sites.fract_transf_matrix[1][3]   -0.00156630 
_atom_sites.fract_transf_matrix[2][1]   0.01396268 
_atom_sites.fract_transf_matrix[2][2]   0.00794468 
_atom_sites.fract_transf_matrix[2][3]   -0.00020515 
_atom_sites.fract_transf_matrix[3][1]   0.00048484 
_atom_sites.fract_transf_matrix[3][2]   -0.00118726 
_atom_sites.fract_transf_matrix[3][3]   -0.01297980 
_atom_sites.fract_transf_vector[1]      0.059662 
_atom_sites.fract_transf_vector[2]      -0.308523 
_atom_sites.fract_transf_vector[3]      -0.128342 
# 
loop_
_atom_type.symbol 
C 
N 
O 
S 
# 
loop_
_atom_site.group_PDB 
_atom_site.id 
_atom_site.type_symbol 
_atom_site.label_atom_id 
_atom_site.label_alt_id 
_atom_site.label_comp_id 
_atom_site.label_asym_id 
_atom_site.label_entity_id 
_atom_site.label_seq_id 
_atom_site.pdbx_PDB_ins_code 
_atom_site.Cartn_x 
_atom_site.Cartn_y 
_atom_site.Cartn_z 
_atom_site.occupancy 
_atom_site.B_iso_or_equiv 
_atom_site.pdbx_formal_charge 
_atom_site.auth_seq_id 
_atom_site.auth_comp_id 
_atom_site.auth_asym_id 
_atom_site.auth_atom_id 
_atom_site.pdbx_PDB_model_num 
ATOM   1    N N   . PRO A 1 15  ? 15.856  -3.114  15.142  1.00 64.14 ? 143 PRO A N   1 
ATOM   2    C CA  . PRO A 1 15  ? 15.540  -4.421  15.754  1.00 64.28 ? 143 PRO A CA  1 
ATOM   3    C C   . PRO A 1 15  ? 14.141  -4.971  15.333  1.00 64.30 ? 143 PRO A C   1 
ATOM   4    O O   . PRO A 1 15  ? 13.275  -5.239  16.194  1.00 65.24 ? 143 PRO A O   1 
ATOM   5    C CB  . PRO A 1 15  ? 15.590  -4.129  17.258  1.00 64.26 ? 143 PRO A CB  1 
ATOM   6    C CG  . PRO A 1 15  ? 15.213  -2.607  17.370  1.00 64.99 ? 143 PRO A CG  1 
ATOM   7    C CD  . PRO A 1 15  ? 15.458  -1.972  15.989  1.00 64.69 ? 143 PRO A CD  1 
ATOM   8    N N   . CYS A 1 16  ? 13.923  -5.143  14.025  1.00 62.84 ? 144 CYS A N   1 
ATOM   9    C CA  . CYS A 1 16  ? 12.633  -5.600  13.501  1.00 61.29 ? 144 CYS A CA  1 
ATOM   10   C C   . CYS A 1 16  ? 12.303  -7.064  13.838  1.00 62.07 ? 144 CYS A C   1 
ATOM   11   O O   . CYS A 1 16  ? 13.178  -7.932  13.761  1.00 62.34 ? 144 CYS A O   1 
ATOM   12   C CB  . CYS A 1 16  ? 12.573  -5.383  11.988  1.00 59.65 ? 144 CYS A CB  1 
ATOM   13   S SG  . CYS A 1 16  ? 12.315  -3.661  11.563  1.00 54.83 ? 144 CYS A SG  1 
ATOM   14   N N   . PRO A 1 17  ? 11.032  -7.345  14.196  1.00 62.04 ? 145 PRO A N   1 
ATOM   15   C CA  . PRO A 1 17  ? 10.590  -8.722  14.422  1.00 61.62 ? 145 PRO A CA  1 
ATOM   16   C C   . PRO A 1 17  ? 11.041  -9.721  13.359  1.00 61.32 ? 145 PRO A C   1 
ATOM   17   O O   . PRO A 1 17  ? 11.702  -9.373  12.365  1.00 61.05 ? 145 PRO A O   1 
ATOM   18   C CB  . PRO A 1 17  ? 9.052   -8.621  14.451  1.00 61.53 ? 145 PRO A CB  1 
ATOM   19   C CG  . PRO A 1 17  ? 8.714   -7.145  14.261  1.00 62.33 ? 145 PRO A CG  1 
ATOM   20   C CD  . PRO A 1 17  ? 9.986   -6.377  14.562  1.00 62.44 ? 145 PRO A CD  1 
ATOM   21   N N   . GLN A 1 18  ? 10.635  -10.965 13.583  1.00 61.29 ? 146 GLN A N   1 
ATOM   22   C CA  . GLN A 1 18  ? 11.276  -12.145 13.002  1.00 60.79 ? 146 GLN A CA  1 
ATOM   23   C C   . GLN A 1 18  ? 11.499  -12.007 11.489  1.00 58.85 ? 146 GLN A C   1 
ATOM   24   O O   . GLN A 1 18  ? 12.656  -12.004 11.017  1.00 59.38 ? 146 GLN A O   1 
ATOM   25   C CB  . GLN A 1 18  ? 10.455  -13.416 13.346  1.00 62.15 ? 146 GLN A CB  1 
ATOM   26   C CG  . GLN A 1 18  ? 11.208  -14.735 13.241  1.00 64.78 ? 146 GLN A CG  1 
ATOM   27   C CD  . GLN A 1 18  ? 12.015  -15.048 14.504  1.00 69.47 ? 146 GLN A CD  1 
ATOM   28   O OE1 . GLN A 1 18  ? 11.518  -15.723 15.427  1.00 69.63 ? 146 GLN A OE1 1 
ATOM   29   N NE2 . GLN A 1 18  ? 13.267  -14.552 14.553  1.00 69.93 ? 146 GLN A NE2 1 
ATOM   30   N N   . ASP A 1 19  ? 10.387  -11.855 10.767  1.00 55.42 ? 147 ASP A N   1 
ATOM   31   C CA  . ASP A 1 19  ? 10.318  -12.012 9.306   1.00 51.95 ? 147 ASP A CA  1 
ATOM   32   C C   . ASP A 1 19  ? 10.106  -10.671 8.549   1.00 48.04 ? 147 ASP A C   1 
ATOM   33   O O   . ASP A 1 19  ? 9.671   -10.655 7.377   1.00 46.72 ? 147 ASP A O   1 
ATOM   34   C CB  . ASP A 1 19  ? 9.222   -13.047 8.974   1.00 53.28 ? 147 ASP A CB  1 
ATOM   35   C CG  . ASP A 1 19  ? 8.141   -13.187 10.113  1.00 57.09 ? 147 ASP A CG  1 
ATOM   36   O OD1 . ASP A 1 19  ? 8.395   -12.790 11.293  1.00 61.28 ? 147 ASP A OD1 1 
ATOM   37   O OD2 . ASP A 1 19  ? 7.022   -13.708 9.834   1.00 59.14 ? 147 ASP A OD2 1 
ATOM   38   N N   . TRP A 1 20  ? 10.456  -9.566  9.230   1.00 43.36 ? 148 TRP A N   1 
ATOM   39   C CA  . TRP A 1 20  ? 10.196  -8.200  8.770   1.00 38.98 ? 148 TRP A CA  1 
ATOM   40   C C   . TRP A 1 20  ? 11.476  -7.543  8.264   1.00 36.84 ? 148 TRP A C   1 
ATOM   41   O O   . TRP A 1 20  ? 12.555  -7.993  8.587   1.00 36.90 ? 148 TRP A O   1 
ATOM   42   C CB  . TRP A 1 20  ? 9.591   -7.375  9.907   1.00 37.97 ? 148 TRP A CB  1 
ATOM   43   C CG  . TRP A 1 20  ? 8.209   -7.830  10.350  1.00 36.78 ? 148 TRP A CG  1 
ATOM   44   C CD1 . TRP A 1 20  ? 7.856   -9.054  10.852  1.00 34.84 ? 148 TRP A CD1 1 
ATOM   45   C CD2 . TRP A 1 20  ? 7.005   -7.048  10.325  1.00 33.94 ? 148 TRP A CD2 1 
ATOM   46   N NE1 . TRP A 1 20  ? 6.515   -9.080  11.153  1.00 32.35 ? 148 TRP A NE1 1 
ATOM   47   C CE2 . TRP A 1 20  ? 5.967   -7.869  10.838  1.00 32.64 ? 148 TRP A CE2 1 
ATOM   48   C CE3 . TRP A 1 20  ? 6.708   -5.729  9.922   1.00 32.19 ? 148 TRP A CE3 1 
ATOM   49   C CZ2 . TRP A 1 20  ? 4.653   -7.425  10.961  1.00 32.73 ? 148 TRP A CZ2 1 
ATOM   50   C CZ3 . TRP A 1 20  ? 5.388   -5.268  10.050  1.00 31.47 ? 148 TRP A CZ3 1 
ATOM   51   C CH2 . TRP A 1 20  ? 4.375   -6.125  10.554  1.00 33.69 ? 148 TRP A CH2 1 
ATOM   52   N N   . ILE A 1 21  ? 11.349  -6.469  7.500   1.00 33.71 ? 149 ILE A N   1 
ATOM   53   C CA  . ILE A 1 21  ? 12.482  -5.853  6.847   1.00 32.42 ? 149 ILE A CA  1 
ATOM   54   C C   . ILE A 1 21  ? 12.624  -4.416  7.386   1.00 31.95 ? 149 ILE A C   1 
ATOM   55   O O   . ILE A 1 21  ? 11.639  -3.677  7.493   1.00 32.48 ? 149 ILE A O   1 
ATOM   56   C CB  . ILE A 1 21  ? 12.283  -5.878  5.325   1.00 31.96 ? 149 ILE A CB  1 
ATOM   57   C CG1 . ILE A 1 21  ? 12.245  -7.304  4.796   1.00 31.27 ? 149 ILE A CG1 1 
ATOM   58   C CG2 . ILE A 1 21  ? 13.347  -5.117  4.617   1.00 33.27 ? 149 ILE A CG2 1 
ATOM   59   C CD1 . ILE A 1 21  ? 11.752  -7.385  3.363   1.00 29.90 ? 149 ILE A CD1 1 
ATOM   60   N N   . ALA A 1 22  ? 13.831  -4.015  7.752   1.00 31.10 ? 150 ALA A N   1 
ATOM   61   C CA  . ALA A 1 22  ? 14.003  -2.739  8.387   1.00 30.94 ? 150 ALA A CA  1 
ATOM   62   C C   . ALA A 1 22  ? 14.221  -1.678  7.339   1.00 31.42 ? 150 ALA A C   1 
ATOM   63   O O   . ALA A 1 22  ? 14.935  -1.914  6.369   1.00 31.70 ? 150 ALA A O   1 
ATOM   64   C CB  . ALA A 1 22  ? 15.173  -2.802  9.336   1.00 31.01 ? 150 ALA A CB  1 
ATOM   65   N N   . HIS A 1 23  ? 13.588  -0.523  7.499   1.00 31.18 ? 151 HIS A N   1 
ATOM   66   C CA  . HIS A 1 23  ? 13.992  0.690   6.783   1.00 32.34 ? 151 HIS A CA  1 
ATOM   67   C C   . HIS A 1 23  ? 13.573  1.877   7.658   1.00 34.03 ? 151 HIS A C   1 
ATOM   68   O O   . HIS A 1 23  ? 12.477  1.836   8.266   1.00 33.94 ? 151 HIS A O   1 
ATOM   69   C CB  . HIS A 1 23  ? 13.256  0.734   5.464   1.00 32.48 ? 151 HIS A CB  1 
ATOM   70   C CG  . HIS A 1 23  ? 13.227  2.070   4.803   1.00 32.01 ? 151 HIS A CG  1 
ATOM   71   N ND1 . HIS A 1 23  ? 14.319  2.595   4.148   1.00 29.62 ? 151 HIS A ND1 1 
ATOM   72   C CD2 . HIS A 1 23  ? 12.209  2.950   4.609   1.00 33.28 ? 151 HIS A CD2 1 
ATOM   73   C CE1 . HIS A 1 23  ? 13.986  3.749   3.592   1.00 29.71 ? 151 HIS A CE1 1 
ATOM   74   N NE2 . HIS A 1 23  ? 12.714  3.996   3.869   1.00 33.31 ? 151 HIS A NE2 1 
ATOM   75   N N   . GLY A 1 24  ? 14.406  2.924   7.725   1.00 34.87 ? 152 GLY A N   1 
ATOM   76   C CA  . GLY A 1 24  ? 14.089  4.094   8.557   1.00 36.10 ? 152 GLY A CA  1 
ATOM   77   C C   . GLY A 1 24  ? 13.696  3.687   9.984   1.00 36.84 ? 152 GLY A C   1 
ATOM   78   O O   . GLY A 1 24  ? 14.335  2.801   10.614  1.00 35.98 ? 152 GLY A O   1 
ATOM   79   N N   . GLU A 1 25  ? 12.601  4.291   10.461  1.00 37.91 ? 153 GLU A N   1 
ATOM   80   C CA  . GLU A 1 25  ? 12.044  4.038   11.812  1.00 38.82 ? 153 GLU A CA  1 
ATOM   81   C C   . GLU A 1 25  ? 11.258  2.714   11.841  1.00 37.45 ? 153 GLU A C   1 
ATOM   82   O O   . GLU A 1 25  ? 10.895  2.190   12.918  1.00 36.42 ? 153 GLU A O   1 
ATOM   83   C CB  . GLU A 1 25  ? 11.029  5.145   12.187  1.00 40.29 ? 153 GLU A CB  1 
ATOM   84   C CG  . GLU A 1 25  ? 11.203  6.571   11.574  1.00 47.82 ? 153 GLU A CG  1 
ATOM   85   C CD  . GLU A 1 25  ? 11.786  7.605   12.599  1.00 57.86 ? 153 GLU A CD  1 
ATOM   86   O OE1 . GLU A 1 25  ? 11.389  8.819   12.560  1.00 59.67 ? 153 GLU A OE1 1 
ATOM   87   O OE2 . GLU A 1 25  ? 12.637  7.193   13.454  1.00 60.86 ? 153 GLU A OE2 1 
ATOM   88   N N   . ASN A 1 26  ? 10.975  2.203   10.641  1.00 35.51 ? 154 ASN A N   1 
ATOM   89   C CA  . ASN A 1 26  ? 9.916   1.223   10.475  1.00 34.33 ? 154 ASN A CA  1 
ATOM   90   C C   . ASN A 1 26  ? 10.369  -0.197  10.155  1.00 33.97 ? 154 ASN A C   1 
ATOM   91   O O   . ASN A 1 26  ? 11.527  -0.419  9.801   1.00 33.19 ? 154 ASN A O   1 
ATOM   92   C CB  . ASN A 1 26  ? 8.954   1.733   9.424   1.00 33.36 ? 154 ASN A CB  1 
ATOM   93   C CG  . ASN A 1 26  ? 8.332   3.083   9.807   1.00 34.10 ? 154 ASN A CG  1 
ATOM   94   O OD1 . ASN A 1 26  ? 7.635   3.195   10.834  1.00 32.10 ? 154 ASN A OD1 1 
ATOM   95   N ND2 . ASN A 1 26  ? 8.571   4.095   8.986   1.00 31.33 ? 154 ASN A ND2 1 
ATOM   96   N N   . CYS A 1 27  ? 9.425   -1.122  10.320  1.00 33.32 ? 155 CYS A N   1 
ATOM   97   C CA  . CYS A 1 27  ? 9.521   -2.513  9.914   1.00 33.58 ? 155 CYS A CA  1 
ATOM   98   C C   . CYS A 1 27  ? 8.462   -2.849  8.844   1.00 32.34 ? 155 CYS A C   1 
ATOM   99   O O   . CYS A 1 27  ? 7.325   -2.357  8.918   1.00 31.82 ? 155 CYS A O   1 
ATOM   100  C CB  . CYS A 1 27  ? 9.283   -3.393  11.124  1.00 34.36 ? 155 CYS A CB  1 
ATOM   101  S SG  . CYS A 1 27  ? 10.486  -3.101  12.390  1.00 43.02 ? 155 CYS A SG  1 
ATOM   102  N N   . TYR A 1 28  ? 8.801   -3.740  7.906   1.00 29.54 ? 156 TYR A N   1 
ATOM   103  C CA  . TYR A 1 28  ? 7.945   -3.961  6.766   1.00 26.66 ? 156 TYR A CA  1 
ATOM   104  C C   . TYR A 1 28  ? 7.743   -5.448  6.496   1.00 26.42 ? 156 TYR A C   1 
ATOM   105  O O   . TYR A 1 28  ? 8.687   -6.228  6.537   1.00 24.62 ? 156 TYR A O   1 
ATOM   106  C CB  . TYR A 1 28  ? 8.535   -3.277  5.557   1.00 25.86 ? 156 TYR A CB  1 
ATOM   107  C CG  . TYR A 1 28  ? 8.619   -1.774  5.656   1.00 24.42 ? 156 TYR A CG  1 
ATOM   108  C CD1 . TYR A 1 28  ? 9.715   -1.154  6.224   1.00 25.25 ? 156 TYR A CD1 1 
ATOM   109  C CD2 . TYR A 1 28  ? 7.612   -0.965  5.143   1.00 24.96 ? 156 TYR A CD2 1 
ATOM   110  C CE1 . TYR A 1 28  ? 9.827   0.246   6.283   1.00 24.38 ? 156 TYR A CE1 1 
ATOM   111  C CE2 . TYR A 1 28  ? 7.688   0.415   5.217   1.00 25.36 ? 156 TYR A CE2 1 
ATOM   112  C CZ  . TYR A 1 28  ? 8.810   1.017   5.792   1.00 25.83 ? 156 TYR A CZ  1 
ATOM   113  O OH  . TYR A 1 28  ? 8.895   2.385   5.871   1.00 26.88 ? 156 TYR A OH  1 
ATOM   114  N N   . LEU A 1 29  ? 6.494   -5.833  6.246   1.00 25.61 ? 157 LEU A N   1 
ATOM   115  C CA  . LEU A 1 29  ? 6.175   -7.217  6.043   1.00 25.16 ? 157 LEU A CA  1 
ATOM   116  C C   . LEU A 1 29  ? 5.386   -7.404  4.747   1.00 24.47 ? 157 LEU A C   1 
ATOM   117  O O   . LEU A 1 29  ? 4.391   -6.677  4.464   1.00 24.93 ? 157 LEU A O   1 
ATOM   118  C CB  . LEU A 1 29  ? 5.376   -7.732  7.222   1.00 25.72 ? 157 LEU A CB  1 
ATOM   119  C CG  . LEU A 1 29  ? 5.073   -9.252  7.199   1.00 29.38 ? 157 LEU A CG  1 
ATOM   120  C CD1 . LEU A 1 29  ? 6.283   -10.134 7.632   1.00 28.07 ? 157 LEU A CD1 1 
ATOM   121  C CD2 . LEU A 1 29  ? 3.889   -9.614  8.077   1.00 30.90 ? 157 LEU A CD2 1 
ATOM   122  N N   . PHE A 1 30  ? 5.827   -8.372  3.952   1.00 22.33 ? 158 PHE A N   1 
ATOM   123  C CA  . PHE A 1 30  ? 5.133   -8.781  2.765   1.00 20.78 ? 158 PHE A CA  1 
ATOM   124  C C   . PHE A 1 30  ? 4.151   -9.858  3.165   1.00 21.05 ? 158 PHE A C   1 
ATOM   125  O O   . PHE A 1 30  ? 4.553   -10.878 3.695   1.00 20.62 ? 158 PHE A O   1 
ATOM   126  C CB  . PHE A 1 30  ? 6.129   -9.314  1.739   1.00 21.56 ? 158 PHE A CB  1 
ATOM   127  C CG  . PHE A 1 30  ? 6.821   -8.244  0.988   1.00 22.47 ? 158 PHE A CG  1 
ATOM   128  C CD1 . PHE A 1 30  ? 6.403   -7.899  -0.287  1.00 26.12 ? 158 PHE A CD1 1 
ATOM   129  C CD2 . PHE A 1 30  ? 7.841   -7.529  1.576   1.00 25.68 ? 158 PHE A CD2 1 
ATOM   130  C CE1 . PHE A 1 30  ? 7.039   -6.863  -0.997  1.00 31.22 ? 158 PHE A CE1 1 
ATOM   131  C CE2 . PHE A 1 30  ? 8.475   -6.501  0.899   1.00 28.82 ? 158 PHE A CE2 1 
ATOM   132  C CZ  . PHE A 1 30  ? 8.075   -6.161  -0.393  1.00 30.49 ? 158 PHE A CZ  1 
ATOM   133  N N   . SER A 1 31  ? 2.853   -9.618  2.918   1.00 20.23 ? 159 SER A N   1 
ATOM   134  C CA  . SER A 1 31  ? 1.820   -10.506 3.411   1.00 21.31 ? 159 SER A CA  1 
ATOM   135  C C   . SER A 1 31  ? 2.012   -11.878 2.785   1.00 22.59 ? 159 SER A C   1 
ATOM   136  O O   . SER A 1 31  ? 2.498   -12.008 1.619   1.00 23.03 ? 159 SER A O   1 
ATOM   137  C CB  . SER A 1 31  ? 0.415   -9.953  3.079   1.00 20.16 ? 159 SER A CB  1 
ATOM   138  O OG  . SER A 1 31  ? 0.191   -10.023 1.661   1.00 23.65 ? 159 SER A OG  1 
ATOM   139  N N   . SER A 1 32  ? 1.614   -12.921 3.505   1.00 22.51 ? 160 SER A N   1 
ATOM   140  C CA  . SER A 1 32  ? 1.751   -14.234 2.885   1.00 23.32 ? 160 SER A CA  1 
ATOM   141  C C   . SER A 1 32  ? 0.583   -14.498 1.957   1.00 22.49 ? 160 SER A C   1 
ATOM   142  O O   . SER A 1 32  ? 0.702   -15.319 1.059   1.00 24.60 ? 160 SER A O   1 
ATOM   143  C CB  . SER A 1 32  ? 1.888   -15.331 3.935   1.00 22.18 ? 160 SER A CB  1 
ATOM   144  O OG  . SER A 1 32  ? 0.683   -15.354 4.658   1.00 27.04 ? 160 SER A OG  1 
ATOM   145  N N   . GLY A 1 33  ? -0.535  -13.812 2.160   1.00 22.24 ? 161 GLY A N   1 
ATOM   146  C CA  . GLY A 1 33  ? -1.789  -14.072 1.349   1.00 21.34 ? 161 GLY A CA  1 
ATOM   147  C C   . GLY A 1 33  ? -2.191  -12.882 0.449   1.00 20.18 ? 161 GLY A C   1 
ATOM   148  O O   . GLY A 1 33  ? -1.712  -11.744 0.658   1.00 18.87 ? 161 GLY A O   1 
ATOM   149  N N   . SER A 1 34  ? -3.024  -13.176 -0.559  1.00 18.23 ? 162 SER A N   1 
ATOM   150  C CA  . SER A 1 34  ? -3.503  -12.233 -1.538  1.00 17.55 ? 162 SER A CA  1 
ATOM   151  C C   . SER A 1 34  ? -5.022  -12.131 -1.382  1.00 18.57 ? 162 SER A C   1 
ATOM   152  O O   . SER A 1 34  ? -5.763  -13.125 -1.571  1.00 18.93 ? 162 SER A O   1 
ATOM   153  C CB  . SER A 1 34  ? -3.116  -12.682 -2.949  1.00 18.49 ? 162 SER A CB  1 
ATOM   154  O OG  . SER A 1 34  ? -3.575  -14.023 -3.237  1.00 15.94 ? 162 SER A OG  1 
ATOM   155  N N   . PHE A 1 35  ? -5.475  -10.959 -0.943  1.00 18.09 ? 163 PHE A N   1 
ATOM   156  C CA  . PHE A 1 35  ? -6.909  -10.746 -0.625  1.00 17.91 ? 163 PHE A CA  1 
ATOM   157  C C   . PHE A 1 35  ? -7.321  -9.353  -1.074  1.00 17.08 ? 163 PHE A C   1 
ATOM   158  O O   . PHE A 1 35  ? -6.466  -8.582  -1.524  1.00 15.37 ? 163 PHE A O   1 
ATOM   159  C CB  . PHE A 1 35  ? -7.194  -10.866 0.886   1.00 17.22 ? 163 PHE A CB  1 
ATOM   160  C CG  . PHE A 1 35  ? -6.671  -12.119 1.521   1.00 18.58 ? 163 PHE A CG  1 
ATOM   161  C CD1 . PHE A 1 35  ? -5.520  -12.083 2.285   1.00 17.24 ? 163 PHE A CD1 1 
ATOM   162  C CD2 . PHE A 1 35  ? -7.341  -13.343 1.359   1.00 22.43 ? 163 PHE A CD2 1 
ATOM   163  C CE1 . PHE A 1 35  ? -5.030  -13.216 2.894   1.00 18.38 ? 163 PHE A CE1 1 
ATOM   164  C CE2 . PHE A 1 35  ? -6.839  -14.510 1.952   1.00 22.16 ? 163 PHE A CE2 1 
ATOM   165  C CZ  . PHE A 1 35  ? -5.654  -14.427 2.724   1.00 20.24 ? 163 PHE A CZ  1 
ATOM   166  N N   . ASN A 1 36  ? -8.598  -8.995  -0.872  1.00 17.40 ? 164 ASN A N   1 
ATOM   167  C CA  . ASN A 1 36  ? -9.037  -7.629  -1.202  1.00 17.72 ? 164 ASN A CA  1 
ATOM   168  C C   . ASN A 1 36  ? -8.487  -6.638  -0.192  1.00 17.63 ? 164 ASN A C   1 
ATOM   169  O O   . ASN A 1 36  ? -7.868  -6.999  0.836   1.00 16.68 ? 164 ASN A O   1 
ATOM   170  C CB  . ASN A 1 36  ? -10.563 -7.543  -1.290  1.00 19.25 ? 164 ASN A CB  1 
ATOM   171  C CG  . ASN A 1 36  ? -11.250 -7.857  0.044   1.00 19.27 ? 164 ASN A CG  1 
ATOM   172  O OD1 . ASN A 1 36  ? -10.928 -7.309  1.082   1.00 20.72 ? 164 ASN A OD1 1 
ATOM   173  N ND2 . ASN A 1 36  ? -12.173 -8.763  0.001   1.00 22.84 ? 164 ASN A ND2 1 
ATOM   174  N N   . TRP A 1 37  ? -8.703  -5.363  -0.479  1.00 18.08 ? 165 TRP A N   1 
ATOM   175  C CA  . TRP A 1 37  ? -8.005  -4.340  0.274   1.00 17.86 ? 165 TRP A CA  1 
ATOM   176  C C   . TRP A 1 37  ? -8.429  -4.409  1.719   1.00 19.26 ? 165 TRP A C   1 
ATOM   177  O O   . TRP A 1 37  ? -7.612  -4.251  2.597   1.00 19.59 ? 165 TRP A O   1 
ATOM   178  C CB  . TRP A 1 37  ? -8.238  -2.959  -0.351  1.00 17.09 ? 165 TRP A CB  1 
ATOM   179  C CG  . TRP A 1 37  ? -7.416  -1.838  0.234   1.00 16.81 ? 165 TRP A CG  1 
ATOM   180  C CD1 . TRP A 1 37  ? -6.185  -1.379  -0.197  1.00 18.59 ? 165 TRP A CD1 1 
ATOM   181  C CD2 . TRP A 1 37  ? -7.777  -1.018  1.345   1.00 17.43 ? 165 TRP A CD2 1 
ATOM   182  N NE1 . TRP A 1 37  ? -5.778  -0.292  0.570   1.00 16.64 ? 165 TRP A NE1 1 
ATOM   183  C CE2 . TRP A 1 37  ? -6.720  -0.066  1.537   1.00 15.00 ? 165 TRP A CE2 1 
ATOM   184  C CE3 . TRP A 1 37  ? -8.895  -0.993  2.221   1.00 14.99 ? 165 TRP A CE3 1 
ATOM   185  C CZ2 . TRP A 1 37  ? -6.753  0.905   2.553   1.00 11.72 ? 165 TRP A CZ2 1 
ATOM   186  C CZ3 . TRP A 1 37  ? -8.946  -0.006  3.221   1.00 13.18 ? 165 TRP A CZ3 1 
ATOM   187  C CH2 . TRP A 1 37  ? -7.860  0.932   3.392   1.00 14.49 ? 165 TRP A CH2 1 
ATOM   188  N N   . GLU A 1 38  ? -9.712  -4.692  1.953   1.00 21.13 ? 166 GLU A N   1 
ATOM   189  C CA  . GLU A 1 38  ? -10.325 -4.585  3.274   1.00 22.43 ? 166 GLU A CA  1 
ATOM   190  C C   . GLU A 1 38  ? -9.791  -5.680  4.173   1.00 21.51 ? 166 GLU A C   1 
ATOM   191  O O   . GLU A 1 38  ? -9.407  -5.416  5.328   1.00 21.84 ? 166 GLU A O   1 
ATOM   192  C CB  . GLU A 1 38  ? -11.848 -4.664  3.113   1.00 22.88 ? 166 GLU A CB  1 
ATOM   193  C CG  . GLU A 1 38  ? -12.661 -4.626  4.383   1.00 27.60 ? 166 GLU A CG  1 
ATOM   194  C CD  . GLU A 1 38  ? -12.891 -3.200  4.957   1.00 36.52 ? 166 GLU A CD  1 
ATOM   195  O OE1 . GLU A 1 38  ? -13.594 -3.135  6.021   1.00 37.07 ? 166 GLU A OE1 1 
ATOM   196  O OE2 . GLU A 1 38  ? -12.352 -2.176  4.397   1.00 36.20 ? 166 GLU A OE2 1 
ATOM   197  N N   . LYS A 1 39  ? -9.719  -6.894  3.636   1.00 20.97 ? 167 LYS A N   1 
ATOM   198  C CA  . LYS A 1 39  ? -9.084  -8.057  4.351   1.00 22.08 ? 167 LYS A CA  1 
ATOM   199  C C   . LYS A 1 39  ? -7.603  -7.828  4.601   1.00 19.74 ? 167 LYS A C   1 
ATOM   200  O O   . LYS A 1 39  ? -7.123  -8.077  5.678   1.00 19.58 ? 167 LYS A O   1 
ATOM   201  C CB  . LYS A 1 39  ? -9.215  -9.354  3.522   1.00 22.68 ? 167 LYS A CB  1 
ATOM   202  C CG  . LYS A 1 39  ? -9.102  -10.642 4.302   1.00 28.69 ? 167 LYS A CG  1 
ATOM   203  C CD  . LYS A 1 39  ? -10.103 -11.715 3.702   1.00 37.73 ? 167 LYS A CD  1 
ATOM   204  C CE  . LYS A 1 39  ? -11.167 -10.983 2.738   1.00 42.73 ? 167 LYS A CE  1 
ATOM   205  N NZ  . LYS A 1 39  ? -12.621 -11.484 2.497   1.00 40.64 ? 167 LYS A NZ  1 
ATOM   206  N N   . SER A 1 40  ? -6.898  -7.330  3.584   1.00 19.83 ? 168 SER A N   1 
ATOM   207  C CA  . SER A 1 40  ? -5.471  -6.969  3.703   1.00 19.51 ? 168 SER A CA  1 
ATOM   208  C C   . SER A 1 40  ? -5.264  -5.959  4.824   1.00 19.00 ? 168 SER A C   1 
ATOM   209  O O   . SER A 1 40  ? -4.396  -6.147  5.658   1.00 18.12 ? 168 SER A O   1 
ATOM   210  C CB  . SER A 1 40  ? -4.927  -6.458  2.359   1.00 20.17 ? 168 SER A CB  1 
ATOM   211  O OG  . SER A 1 40  ? -5.105  -7.449  1.332   1.00 19.75 ? 168 SER A OG  1 
ATOM   212  N N   . GLN A 1 41  ? -6.093  -4.911  4.874   1.00 19.06 ? 169 GLN A N   1 
ATOM   213  C CA  . GLN A 1 41  ? -6.011  -3.908  5.948   1.00 19.94 ? 169 GLN A CA  1 
ATOM   214  C C   . GLN A 1 41  ? -6.187  -4.576  7.318   1.00 20.20 ? 169 GLN A C   1 
ATOM   215  O O   . GLN A 1 41  ? -5.353  -4.385  8.217   1.00 21.45 ? 169 GLN A O   1 
ATOM   216  C CB  . GLN A 1 41  ? -7.124  -2.898  5.785   1.00 19.85 ? 169 GLN A CB  1 
ATOM   217  C CG  . GLN A 1 41  ? -7.264  -1.933  6.971   1.00 20.83 ? 169 GLN A CG  1 
ATOM   218  C CD  . GLN A 1 41  ? -8.486  -0.958  6.778   1.00 20.96 ? 169 GLN A CD  1 
ATOM   219  O OE1 . GLN A 1 41  ? -9.663  -1.374  6.801   1.00 19.20 ? 169 GLN A OE1 1 
ATOM   220  N NE2 . GLN A 1 41  ? -8.186  0.300   6.561   1.00 12.56 ? 169 GLN A NE2 1 
ATOM   221  N N   . GLU A 1 42  ? -7.247  -5.373  7.458   1.00 20.62 ? 170 GLU A N   1 
ATOM   222  C CA  . GLU A 1 42  ? -7.549  -6.150  8.699   1.00 20.92 ? 170 GLU A CA  1 
ATOM   223  C C   . GLU A 1 42  ? -6.415  -7.103  9.073   1.00 21.64 ? 170 GLU A C   1 
ATOM   224  O O   . GLU A 1 42  ? -6.084  -7.286  10.235  1.00 22.38 ? 170 GLU A O   1 
ATOM   225  C CB  . GLU A 1 42  ? -8.796  -7.003  8.476   1.00 19.97 ? 170 GLU A CB  1 
ATOM   226  C CG  . GLU A 1 42  ? -9.366  -7.616  9.749   1.00 19.69 ? 170 GLU A CG  1 
ATOM   227  C CD  . GLU A 1 42  ? -8.671  -8.923  10.243  1.00 22.72 ? 170 GLU A CD  1 
ATOM   228  O OE1 . GLU A 1 42  ? -8.800  -9.193  11.476  1.00 19.48 ? 170 GLU A OE1 1 
ATOM   229  O OE2 . GLU A 1 42  ? -8.054  -9.691  9.401   1.00 20.17 ? 170 GLU A OE2 1 
ATOM   230  N N   . LYS A 1 43  ? -5.812  -7.708  8.075   1.00 22.48 ? 171 LYS A N   1 
ATOM   231  C CA  . LYS A 1 43  ? -4.604  -8.551  8.300   1.00 23.63 ? 171 LYS A CA  1 
ATOM   232  C C   . LYS A 1 43  ? -3.407  -7.773  8.874   1.00 22.90 ? 171 LYS A C   1 
ATOM   233  O O   . LYS A 1 43  ? -2.649  -8.299  9.726   1.00 22.85 ? 171 LYS A O   1 
ATOM   234  C CB  . LYS A 1 43  ? -4.196  -9.146  6.982   1.00 24.13 ? 171 LYS A CB  1 
ATOM   235  C CG  . LYS A 1 43  ? -4.241  -10.652 6.942   1.00 31.81 ? 171 LYS A CG  1 
ATOM   236  C CD  . LYS A 1 43  ? -5.567  -11.302 6.740   1.00 35.32 ? 171 LYS A CD  1 
ATOM   237  C CE  . LYS A 1 43  ? -5.436  -12.746 7.339   1.00 42.15 ? 171 LYS A CE  1 
ATOM   238  N NZ  . LYS A 1 43  ? -6.427  -13.743 6.750   1.00 44.17 ? 171 LYS A NZ  1 
ATOM   239  N N   . CYS A 1 44  ? -3.205  -6.531  8.444   1.00 20.97 ? 172 CYS A N   1 
ATOM   240  C CA  . CYS A 1 44  ? -2.071  -5.799  8.997   1.00 20.87 ? 172 CYS A CA  1 
ATOM   241  C C   . CYS A 1 44  ? -2.401  -5.411  10.439  1.00 21.10 ? 172 CYS A C   1 
ATOM   242  O O   . CYS A 1 44  ? -1.547  -5.417  11.335  1.00 20.56 ? 172 CYS A O   1 
ATOM   243  C CB  . CYS A 1 44  ? -1.798  -4.543  8.182   1.00 20.53 ? 172 CYS A CB  1 
ATOM   244  S SG  . CYS A 1 44  ? -1.160  -4.811  6.518   1.00 22.58 ? 172 CYS A SG  1 
ATOM   245  N N   . LEU A 1 45  ? -3.667  -5.058  10.649  1.00 21.80 ? 173 LEU A N   1 
ATOM   246  C CA  . LEU A 1 45  ? -4.128  -4.560  11.953  1.00 22.46 ? 173 LEU A CA  1 
ATOM   247  C C   . LEU A 1 45  ? -4.021  -5.697  12.977  1.00 23.25 ? 173 LEU A C   1 
ATOM   248  O O   . LEU A 1 45  ? -3.646  -5.480  14.125  1.00 22.95 ? 173 LEU A O   1 
ATOM   249  C CB  . LEU A 1 45  ? -5.592  -4.080  11.871  1.00 20.97 ? 173 LEU A CB  1 
ATOM   250  C CG  . LEU A 1 45  ? -5.977  -2.791  11.152  1.00 21.00 ? 173 LEU A CG  1 
ATOM   251  C CD1 . LEU A 1 45  ? -7.510  -2.582  11.352  1.00 22.02 ? 173 LEU A CD1 1 
ATOM   252  C CD2 . LEU A 1 45  ? -5.208  -1.623  11.644  1.00 12.76 ? 173 LEU A CD2 1 
ATOM   253  N N   . SER A 1 46  ? -4.387  -6.889  12.535  1.00 23.86 ? 174 SER A N   1 
ATOM   254  C CA  . SER A 1 46  ? -4.140  -8.136  13.237  1.00 26.67 ? 174 SER A CA  1 
ATOM   255  C C   . SER A 1 46  ? -2.719  -8.301  13.745  1.00 26.94 ? 174 SER A C   1 
ATOM   256  O O   . SER A 1 46  ? -2.489  -8.897  14.799  1.00 27.81 ? 174 SER A O   1 
ATOM   257  C CB  . SER A 1 46  ? -4.389  -9.276  12.261  1.00 27.50 ? 174 SER A CB  1 
ATOM   258  O OG  . SER A 1 46  ? -5.182  -10.203 12.915  1.00 33.89 ? 174 SER A OG  1 
ATOM   259  N N   . LEU A 1 47  ? -1.746  -7.802  12.987  1.00 27.05 ? 175 LEU A N   1 
ATOM   260  C CA  . LEU A 1 47  ? -0.342  -7.855  13.413  1.00 26.44 ? 175 LEU A CA  1 
ATOM   261  C C   . LEU A 1 47  ? 0.137   -6.590  14.119  1.00 26.14 ? 175 LEU A C   1 
ATOM   262  O O   . LEU A 1 47  ? 1.342   -6.359  14.199  1.00 26.25 ? 175 LEU A O   1 
ATOM   263  C CB  . LEU A 1 47  ? 0.535   -8.117  12.186  1.00 27.23 ? 175 LEU A CB  1 
ATOM   264  C CG  . LEU A 1 47  ? 0.133   -9.377  11.394  1.00 26.73 ? 175 LEU A CG  1 
ATOM   265  C CD1 . LEU A 1 47  ? 0.882   -9.417  10.070  1.00 24.83 ? 175 LEU A CD1 1 
ATOM   266  C CD2 . LEU A 1 47  ? 0.355   -10.636 12.235  1.00 27.16 ? 175 LEU A CD2 1 
ATOM   267  N N   . ASP A 1 48  ? -0.799  -5.782  14.619  1.00 25.93 ? 176 ASP A N   1 
ATOM   268  C CA  . ASP A 1 48  ? -0.503  -4.455  15.205  1.00 26.65 ? 176 ASP A CA  1 
ATOM   269  C C   . ASP A 1 48  ? 0.286   -3.629  14.242  1.00 25.82 ? 176 ASP A C   1 
ATOM   270  O O   . ASP A 1 48  ? 1.243   -2.942  14.633  1.00 25.90 ? 176 ASP A O   1 
ATOM   271  C CB  . ASP A 1 48  ? 0.228   -4.569  16.558  1.00 27.59 ? 176 ASP A CB  1 
ATOM   272  C CG  . ASP A 1 48  ? -0.476  -5.537  17.491  1.00 31.58 ? 176 ASP A CG  1 
ATOM   273  O OD1 . ASP A 1 48  ? 0.198   -6.473  18.003  1.00 36.76 ? 176 ASP A OD1 1 
ATOM   274  O OD2 . ASP A 1 48  ? -1.726  -5.423  17.646  1.00 32.44 ? 176 ASP A OD2 1 
ATOM   275  N N   . ALA A 1 49  ? -0.107  -3.719  12.961  1.00 24.90 ? 177 ALA A N   1 
ATOM   276  C CA  . ALA A 1 49  ? 0.553   -2.954  11.920  1.00 22.97 ? 177 ALA A CA  1 
ATOM   277  C C   . ALA A 1 49  ? -0.498  -2.213  11.084  1.00 21.62 ? 177 ALA A C   1 
ATOM   278  O O   . ALA A 1 49  ? -1.662  -2.232  11.424  1.00 22.18 ? 177 ALA A O   1 
ATOM   279  C CB  . ALA A 1 49  ? 1.397   -3.895  11.083  1.00 22.77 ? 177 ALA A CB  1 
ATOM   280  N N   . LYS A 1 50  ? -0.108  -1.600  9.973   1.00 19.35 ? 178 LYS A N   1 
ATOM   281  C CA  . LYS A 1 50  ? -1.075  -0.962  9.110   1.00 19.20 ? 178 LYS A CA  1 
ATOM   282  C C   . LYS A 1 50  ? -0.506  -1.218  7.719   1.00 19.70 ? 178 LYS A C   1 
ATOM   283  O O   . LYS A 1 50  ? 0.669   -1.614  7.593   1.00 18.71 ? 178 LYS A O   1 
ATOM   284  C CB  . LYS A 1 50  ? -1.134  0.561   9.394   1.00 19.00 ? 178 LYS A CB  1 
ATOM   285  C CG  . LYS A 1 50  ? 0.218   1.235   9.331   1.00 18.91 ? 178 LYS A CG  1 
ATOM   286  C CD  . LYS A 1 50  ? 0.129   2.776   9.461   1.00 26.67 ? 178 LYS A CD  1 
ATOM   287  C CE  . LYS A 1 50  ? 1.467   3.395   9.033   1.00 28.32 ? 178 LYS A CE  1 
ATOM   288  N NZ  . LYS A 1 50  ? 1.721   4.793   9.511   1.00 36.33 ? 178 LYS A NZ  1 
ATOM   289  N N   . LEU A 1 51  ? -1.302  -0.953  6.690   1.00 18.37 ? 179 LEU A N   1 
ATOM   290  C CA  . LEU A 1 51  ? -0.798  -0.994  5.330   1.00 18.96 ? 179 LEU A CA  1 
ATOM   291  C C   . LEU A 1 51  ? 0.234   0.069   5.033   1.00 19.54 ? 179 LEU A C   1 
ATOM   292  O O   . LEU A 1 51  ? 0.132   1.218   5.507   1.00 21.15 ? 179 LEU A O   1 
ATOM   293  C CB  . LEU A 1 51  ? -1.948  -0.862  4.307   1.00 16.92 ? 179 LEU A CB  1 
ATOM   294  C CG  . LEU A 1 51  ? -2.862  -2.088  4.206   1.00 16.67 ? 179 LEU A CG  1 
ATOM   295  C CD1 . LEU A 1 51  ? -4.239  -1.683  3.634   1.00 12.19 ? 179 LEU A CD1 1 
ATOM   296  C CD2 . LEU A 1 51  ? -2.209  -3.199  3.353   1.00 9.90  ? 179 LEU A CD2 1 
ATOM   297  N N   . LEU A 1 52  ? 1.193   -0.298  4.190   1.00 19.53 ? 180 LEU A N   1 
ATOM   298  C CA  . LEU A 1 52  ? 2.242   0.600   3.765   1.00 20.10 ? 180 LEU A CA  1 
ATOM   299  C C   . LEU A 1 52  ? 1.748   2.046   3.462   1.00 20.96 ? 180 LEU A C   1 
ATOM   300  O O   . LEU A 1 52  ? 0.741   2.233   2.785   1.00 19.12 ? 180 LEU A O   1 
ATOM   301  C CB  . LEU A 1 52  ? 2.884   0.025   2.526   1.00 19.53 ? 180 LEU A CB  1 
ATOM   302  C CG  . LEU A 1 52  ? 3.957   0.861   1.839   1.00 20.55 ? 180 LEU A CG  1 
ATOM   303  C CD1 . LEU A 1 52  ? 5.269   0.810   2.599   1.00 13.20 ? 180 LEU A CD1 1 
ATOM   304  C CD2 . LEU A 1 52  ? 4.085   0.253   0.471   1.00 15.09 ? 180 LEU A CD2 1 
ATOM   305  N N   . LYS A 1 53  ? 2.491   3.022   3.996   1.00 21.82 ? 181 LYS A N   1 
ATOM   306  C CA  . LYS A 1 53  ? 2.338   4.446   3.741   1.00 23.05 ? 181 LYS A CA  1 
ATOM   307  C C   . LYS A 1 53  ? 3.688   4.990   3.281   1.00 24.18 ? 181 LYS A C   1 
ATOM   308  O O   . LYS A 1 53  ? 4.668   4.964   4.030   1.00 25.89 ? 181 LYS A O   1 
ATOM   309  C CB  . LYS A 1 53  ? 1.893   5.144   5.022   1.00 21.87 ? 181 LYS A CB  1 
ATOM   310  C CG  . LYS A 1 53  ? 1.881   6.667   4.953   1.00 23.93 ? 181 LYS A CG  1 
ATOM   311  C CD  . LYS A 1 53  ? 1.460   7.225   6.297   1.00 24.81 ? 181 LYS A CD  1 
ATOM   312  C CE  . LYS A 1 53  ? 1.029   8.650   6.178   1.00 29.79 ? 181 LYS A CE  1 
ATOM   313  N NZ  . LYS A 1 53  ? 1.898   9.637   6.838   1.00 29.29 ? 181 LYS A NZ  1 
ATOM   314  N N   . ILE A 1 54  ? 3.749   5.461   2.044   1.00 25.54 ? 182 ILE A N   1 
ATOM   315  C CA  . ILE A 1 54  ? 4.995   5.912   1.446   1.00 26.97 ? 182 ILE A CA  1 
ATOM   316  C C   . ILE A 1 54  ? 5.087   7.422   1.669   1.00 29.37 ? 182 ILE A C   1 
ATOM   317  O O   . ILE A 1 54  ? 4.317   8.197   1.111   1.00 28.81 ? 182 ILE A O   1 
ATOM   318  C CB  . ILE A 1 54  ? 5.025   5.563   -0.066  1.00 27.33 ? 182 ILE A CB  1 
ATOM   319  C CG1 . ILE A 1 54  ? 5.204   4.040   -0.244  1.00 28.02 ? 182 ILE A CG1 1 
ATOM   320  C CG2 . ILE A 1 54  ? 6.120   6.379   -0.855  1.00 25.15 ? 182 ILE A CG2 1 
ATOM   321  C CD1 . ILE A 1 54  ? 4.633   3.521   -1.485  1.00 30.20 ? 182 ILE A CD1 1 
ATOM   322  N N   . ASN A 1 55  ? 6.013   7.853   2.505   1.00 32.16 ? 183 ASN A N   1 
ATOM   323  C CA  . ASN A 1 55  ? 6.063   9.289   2.801   1.00 35.42 ? 183 ASN A CA  1 
ATOM   324  C C   . ASN A 1 55  ? 7.239   10.037  2.140   1.00 35.00 ? 183 ASN A C   1 
ATOM   325  O O   . ASN A 1 55  ? 7.327   11.249  2.204   1.00 35.82 ? 183 ASN A O   1 
ATOM   326  C CB  . ASN A 1 55  ? 5.896   9.584   4.317   1.00 36.24 ? 183 ASN A CB  1 
ATOM   327  C CG  . ASN A 1 55  ? 4.960   10.795  4.572   1.00 42.33 ? 183 ASN A CG  1 
ATOM   328  O OD1 . ASN A 1 55  ? 5.174   11.561  5.536   1.00 46.80 ? 183 ASN A OD1 1 
ATOM   329  N ND2 . ASN A 1 55  ? 3.920   10.992  3.686   1.00 43.00 ? 183 ASN A ND2 1 
ATOM   330  N N   . SER A 1 56  ? 8.110   9.307   1.457   1.00 35.26 ? 184 SER A N   1 
ATOM   331  C CA  . SER A 1 56  ? 9.269   9.915   0.818   1.00 34.93 ? 184 SER A CA  1 
ATOM   332  C C   . SER A 1 56  ? 9.666   9.156   -0.415  1.00 34.76 ? 184 SER A C   1 
ATOM   333  O O   . SER A 1 56  ? 9.248   8.011   -0.639  1.00 34.53 ? 184 SER A O   1 
ATOM   334  C CB  . SER A 1 56  ? 10.474  9.933   1.773   1.00 34.46 ? 184 SER A CB  1 
ATOM   335  O OG  . SER A 1 56  ? 10.744  8.651   2.315   1.00 34.71 ? 184 SER A OG  1 
ATOM   336  N N   . THR A 1 57  ? 10.533  9.780   -1.186  1.00 34.59 ? 185 THR A N   1 
ATOM   337  C CA  . THR A 1 57  ? 11.224  9.100   -2.258  1.00 34.65 ? 185 THR A CA  1 
ATOM   338  C C   . THR A 1 57  ? 12.022  7.870   -1.784  1.00 33.49 ? 185 THR A C   1 
ATOM   339  O O   . THR A 1 57  ? 11.979  6.859   -2.492  1.00 33.00 ? 185 THR A O   1 
ATOM   340  C CB  . THR A 1 57  ? 12.056  10.106  -3.028  1.00 35.17 ? 185 THR A CB  1 
ATOM   341  O OG1 . THR A 1 57  ? 11.148  10.853  -3.847  1.00 37.73 ? 185 THR A OG1 1 
ATOM   342  C CG2 . THR A 1 57  ? 13.159  9.411   -3.927  1.00 37.79 ? 185 THR A CG2 1 
ATOM   343  N N   . ALA A 1 58  ? 12.665  7.949   -0.592  1.00 32.32 ? 186 ALA A N   1 
ATOM   344  C CA  . ALA A 1 58  ? 13.450  6.848   0.023   1.00 30.53 ? 186 ALA A CA  1 
ATOM   345  C C   . ALA A 1 58  ? 12.584  5.664   0.302   1.00 30.57 ? 186 ALA A C   1 
ATOM   346  O O   . ALA A 1 58  ? 12.971  4.508   0.012   1.00 31.54 ? 186 ALA A O   1 
ATOM   347  C CB  . ALA A 1 58  ? 14.132  7.281   1.322   1.00 29.32 ? 186 ALA A CB  1 
ATOM   348  N N   . ASP A 1 59  ? 11.408  5.932   0.869   1.00 30.25 ? 187 ASP A N   1 
ATOM   349  C CA  . ASP A 1 59  ? 10.403  4.886   1.093   1.00 29.47 ? 187 ASP A CA  1 
ATOM   350  C C   . ASP A 1 59  ? 10.061  4.196   -0.226  1.00 28.08 ? 187 ASP A C   1 
ATOM   351  O O   . ASP A 1 59  ? 10.084  2.983   -0.321  1.00 27.41 ? 187 ASP A O   1 
ATOM   352  C CB  . ASP A 1 59  ? 9.130   5.486   1.657   1.00 29.90 ? 187 ASP A CB  1 
ATOM   353  C CG  . ASP A 1 59  ? 9.249   5.825   3.102   1.00 31.75 ? 187 ASP A CG  1 
ATOM   354  O OD1 . ASP A 1 59  ? 10.355  5.609   3.650   1.00 34.04 ? 187 ASP A OD1 1 
ATOM   355  O OD2 . ASP A 1 59  ? 8.241   6.316   3.666   1.00 32.15 ? 187 ASP A OD2 1 
ATOM   356  N N   . LEU A 1 60  ? 9.755   4.988   -1.236  1.00 27.36 ? 188 LEU A N   1 
ATOM   357  C CA  . LEU A 1 60  ? 9.394   4.458   -2.509  1.00 27.62 ? 188 LEU A CA  1 
ATOM   358  C C   . LEU A 1 60  ? 10.523  3.552   -3.036  1.00 28.75 ? 188 LEU A C   1 
ATOM   359  O O   . LEU A 1 60  ? 10.252  2.403   -3.439  1.00 28.80 ? 188 LEU A O   1 
ATOM   360  C CB  . LEU A 1 60  ? 9.096   5.572   -3.495  1.00 27.31 ? 188 LEU A CB  1 
ATOM   361  C CG  . LEU A 1 60  ? 8.691   4.997   -4.868  1.00 27.22 ? 188 LEU A CG  1 
ATOM   362  C CD1 . LEU A 1 60  ? 7.424   4.166   -4.781  1.00 25.10 ? 188 LEU A CD1 1 
ATOM   363  C CD2 . LEU A 1 60  ? 8.554   6.038   -5.974  1.00 29.53 ? 188 LEU A CD2 1 
ATOM   364  N N   . ASP A 1 61  ? 11.779  4.032   -3.040  1.00 28.83 ? 189 ASP A N   1 
ATOM   365  C CA  . ASP A 1 61  ? 12.826  3.137   -3.522  1.00 28.94 ? 189 ASP A CA  1 
ATOM   366  C C   . ASP A 1 61  ? 13.194  1.989   -2.615  1.00 27.07 ? 189 ASP A C   1 
ATOM   367  O O   . ASP A 1 61  ? 13.490  0.912   -3.133  1.00 26.51 ? 189 ASP A O   1 
ATOM   368  C CB  . ASP A 1 61  ? 14.049  3.786   -4.179  1.00 30.96 ? 189 ASP A CB  1 
ATOM   369  C CG  . ASP A 1 61  ? 14.640  4.905   -3.383  1.00 36.17 ? 189 ASP A CG  1 
ATOM   370  O OD1 . ASP A 1 61  ? 14.850  5.995   -4.008  1.00 39.13 ? 189 ASP A OD1 1 
ATOM   371  O OD2 . ASP A 1 61  ? 14.933  4.685   -2.167  1.00 42.81 ? 189 ASP A OD2 1 
ATOM   372  N N   . PHE A 1 62  ? 13.094  2.142   -1.306  1.00 24.02 ? 190 PHE A N   1 
ATOM   373  C CA  . PHE A 1 62  ? 13.252  0.948   -0.523  1.00 23.16 ? 190 PHE A CA  1 
ATOM   374  C C   . PHE A 1 62  ? 12.218  -0.149  -0.954  1.00 22.92 ? 190 PHE A C   1 
ATOM   375  O O   . PHE A 1 62  ? 12.533  -1.353  -1.124  1.00 22.16 ? 190 PHE A O   1 
ATOM   376  C CB  . PHE A 1 62  ? 13.146  1.285   0.940   1.00 22.75 ? 190 PHE A CB  1 
ATOM   377  C CG  . PHE A 1 62  ? 12.712  0.133   1.804   1.00 24.85 ? 190 PHE A CG  1 
ATOM   378  C CD1 . PHE A 1 62  ? 11.402  0.077   2.324   1.00 22.99 ? 190 PHE A CD1 1 
ATOM   379  C CD2 . PHE A 1 62  ? 13.598  -0.910  2.112   1.00 23.35 ? 190 PHE A CD2 1 
ATOM   380  C CE1 . PHE A 1 62  ? 11.003  -0.993  3.167   1.00 21.14 ? 190 PHE A CE1 1 
ATOM   381  C CE2 . PHE A 1 62  ? 13.186  -2.005  2.939   1.00 20.75 ? 190 PHE A CE2 1 
ATOM   382  C CZ  . PHE A 1 62  ? 11.901  -2.032  3.467   1.00 23.01 ? 190 PHE A CZ  1 
ATOM   383  N N   . ILE A 1 63  ? 10.974  0.265   -1.107  1.00 22.11 ? 191 ILE A N   1 
ATOM   384  C CA  . ILE A 1 63  ? 9.926   -0.689  -1.380  1.00 21.94 ? 191 ILE A CA  1 
ATOM   385  C C   . ILE A 1 63  ? 10.154  -1.286  -2.778  1.00 22.29 ? 191 ILE A C   1 
ATOM   386  O O   . ILE A 1 63  ? 10.034  -2.511  -2.953  1.00 20.85 ? 191 ILE A O   1 
ATOM   387  C CB  . ILE A 1 63  ? 8.547   -0.015  -1.331  1.00 21.78 ? 191 ILE A CB  1 
ATOM   388  C CG1 . ILE A 1 63  ? 8.194   0.286   0.131   1.00 20.28 ? 191 ILE A CG1 1 
ATOM   389  C CG2 . ILE A 1 63  ? 7.494   -0.930  -2.004  1.00 21.71 ? 191 ILE A CG2 1 
ATOM   390  C CD1 . ILE A 1 63  ? 8.124   -0.927  1.003   1.00 18.89 ? 191 ILE A CD1 1 
ATOM   391  N N   . GLN A 1 64  ? 10.453  -0.416  -3.757  1.00 22.48 ? 192 GLN A N   1 
ATOM   392  C CA  . GLN A 1 64  ? 10.744  -0.878  -5.119  1.00 23.90 ? 192 GLN A CA  1 
ATOM   393  C C   . GLN A 1 64  ? 11.855  -1.940  -5.107  1.00 23.62 ? 192 GLN A C   1 
ATOM   394  O O   . GLN A 1 64  ? 11.744  -2.939  -5.791  1.00 24.62 ? 192 GLN A O   1 
ATOM   395  C CB  . GLN A 1 64  ? 11.073  0.274   -6.027  1.00 23.94 ? 192 GLN A CB  1 
ATOM   396  C CG  . GLN A 1 64  ? 9.846   0.901   -6.580  1.00 28.45 ? 192 GLN A CG  1 
ATOM   397  C CD  . GLN A 1 64  ? 10.122  2.246   -7.286  1.00 35.97 ? 192 GLN A CD  1 
ATOM   398  O OE1 . GLN A 1 64  ? 11.126  2.923   -7.016  1.00 42.44 ? 192 GLN A OE1 1 
ATOM   399  N NE2 . GLN A 1 64  ? 9.223   2.636   -8.201  1.00 35.21 ? 192 GLN A NE2 1 
ATOM   400  N N   . GLN A 1 65  ? 12.855  -1.770  -4.264  1.00 22.99 ? 193 GLN A N   1 
ATOM   401  C CA  . GLN A 1 65  ? 13.934  -2.733  -4.169  1.00 23.53 ? 193 GLN A CA  1 
ATOM   402  C C   . GLN A 1 65  ? 13.504  -4.030  -3.517  1.00 21.76 ? 193 GLN A C   1 
ATOM   403  O O   . GLN A 1 65  ? 13.943  -5.093  -3.976  1.00 19.78 ? 193 GLN A O   1 
ATOM   404  C CB  . GLN A 1 65  ? 15.150  -2.173  -3.419  1.00 23.99 ? 193 GLN A CB  1 
ATOM   405  C CG  . GLN A 1 65  ? 15.935  -3.223  -2.553  1.00 29.61 ? 193 GLN A CG  1 
ATOM   406  C CD  . GLN A 1 65  ? 16.061  -2.764  -1.077  1.00 38.17 ? 193 GLN A CD  1 
ATOM   407  O OE1 . GLN A 1 65  ? 15.182  -3.083  -0.227  1.00 38.70 ? 193 GLN A OE1 1 
ATOM   408  N NE2 . GLN A 1 65  ? 17.132  -1.974  -0.774  1.00 37.10 ? 193 GLN A NE2 1 
ATOM   409  N N   . ALA A 1 66  ? 12.700  -3.924  -2.452  1.00 20.70 ? 194 ALA A N   1 
ATOM   410  C CA  . ALA A 1 66  ? 12.288  -5.094  -1.662  1.00 21.67 ? 194 ALA A CA  1 
ATOM   411  C C   . ALA A 1 66  ? 11.449  -6.033  -2.495  1.00 21.93 ? 194 ALA A C   1 
ATOM   412  O O   . ALA A 1 66  ? 11.480  -7.251  -2.315  1.00 22.49 ? 194 ALA A O   1 
ATOM   413  C CB  . ALA A 1 66  ? 11.499  -4.689  -0.417  1.00 22.26 ? 194 ALA A CB  1 
ATOM   414  N N   . ILE A 1 67  ? 10.702  -5.449  -3.404  1.00 22.08 ? 195 ILE A N   1 
ATOM   415  C CA  . ILE A 1 67  ? 9.833   -6.190  -4.285  1.00 22.85 ? 195 ILE A CA  1 
ATOM   416  C C   . ILE A 1 67  ? 10.627  -7.041  -5.281  1.00 24.02 ? 195 ILE A C   1 
ATOM   417  O O   . ILE A 1 67  ? 10.082  -7.994  -5.832  1.00 24.76 ? 195 ILE A O   1 
ATOM   418  C CB  . ILE A 1 67  ? 8.930   -5.240  -5.005  1.00 21.94 ? 195 ILE A CB  1 
ATOM   419  C CG1 . ILE A 1 67  ? 7.851   -4.797  -4.036  1.00 23.39 ? 195 ILE A CG1 1 
ATOM   420  C CG2 . ILE A 1 67  ? 8.283   -5.897  -6.212  1.00 22.12 ? 195 ILE A CG2 1 
ATOM   421  C CD1 . ILE A 1 67  ? 6.961   -3.663  -4.569  1.00 24.83 ? 195 ILE A CD1 1 
ATOM   422  N N   . SER A 1 68  ? 11.901  -6.718  -5.520  1.00 23.87 ? 196 SER A N   1 
ATOM   423  C CA  . SER A 1 68  ? 12.803  -7.680  -6.199  1.00 24.42 ? 196 SER A CA  1 
ATOM   424  C C   . SER A 1 68  ? 12.282  -8.170  -7.552  1.00 23.71 ? 196 SER A C   1 
ATOM   425  O O   . SER A 1 68  ? 12.490  -9.361  -7.893  1.00 22.86 ? 196 SER A O   1 
ATOM   426  C CB  . SER A 1 68  ? 13.015  -8.960  -5.352  1.00 24.21 ? 196 SER A CB  1 
ATOM   427  O OG  . SER A 1 68  ? 13.415  -8.665  -4.033  1.00 27.33 ? 196 SER A OG  1 
ATOM   428  N N   . TYR A 1 69  ? 11.610  -7.287  -8.289  1.00 22.16 ? 197 TYR A N   1 
ATOM   429  C CA  . TYR A 1 69  ? 11.154  -7.596  -9.648  1.00 22.80 ? 197 TYR A CA  1 
ATOM   430  C C   . TYR A 1 69  ? 10.011  -8.618  -9.697  1.00 22.22 ? 197 TYR A C   1 
ATOM   431  O O   . TYR A 1 69  ? 9.736   -9.216  -10.755 1.00 21.00 ? 197 TYR A O   1 
ATOM   432  C CB  . TYR A 1 69  ? 12.339  -8.013  -10.571 1.00 23.28 ? 197 TYR A CB  1 
ATOM   433  C CG  . TYR A 1 69  ? 13.389  -6.898  -10.771 1.00 24.26 ? 197 TYR A CG  1 
ATOM   434  C CD1 . TYR A 1 69  ? 13.037  -5.681  -11.421 1.00 25.84 ? 197 TYR A CD1 1 
ATOM   435  C CD2 . TYR A 1 69  ? 14.696  -7.037  -10.273 1.00 24.37 ? 197 TYR A CD2 1 
ATOM   436  C CE1 . TYR A 1 69  ? 13.984  -4.650  -11.622 1.00 26.65 ? 197 TYR A CE1 1 
ATOM   437  C CE2 . TYR A 1 69  ? 15.655  -6.033  -10.461 1.00 24.56 ? 197 TYR A CE2 1 
ATOM   438  C CZ  . TYR A 1 69  ? 15.284  -4.848  -11.128 1.00 27.49 ? 197 TYR A CZ  1 
ATOM   439  O OH  . TYR A 1 69  ? 16.191  -3.861  -11.277 1.00 29.67 ? 197 TYR A OH  1 
ATOM   440  N N   . SER A 1 70  ? 9.341   -8.803  -8.562  1.00 21.16 ? 198 SER A N   1 
ATOM   441  C CA  . SER A 1 70  ? 8.039   -9.484  -8.570  1.00 21.49 ? 198 SER A CA  1 
ATOM   442  C C   . SER A 1 70  ? 7.090   -8.702  -9.512  1.00 20.62 ? 198 SER A C   1 
ATOM   443  O O   . SER A 1 70  ? 7.111   -7.459  -9.523  1.00 20.38 ? 198 SER A O   1 
ATOM   444  C CB  . SER A 1 70  ? 7.435   -9.486  -7.185  1.00 20.52 ? 198 SER A CB  1 
ATOM   445  O OG  . SER A 1 70  ? 6.264   -10.233 -7.197  1.00 23.87 ? 198 SER A OG  1 
ATOM   446  N N   . SER A 1 71  ? 6.267   -9.421  -10.295 1.00 19.81 ? 199 SER A N   1 
ATOM   447  C CA  . SER A 1 71  ? 5.177   -8.777  -11.088 1.00 18.13 ? 199 SER A CA  1 
ATOM   448  C C   . SER A 1 71  ? 3.805   -8.858  -10.344 1.00 17.80 ? 199 SER A C   1 
ATOM   449  O O   . SER A 1 71  ? 2.730   -8.541  -10.899 1.00 16.81 ? 199 SER A O   1 
ATOM   450  C CB  . SER A 1 71  ? 5.108   -9.410  -12.491 1.00 17.69 ? 199 SER A CB  1 
ATOM   451  O OG  . SER A 1 71  ? 4.914   -10.824 -12.378 1.00 19.14 ? 199 SER A OG  1 
ATOM   452  N N   . PHE A 1 72  ? 3.823   -9.356  -9.103  1.00 16.51 ? 200 PHE A N   1 
ATOM   453  C CA  . PHE A 1 72  ? 2.583   -9.381  -8.340  1.00 16.04 ? 200 PHE A CA  1 
ATOM   454  C C   . PHE A 1 72  ? 2.136   -7.936  -8.017  1.00 16.93 ? 200 PHE A C   1 
ATOM   455  O O   . PHE A 1 72  ? 2.967   -6.993  -7.965  1.00 16.50 ? 200 PHE A O   1 
ATOM   456  C CB  . PHE A 1 72  ? 2.789   -10.126 -7.043  1.00 15.08 ? 200 PHE A CB  1 
ATOM   457  C CG  . PHE A 1 72  ? 2.815   -11.643 -7.171  1.00 12.50 ? 200 PHE A CG  1 
ATOM   458  C CD1 . PHE A 1 72  ? 1.780   -12.343 -7.777  1.00 15.12 ? 200 PHE A CD1 1 
ATOM   459  C CD2 . PHE A 1 72  ? 3.799   -12.359 -6.541  1.00 11.69 ? 200 PHE A CD2 1 
ATOM   460  C CE1 . PHE A 1 72  ? 1.766   -13.763 -7.811  1.00 17.37 ? 200 PHE A CE1 1 
ATOM   461  C CE2 . PHE A 1 72  ? 3.817   -13.754 -6.566  1.00 12.67 ? 200 PHE A CE2 1 
ATOM   462  C CZ  . PHE A 1 72  ? 2.826   -14.463 -7.191  1.00 14.04 ? 200 PHE A CZ  1 
ATOM   463  N N   . PRO A 1 73  ? 0.827   -7.740  -7.778  1.00 16.37 ? 201 PRO A N   1 
ATOM   464  C CA  . PRO A 1 73  ? 0.449   -6.431  -7.226  1.00 16.06 ? 201 PRO A CA  1 
ATOM   465  C C   . PRO A 1 73  ? 0.458   -6.442  -5.663  1.00 16.26 ? 201 PRO A C   1 
ATOM   466  O O   . PRO A 1 73  ? 0.171   -7.481  -5.045  1.00 15.59 ? 201 PRO A O   1 
ATOM   467  C CB  . PRO A 1 73  ? -0.966  -6.227  -7.796  1.00 15.77 ? 201 PRO A CB  1 
ATOM   468  C CG  . PRO A 1 73  ? -1.553  -7.741  -7.757  1.00 16.43 ? 201 PRO A CG  1 
ATOM   469  C CD  . PRO A 1 73  ? -0.337  -8.583  -8.140  1.00 16.90 ? 201 PRO A CD  1 
ATOM   470  N N   . PHE A 1 74  ? 0.777   -5.291  -5.058  1.00 15.65 ? 202 PHE A N   1 
ATOM   471  C CA  . PHE A 1 74  ? 0.935   -5.153  -3.603  1.00 16.79 ? 202 PHE A CA  1 
ATOM   472  C C   . PHE A 1 74  ? 0.147   -3.925  -3.104  1.00 17.35 ? 202 PHE A C   1 
ATOM   473  O O   . PHE A 1 74  ? 0.537   -2.744  -3.389  1.00 17.01 ? 202 PHE A O   1 
ATOM   474  C CB  . PHE A 1 74  ? 2.405   -5.020  -3.177  1.00 16.26 ? 202 PHE A CB  1 
ATOM   475  C CG  . PHE A 1 74  ? 3.235   -6.209  -3.538  1.00 17.36 ? 202 PHE A CG  1 
ATOM   476  C CD1 . PHE A 1 74  ? 3.930   -6.244  -4.753  1.00 16.66 ? 202 PHE A CD1 1 
ATOM   477  C CD2 . PHE A 1 74  ? 3.320   -7.283  -2.682  1.00 14.33 ? 202 PHE A CD2 1 
ATOM   478  C CE1 . PHE A 1 74  ? 4.706   -7.386  -5.121  1.00 17.73 ? 202 PHE A CE1 1 
ATOM   479  C CE2 . PHE A 1 74  ? 4.097   -8.431  -3.039  1.00 17.79 ? 202 PHE A CE2 1 
ATOM   480  C CZ  . PHE A 1 74  ? 4.787   -8.483  -4.258  1.00 13.10 ? 202 PHE A CZ  1 
ATOM   481  N N   . TRP A 1 75  ? -0.962  -4.216  -2.393  1.00 16.56 ? 203 TRP A N   1 
ATOM   482  C CA  . TRP A 1 75  ? -1.792  -3.137  -1.815  1.00 17.11 ? 203 TRP A CA  1 
ATOM   483  C C   . TRP A 1 75  ? -0.932  -2.261  -0.910  1.00 16.83 ? 203 TRP A C   1 
ATOM   484  O O   . TRP A 1 75  ? -0.097  -2.794  -0.159  1.00 16.46 ? 203 TRP A O   1 
ATOM   485  C CB  . TRP A 1 75  ? -2.896  -3.708  -0.963  1.00 16.37 ? 203 TRP A CB  1 
ATOM   486  C CG  . TRP A 1 75  ? -4.041  -4.290  -1.628  1.00 14.28 ? 203 TRP A CG  1 
ATOM   487  C CD1 . TRP A 1 75  ? -4.580  -5.521  -1.357  1.00 14.15 ? 203 TRP A CD1 1 
ATOM   488  C CD2 . TRP A 1 75  ? -4.865  -3.689  -2.647  1.00 14.00 ? 203 TRP A CD2 1 
ATOM   489  N NE1 . TRP A 1 75  ? -5.715  -5.720  -2.141  1.00 18.04 ? 203 TRP A NE1 1 
ATOM   490  C CE2 . TRP A 1 75  ? -5.902  -4.618  -2.948  1.00 16.39 ? 203 TRP A CE2 1 
ATOM   491  C CE3 . TRP A 1 75  ? -4.841  -2.465  -3.320  1.00 14.70 ? 203 TRP A CE3 1 
ATOM   492  C CZ2 . TRP A 1 75  ? -6.911  -4.350  -3.887  1.00 17.17 ? 203 TRP A CZ2 1 
ATOM   493  C CZ3 . TRP A 1 75  ? -5.871  -2.193  -4.287  1.00 15.38 ? 203 TRP A CZ3 1 
ATOM   494  C CH2 . TRP A 1 75  ? -6.878  -3.139  -4.555  1.00 17.92 ? 203 TRP A CH2 1 
ATOM   495  N N   . MET A 1 76  ? -1.123  -0.941  -0.994  1.00 16.59 ? 204 MET A N   1 
ATOM   496  C CA  . MET A 1 76  ? -0.614  -0.001  0.041   1.00 17.03 ? 204 MET A CA  1 
ATOM   497  C C   . MET A 1 76  ? -1.838  0.635   0.717   1.00 17.49 ? 204 MET A C   1 
ATOM   498  O O   . MET A 1 76  ? -2.980  0.379   0.290   1.00 19.56 ? 204 MET A O   1 
ATOM   499  C CB  . MET A 1 76  ? 0.353   1.083   -0.555  1.00 16.05 ? 204 MET A CB  1 
ATOM   500  C CG  . MET A 1 76  ? -0.351  2.002   -1.546  1.00 16.54 ? 204 MET A CG  1 
ATOM   501  S SD  . MET A 1 76  ? 0.732   3.250   -2.321  1.00 25.96 ? 204 MET A SD  1 
ATOM   502  C CE  . MET A 1 76  ? 1.924   2.271   -3.264  1.00 23.89 ? 204 MET A CE  1 
ATOM   503  N N   . GLY A 1 77  ? -1.625  1.496   1.720   1.00 17.40 ? 205 GLY A N   1 
ATOM   504  C CA  . GLY A 1 77  ? -2.721  2.051   2.538   1.00 17.75 ? 205 GLY A CA  1 
ATOM   505  C C   . GLY A 1 77  ? -3.414  3.271   1.962   1.00 18.41 ? 205 GLY A C   1 
ATOM   506  O O   . GLY A 1 77  ? -4.019  4.044   2.690   1.00 17.91 ? 205 GLY A O   1 
ATOM   507  N N   . LEU A 1 78  ? -3.296  3.473   0.660   1.00 18.04 ? 206 LEU A N   1 
ATOM   508  C CA  . LEU A 1 78  ? -3.840  4.664   0.032   1.00 18.43 ? 206 LEU A CA  1 
ATOM   509  C C   . LEU A 1 78  ? -5.181  4.348   -0.650  1.00 19.20 ? 206 LEU A C   1 
ATOM   510  O O   . LEU A 1 78  ? -5.311  3.360   -1.388  1.00 18.76 ? 206 LEU A O   1 
ATOM   511  C CB  . LEU A 1 78  ? -2.849  5.223   -0.983  1.00 18.56 ? 206 LEU A CB  1 
ATOM   512  C CG  . LEU A 1 78  ? -3.094  6.633   -1.520  1.00 18.66 ? 206 LEU A CG  1 
ATOM   513  C CD1 . LEU A 1 78  ? -2.601  7.640   -0.516  1.00 15.62 ? 206 LEU A CD1 1 
ATOM   514  C CD2 . LEU A 1 78  ? -2.392  6.833   -2.829  1.00 16.79 ? 206 LEU A CD2 1 
ATOM   515  N N   . SER A 1 79  ? -6.182  5.192   -0.432  1.00 19.17 ? 207 SER A N   1 
ATOM   516  C CA  . SER A 1 79  ? -7.512  4.883   -0.944  1.00 19.17 ? 207 SER A CA  1 
ATOM   517  C C   . SER A 1 79  ? -8.365  6.162   -1.054  1.00 20.56 ? 207 SER A C   1 
ATOM   518  O O   . SER A 1 79  ? -7.979  7.264   -0.594  1.00 20.65 ? 207 SER A O   1 
ATOM   519  C CB  . SER A 1 79  ? -8.226  3.820   -0.049  1.00 18.95 ? 207 SER A CB  1 
ATOM   520  O OG  . SER A 1 79  ? -8.499  4.335   1.274   1.00 16.93 ? 207 SER A OG  1 
ATOM   521  N N   . ARG A 1 80  ? -9.531  6.001   -1.656  1.00 20.22 ? 208 ARG A N   1 
ATOM   522  C CA  . ARG A 1 80  ? -10.498 7.063   -1.676  1.00 21.99 ? 208 ARG A CA  1 
ATOM   523  C C   . ARG A 1 80  ? -11.810 6.443   -2.135  1.00 23.02 ? 208 ARG A C   1 
ATOM   524  O O   . ARG A 1 80  ? -11.798 5.386   -2.821  1.00 22.86 ? 208 ARG A O   1 
ATOM   525  C CB  . ARG A 1 80  ? -10.044 8.161   -2.647  1.00 21.10 ? 208 ARG A CB  1 
ATOM   526  C CG  . ARG A 1 80  ? -10.058 7.761   -4.111  1.00 23.42 ? 208 ARG A CG  1 
ATOM   527  C CD  . ARG A 1 80  ? -9.818  9.017   -4.874  1.00 24.45 ? 208 ARG A CD  1 
ATOM   528  N NE  . ARG A 1 80  ? -9.643  8.878   -6.298  1.00 25.37 ? 208 ARG A NE  1 
ATOM   529  C CZ  . ARG A 1 80  ? -9.176  9.887   -7.051  1.00 30.04 ? 208 ARG A CZ  1 
ATOM   530  N NH1 . ARG A 1 80  ? -8.890  11.075  -6.461  1.00 27.45 ? 208 ARG A NH1 1 
ATOM   531  N NH2 . ARG A 1 80  ? -9.007  9.732   -8.380  1.00 27.83 ? 208 ARG A NH2 1 
ATOM   532  N N   . ARG A 1 81  ? -12.940 7.052   -1.805  1.00 23.92 ? 209 ARG A N   1 
ATOM   533  C CA  . ARG A 1 81  ? -14.123 6.314   -2.139  1.00 25.79 ? 209 ARG A CA  1 
ATOM   534  C C   . ARG A 1 81  ? -14.660 6.526   -3.550  1.00 25.53 ? 209 ARG A C   1 
ATOM   535  O O   . ARG A 1 81  ? -15.205 5.585   -4.173  1.00 24.46 ? 209 ARG A O   1 
ATOM   536  C CB  . ARG A 1 81  ? -15.136 6.343   -1.020  1.00 27.11 ? 209 ARG A CB  1 
ATOM   537  C CG  . ARG A 1 81  ? -15.859 7.608   -0.797  1.00 34.35 ? 209 ARG A CG  1 
ATOM   538  C CD  . ARG A 1 81  ? -17.303 7.313   -1.200  1.00 47.26 ? 209 ARG A CD  1 
ATOM   539  N NE  . ARG A 1 81  ? -18.315 7.810   -0.265  1.00 55.57 ? 209 ARG A NE  1 
ATOM   540  C CZ  . ARG A 1 81  ? -19.627 7.607   -0.418  1.00 60.97 ? 209 ARG A CZ  1 
ATOM   541  N NH1 . ARG A 1 81  ? -20.081 6.899   -1.468  1.00 62.09 ? 209 ARG A NH1 1 
ATOM   542  N NH2 . ARG A 1 81  ? -20.484 8.097   0.483   1.00 61.26 ? 209 ARG A NH2 1 
ATOM   543  N N   . ASN A 1 82  ? -14.415 7.715   -4.089  1.00 25.20 ? 210 ASN A N   1 
ATOM   544  C CA  . ASN A 1 82  ? -14.623 7.946   -5.508  1.00 26.11 ? 210 ASN A CA  1 
ATOM   545  C C   . ASN A 1 82  ? -13.723 9.057   -6.008  1.00 25.88 ? 210 ASN A C   1 
ATOM   546  O O   . ASN A 1 82  ? -12.944 9.612   -5.238  1.00 26.73 ? 210 ASN A O   1 
ATOM   547  C CB  . ASN A 1 82  ? -16.103 8.220   -5.820  1.00 26.59 ? 210 ASN A CB  1 
ATOM   548  C CG  . ASN A 1 82  ? -16.610 9.452   -5.142  1.00 28.73 ? 210 ASN A CG  1 
ATOM   549  O OD1 . ASN A 1 82  ? -17.693 9.429   -4.570  1.00 34.80 ? 210 ASN A OD1 1 
ATOM   550  N ND2 . ASN A 1 82  ? -15.840 10.525  -5.171  1.00 25.21 ? 210 ASN A ND2 1 
ATOM   551  N N   . PRO A 1 83  ? -13.787 9.382   -7.302  1.00 25.98 ? 211 PRO A N   1 
ATOM   552  C CA  . PRO A 1 83  ? -12.770 10.318  -7.764  1.00 25.82 ? 211 PRO A CA  1 
ATOM   553  C C   . PRO A 1 83  ? -13.003 11.745  -7.311  1.00 26.17 ? 211 PRO A C   1 
ATOM   554  O O   . PRO A 1 83  ? -12.202 12.632  -7.619  1.00 25.19 ? 211 PRO A O   1 
ATOM   555  C CB  . PRO A 1 83  ? -12.863 10.213  -9.288  1.00 26.09 ? 211 PRO A CB  1 
ATOM   556  C CG  . PRO A 1 83  ? -13.433 8.819   -9.492  1.00 25.40 ? 211 PRO A CG  1 
ATOM   557  C CD  . PRO A 1 83  ? -14.472 8.713   -8.423  1.00 25.34 ? 211 PRO A CD  1 
ATOM   558  N N   . SER A 1 84  ? -14.052 11.994  -6.542  1.00 26.34 ? 212 SER A N   1 
ATOM   559  C CA  . SER A 1 84  ? -14.199 13.373  -6.050  1.00 27.84 ? 212 SER A CA  1 
ATOM   560  C C   . SER A 1 84  ? -13.577 13.624  -4.636  1.00 27.80 ? 212 SER A C   1 
ATOM   561  O O   . SER A 1 84  ? -13.839 14.653  -4.023  1.00 28.54 ? 212 SER A O   1 
ATOM   562  C CB  . SER A 1 84  ? -15.641 13.910  -6.251  1.00 27.46 ? 212 SER A CB  1 
ATOM   563  O OG  . SER A 1 84  ? -16.505 13.461  -5.246  1.00 33.11 ? 212 SER A OG  1 
ATOM   564  N N   . TYR A 1 85  ? -12.738 12.686  -4.169  1.00 26.09 ? 213 TYR A N   1 
ATOM   565  C CA  . TYR A 1 85  ? -12.119 12.715  -2.853  1.00 25.67 ? 213 TYR A CA  1 
ATOM   566  C C   . TYR A 1 85  ? -10.640 12.665  -3.114  1.00 24.47 ? 213 TYR A C   1 
ATOM   567  O O   . TYR A 1 85  ? -10.199 12.035  -4.069  1.00 25.00 ? 213 TYR A O   1 
ATOM   568  C CB  . TYR A 1 85  ? -12.489 11.446  -2.040  1.00 25.70 ? 213 TYR A CB  1 
ATOM   569  C CG  . TYR A 1 85  ? -13.868 11.512  -1.425  1.00 27.47 ? 213 TYR A CG  1 
ATOM   570  C CD1 . TYR A 1 85  ? -15.028 11.174  -2.167  1.00 28.42 ? 213 TYR A CD1 1 
ATOM   571  C CD2 . TYR A 1 85  ? -14.032 11.950  -0.102  1.00 29.32 ? 213 TYR A CD2 1 
ATOM   572  C CE1 . TYR A 1 85  ? -16.334 11.271  -1.578  1.00 29.85 ? 213 TYR A CE1 1 
ATOM   573  C CE2 . TYR A 1 85  ? -15.310 12.071  0.488   1.00 30.07 ? 213 TYR A CE2 1 
ATOM   574  C CZ  . TYR A 1 85  ? -16.443 11.729  -0.246  1.00 32.72 ? 213 TYR A CZ  1 
ATOM   575  O OH  . TYR A 1 85  ? -17.666 11.869  0.379   1.00 35.35 ? 213 TYR A OH  1 
ATOM   576  N N   . PRO A 1 86  ? -9.846  13.315  -2.276  1.00 23.26 ? 214 PRO A N   1 
ATOM   577  C CA  . PRO A 1 86  ? -8.404  13.106  -2.440  1.00 21.87 ? 214 PRO A CA  1 
ATOM   578  C C   . PRO A 1 86  ? -7.981  11.670  -2.063  1.00 21.22 ? 214 PRO A C   1 
ATOM   579  O O   . PRO A 1 86  ? -8.656  10.986  -1.288  1.00 20.56 ? 214 PRO A O   1 
ATOM   580  C CB  . PRO A 1 86  ? -7.790  14.099  -1.423  1.00 23.02 ? 214 PRO A CB  1 
ATOM   581  C CG  . PRO A 1 86  ? -8.927  14.267  -0.323  1.00 22.12 ? 214 PRO A CG  1 
ATOM   582  C CD  . PRO A 1 86  ? -10.185 14.274  -1.197  1.00 23.54 ? 214 PRO A CD  1 
ATOM   583  N N   . TRP A 1 87  ? -6.858  11.219  -2.598  1.00 20.59 ? 215 TRP A N   1 
ATOM   584  C CA  . TRP A 1 87  ? -6.225  10.019  -2.108  1.00 20.12 ? 215 TRP A CA  1 
ATOM   585  C C   . TRP A 1 87  ? -5.705  10.304  -0.684  1.00 19.85 ? 215 TRP A C   1 
ATOM   586  O O   . TRP A 1 87  ? -4.946  11.265  -0.505  1.00 20.69 ? 215 TRP A O   1 
ATOM   587  C CB  . TRP A 1 87  ? -5.009  9.683   -3.002  1.00 20.16 ? 215 TRP A CB  1 
ATOM   588  C CG  . TRP A 1 87  ? -5.346  9.288   -4.392  1.00 20.44 ? 215 TRP A CG  1 
ATOM   589  C CD1 . TRP A 1 87  ? -5.160  10.028  -5.536  1.00 20.19 ? 215 TRP A CD1 1 
ATOM   590  C CD2 . TRP A 1 87  ? -5.951  8.049   -4.813  1.00 21.86 ? 215 TRP A CD2 1 
ATOM   591  N NE1 . TRP A 1 87  ? -5.629  9.333   -6.642  1.00 20.49 ? 215 TRP A NE1 1 
ATOM   592  C CE2 . TRP A 1 87  ? -6.107  8.116   -6.232  1.00 20.85 ? 215 TRP A CE2 1 
ATOM   593  C CE3 . TRP A 1 87  ? -6.381  6.885   -4.128  1.00 20.57 ? 215 TRP A CE3 1 
ATOM   594  C CZ2 . TRP A 1 87  ? -6.697  7.073   -6.981  1.00 18.58 ? 215 TRP A CZ2 1 
ATOM   595  C CZ3 . TRP A 1 87  ? -6.938  5.835   -4.878  1.00 17.40 ? 215 TRP A CZ3 1 
ATOM   596  C CH2 . TRP A 1 87  ? -7.086  5.942   -6.296  1.00 18.52 ? 215 TRP A CH2 1 
ATOM   597  N N   . LEU A 1 88  ? -6.059  9.474   0.308   1.00 18.46 ? 216 LEU A N   1 
ATOM   598  C CA  . LEU A 1 88  ? -5.479  9.628   1.645   1.00 17.90 ? 216 LEU A CA  1 
ATOM   599  C C   . LEU A 1 88  ? -4.960  8.318   2.174   1.00 18.40 ? 216 LEU A C   1 
ATOM   600  O O   . LEU A 1 88  ? -5.527  7.249   1.881   1.00 18.50 ? 216 LEU A O   1 
ATOM   601  C CB  . LEU A 1 88  ? -6.498  10.205  2.619   1.00 17.20 ? 216 LEU A CB  1 
ATOM   602  C CG  . LEU A 1 88  ? -7.092  11.574  2.232   1.00 17.60 ? 216 LEU A CG  1 
ATOM   603  C CD1 . LEU A 1 88  ? -8.331  11.837  3.026   1.00 19.11 ? 216 LEU A CD1 1 
ATOM   604  C CD2 . LEU A 1 88  ? -6.088  12.582  2.533   1.00 9.75  ? 216 LEU A CD2 1 
ATOM   605  N N   . TRP A 1 89  ? -3.899  8.391   2.976   1.00 18.18 ? 217 TRP A N   1 
ATOM   606  C CA  . TRP A 1 89  ? -3.458  7.226   3.725   1.00 18.67 ? 217 TRP A CA  1 
ATOM   607  C C   . TRP A 1 89  ? -4.531  6.824   4.751   1.00 19.17 ? 217 TRP A C   1 
ATOM   608  O O   . TRP A 1 89  ? -5.439  7.608   5.027   1.00 18.33 ? 217 TRP A O   1 
ATOM   609  C CB  . TRP A 1 89  ? -2.089  7.453   4.354   1.00 18.01 ? 217 TRP A CB  1 
ATOM   610  C CG  . TRP A 1 89  ? -1.095  7.813   3.330   1.00 18.91 ? 217 TRP A CG  1 
ATOM   611  C CD1 . TRP A 1 89  ? -0.585  9.060   3.078   1.00 19.44 ? 217 TRP A CD1 1 
ATOM   612  C CD2 . TRP A 1 89  ? -0.527  6.940   2.354   1.00 19.26 ? 217 TRP A CD2 1 
ATOM   613  N NE1 . TRP A 1 89  ? 0.313   9.006   2.026   1.00 20.00 ? 217 TRP A NE1 1 
ATOM   614  C CE2 . TRP A 1 89  ? 0.365   7.717   1.561   1.00 19.82 ? 217 TRP A CE2 1 
ATOM   615  C CE3 . TRP A 1 89  ? -0.676  5.577   2.071   1.00 19.17 ? 217 TRP A CE3 1 
ATOM   616  C CZ2 . TRP A 1 89  ? 1.110   7.174   0.492   1.00 20.14 ? 217 TRP A CZ2 1 
ATOM   617  C CZ3 . TRP A 1 89  ? 0.070   5.045   1.019   1.00 23.14 ? 217 TRP A CZ3 1 
ATOM   618  C CH2 . TRP A 1 89  ? 0.963   5.854   0.238   1.00 21.83 ? 217 TRP A CH2 1 
ATOM   619  N N   . GLU A 1 90  ? -4.447  5.585   5.261   1.00 20.31 ? 218 GLU A N   1 
ATOM   620  C CA  . GLU A 1 90  ? -5.433  5.071   6.255   1.00 21.47 ? 218 GLU A CA  1 
ATOM   621  C C   . GLU A 1 90  ? -5.688  6.025   7.432   1.00 21.89 ? 218 GLU A C   1 
ATOM   622  O O   . GLU A 1 90  ? -6.839  6.181   7.874   1.00 22.65 ? 218 GLU A O   1 
ATOM   623  C CB  . GLU A 1 90  ? -4.979  3.732   6.824   1.00 20.41 ? 218 GLU A CB  1 
ATOM   624  C CG  . GLU A 1 90  ? -5.131  2.613   5.877   1.00 19.20 ? 218 GLU A CG  1 
ATOM   625  C CD  . GLU A 1 90  ? -4.525  1.332   6.423   1.00 21.79 ? 218 GLU A CD  1 
ATOM   626  O OE1 . GLU A 1 90  ? -5.302  0.380   6.706   1.00 21.09 ? 218 GLU A OE1 1 
ATOM   627  O OE2 . GLU A 1 90  ? -3.276  1.304   6.618   1.00 17.92 ? 218 GLU A OE2 1 
ATOM   628  N N   . ASP A 1 91  ? -4.612  6.663   7.908   1.00 22.41 ? 219 ASP A N   1 
ATOM   629  C CA  . ASP A 1 91  ? -4.650  7.594   9.063   1.00 22.80 ? 219 ASP A CA  1 
ATOM   630  C C   . ASP A 1 91  ? -5.267  8.929   8.685   1.00 23.04 ? 219 ASP A C   1 
ATOM   631  O O   . ASP A 1 91  ? -5.416  9.772   9.544   1.00 23.19 ? 219 ASP A O   1 
ATOM   632  C CB  . ASP A 1 91  ? -3.242  7.814   9.753   1.00 22.07 ? 219 ASP A CB  1 
ATOM   633  C CG  . ASP A 1 91  ? -2.208  8.557   8.861   1.00 24.75 ? 219 ASP A CG  1 
ATOM   634  O OD1 . ASP A 1 91  ? -1.015  8.713   9.250   1.00 27.69 ? 219 ASP A OD1 1 
ATOM   635  O OD2 . ASP A 1 91  ? -2.542  8.975   7.739   1.00 25.41 ? 219 ASP A OD2 1 
ATOM   636  N N   . GLY A 1 92  ? -5.630  9.129   7.417   1.00 23.15 ? 220 GLY A N   1 
ATOM   637  C CA  . GLY A 1 92  ? -6.269  10.377  7.032   1.00 24.35 ? 220 GLY A CA  1 
ATOM   638  C C   . GLY A 1 92  ? -5.299  11.442  6.519   1.00 25.38 ? 220 GLY A C   1 
ATOM   639  O O   . GLY A 1 92  ? -5.723  12.548  6.189   1.00 24.94 ? 220 GLY A O   1 
ATOM   640  N N   . SER A 1 93  ? -3.997  11.128  6.446   1.00 26.68 ? 221 SER A N   1 
ATOM   641  C CA  . SER A 1 93  ? -3.035  12.054  5.850   1.00 27.04 ? 221 SER A CA  1 
ATOM   642  C C   . SER A 1 93  ? -3.042  11.997  4.324   1.00 28.13 ? 221 SER A C   1 
ATOM   643  O O   . SER A 1 93  ? -3.447  10.973  3.721   1.00 27.72 ? 221 SER A O   1 
ATOM   644  C CB  . SER A 1 93  ? -1.607  11.925  6.400   1.00 27.63 ? 221 SER A CB  1 
ATOM   645  O OG  . SER A 1 93  ? -1.180  10.630  6.768   1.00 29.80 ? 221 SER A OG  1 
ATOM   646  N N   . PRO A 1 94  ? -2.624  13.124  3.690   1.00 28.63 ? 222 PRO A N   1 
ATOM   647  C CA  . PRO A 1 94  ? -2.629  13.216  2.251   1.00 28.21 ? 222 PRO A CA  1 
ATOM   648  C C   . PRO A 1 94  ? -1.414  12.568  1.629   1.00 27.43 ? 222 PRO A C   1 
ATOM   649  O O   . PRO A 1 94  ? -0.431  12.246  2.322   1.00 27.00 ? 222 PRO A O   1 
ATOM   650  C CB  . PRO A 1 94  ? -2.683  14.735  1.988   1.00 27.63 ? 222 PRO A CB  1 
ATOM   651  C CG  . PRO A 1 94  ? -2.097  15.345  3.166   1.00 28.40 ? 222 PRO A CG  1 
ATOM   652  C CD  . PRO A 1 94  ? -2.154  14.382  4.319   1.00 28.30 ? 222 PRO A CD  1 
ATOM   653  N N   . LEU A 1 95  ? -1.534  12.330  0.332   1.00 27.75 ? 223 LEU A N   1 
ATOM   654  C CA  . LEU A 1 95  ? -0.435  11.904  -0.493  1.00 28.06 ? 223 LEU A CA  1 
ATOM   655  C C   . LEU A 1 95  ? 0.478   13.100  -0.715  1.00 29.51 ? 223 LEU A C   1 
ATOM   656  O O   . LEU A 1 95  ? 0.072   14.073  -1.283  1.00 29.44 ? 223 LEU A O   1 
ATOM   657  C CB  . LEU A 1 95  ? -0.960  11.410  -1.851  1.00 26.91 ? 223 LEU A CB  1 
ATOM   658  C CG  . LEU A 1 95  ? 0.149   11.021  -2.839  1.00 25.16 ? 223 LEU A CG  1 
ATOM   659  C CD1 . LEU A 1 95  ? 1.084   9.971   -2.236  1.00 25.14 ? 223 LEU A CD1 1 
ATOM   660  C CD2 . LEU A 1 95  ? -0.354  10.561  -4.182  1.00 18.92 ? 223 LEU A CD2 1 
ATOM   661  N N   . MET A 1 96  ? 1.707   13.008  -0.250  1.00 33.11 ? 224 MET A N   1 
ATOM   662  C CA  . MET A 1 96  ? 2.740   13.989  -0.552  1.00 36.64 ? 224 MET A CA  1 
ATOM   663  C C   . MET A 1 96  ? 3.053   14.090  -2.045  1.00 37.85 ? 224 MET A C   1 
ATOM   664  O O   . MET A 1 96  ? 3.058   13.087  -2.742  1.00 36.30 ? 224 MET A O   1 
ATOM   665  C CB  . MET A 1 96  ? 3.968   13.745  0.297   1.00 37.29 ? 224 MET A CB  1 
ATOM   666  C CG  . MET A 1 96  ? 3.721   14.323  1.692   1.00 43.32 ? 224 MET A CG  1 
ATOM   667  S SD  . MET A 1 96  ? 4.983   13.912  2.893   1.00 59.26 ? 224 MET A SD  1 
ATOM   668  C CE  . MET A 1 96  ? 6.480   14.246  1.875   1.00 57.98 ? 224 MET A CE  1 
ATOM   669  N N   . PRO A 1 97  ? 3.230   15.332  -2.540  1.00 39.81 ? 225 PRO A N   1 
ATOM   670  C CA  . PRO A 1 97  ? 3.238   15.566  -3.979  1.00 41.31 ? 225 PRO A CA  1 
ATOM   671  C C   . PRO A 1 97  ? 4.420   15.041  -4.803  1.00 42.00 ? 225 PRO A C   1 
ATOM   672  O O   . PRO A 1 97  ? 4.212   14.767  -5.998  1.00 43.32 ? 225 PRO A O   1 
ATOM   673  C CB  . PRO A 1 97  ? 3.138   17.101  -4.098  1.00 41.60 ? 225 PRO A CB  1 
ATOM   674  C CG  . PRO A 1 97  ? 3.600   17.603  -2.756  1.00 40.82 ? 225 PRO A CG  1 
ATOM   675  C CD  . PRO A 1 97  ? 3.089   16.599  -1.790  1.00 40.49 ? 225 PRO A CD  1 
ATOM   676  N N   . HIS A 1 98  ? 5.643   14.893  -4.303  1.00 41.27 ? 226 HIS A N   1 
ATOM   677  C CA  . HIS A 1 98  ? 6.616   14.597  -5.413  1.00 41.92 ? 226 HIS A CA  1 
ATOM   678  C C   . HIS A 1 98  ? 6.997   13.145  -5.572  1.00 39.88 ? 226 HIS A C   1 
ATOM   679  O O   . HIS A 1 98  ? 8.093   12.859  -6.025  1.00 39.43 ? 226 HIS A O   1 
ATOM   680  C CB  . HIS A 1 98  ? 7.885   15.509  -5.436  1.00 43.17 ? 226 HIS A CB  1 
ATOM   681  C CG  . HIS A 1 98  ? 7.577   16.971  -5.343  1.00 46.22 ? 226 HIS A CG  1 
ATOM   682  N ND1 . HIS A 1 98  ? 6.943   17.663  -6.355  1.00 49.33 ? 226 HIS A ND1 1 
ATOM   683  C CD2 . HIS A 1 98  ? 7.775   17.863  -4.338  1.00 48.73 ? 226 HIS A CD2 1 
ATOM   684  C CE1 . HIS A 1 98  ? 6.781   18.924  -5.985  1.00 50.43 ? 226 HIS A CE1 1 
ATOM   685  N NE2 . HIS A 1 98  ? 7.269   19.069  -4.762  1.00 51.15 ? 226 HIS A NE2 1 
ATOM   686  N N   . LEU A 1 99  ? 6.085   12.240  -5.216  1.00 37.88 ? 227 LEU A N   1 
ATOM   687  C CA  . LEU A 1 99  ? 6.472   10.832  -5.020  1.00 35.28 ? 227 LEU A CA  1 
ATOM   688  C C   . LEU A 1 99  ? 6.092   9.957   -6.209  1.00 33.20 ? 227 LEU A C   1 
ATOM   689  O O   . LEU A 1 99  ? 6.965   9.382   -6.845  1.00 33.16 ? 227 LEU A O   1 
ATOM   690  C CB  . LEU A 1 99  ? 5.968   10.275  -3.673  1.00 35.74 ? 227 LEU A CB  1 
ATOM   691  C CG  . LEU A 1 99  ? 6.140   11.147  -2.407  1.00 36.36 ? 227 LEU A CG  1 
ATOM   692  C CD1 . LEU A 1 99  ? 5.480   10.511  -1.182  1.00 36.91 ? 227 LEU A CD1 1 
ATOM   693  C CD2 . LEU A 1 99  ? 7.576   11.475  -2.085  1.00 37.00 ? 227 LEU A CD2 1 
ATOM   694  N N   . PHE A 1 100 ? 4.812   9.874   -6.539  1.00 30.51 ? 228 PHE A N   1 
ATOM   695  C CA  . PHE A 1 100 ? 4.398   8.991   -7.609  1.00 28.69 ? 228 PHE A CA  1 
ATOM   696  C C   . PHE A 1 100 ? 3.111   9.473   -8.252  1.00 29.46 ? 228 PHE A C   1 
ATOM   697  O O   . PHE A 1 100 ? 2.321   10.186  -7.623  1.00 29.17 ? 228 PHE A O   1 
ATOM   698  C CB  . PHE A 1 100 ? 4.274   7.520   -7.134  1.00 27.31 ? 228 PHE A CB  1 
ATOM   699  C CG  . PHE A 1 100 ? 3.449   7.306   -5.849  1.00 23.98 ? 228 PHE A CG  1 
ATOM   700  C CD1 . PHE A 1 100 ? 2.050   7.356   -5.871  1.00 22.77 ? 228 PHE A CD1 1 
ATOM   701  C CD2 . PHE A 1 100 ? 4.089   7.010   -4.638  1.00 22.92 ? 228 PHE A CD2 1 
ATOM   702  C CE1 . PHE A 1 100 ? 1.267   7.151   -4.723  1.00 22.94 ? 228 PHE A CE1 1 
ATOM   703  C CE2 . PHE A 1 100 ? 3.349   6.779   -3.466  1.00 22.73 ? 228 PHE A CE2 1 
ATOM   704  C CZ  . PHE A 1 100 ? 1.920   6.859   -3.511  1.00 26.39 ? 228 PHE A CZ  1 
ATOM   705  N N   . ARG A 1 101 ? 2.900   9.078   -9.504  1.00 29.50 ? 229 ARG A N   1 
ATOM   706  C CA  . ARG A 1 101 ? 1.641   9.319   -10.148 1.00 30.85 ? 229 ARG A CA  1 
ATOM   707  C C   . ARG A 1 101 ? 0.821   8.082   -9.887  1.00 30.00 ? 229 ARG A C   1 
ATOM   708  O O   . ARG A 1 101 ? 1.358   6.976   -9.930  1.00 29.81 ? 229 ARG A O   1 
ATOM   709  C CB  . ARG A 1 101 ? 1.831   9.565   -11.662 1.00 31.84 ? 229 ARG A CB  1 
ATOM   710  C CG  . ARG A 1 101 ? 2.674   10.861  -12.053 1.00 39.91 ? 229 ARG A CG  1 
ATOM   711  C CD  . ARG A 1 101 ? 2.211   12.222  -11.315 1.00 53.39 ? 229 ARG A CD  1 
ATOM   712  N NE  . ARG A 1 101 ? 3.150   13.377  -11.427 1.00 60.25 ? 229 ARG A NE  1 
ATOM   713  C CZ  . ARG A 1 101 ? 4.155   13.667  -10.571 1.00 63.49 ? 229 ARG A CZ  1 
ATOM   714  N NH1 . ARG A 1 101 ? 4.415   12.906  -9.494  1.00 63.16 ? 229 ARG A NH1 1 
ATOM   715  N NH2 . ARG A 1 101 ? 4.929   14.734  -10.798 1.00 64.46 ? 229 ARG A NH2 1 
ATOM   716  N N   . VAL A 1 102 ? -0.467  8.245   -9.586  1.00 30.16 ? 230 VAL A N   1 
ATOM   717  C CA  . VAL A 1 102 ? -1.360  7.077   -9.465  1.00 30.16 ? 230 VAL A CA  1 
ATOM   718  C C   . VAL A 1 102 ? -1.939  6.812   -10.830 1.00 30.85 ? 230 VAL A C   1 
ATOM   719  O O   . VAL A 1 102 ? -2.693  7.649   -11.367 1.00 31.08 ? 230 VAL A O   1 
ATOM   720  C CB  . VAL A 1 102 ? -2.515  7.247   -8.457  1.00 29.81 ? 230 VAL A CB  1 
ATOM   721  C CG1 . VAL A 1 102 ? -3.371  5.972   -8.384  1.00 31.18 ? 230 VAL A CG1 1 
ATOM   722  C CG2 . VAL A 1 102 ? -2.004  7.610   -7.066  1.00 29.65 ? 230 VAL A CG2 1 
ATOM   723  N N   . ARG A 1 103 ? -1.594  5.656   -11.394 1.00 30.63 ? 231 ARG A N   1 
ATOM   724  C CA  . ARG A 1 103 ? -2.062  5.313   -12.737 1.00 31.91 ? 231 ARG A CA  1 
ATOM   725  C C   . ARG A 1 103 ? -3.329  4.433   -12.601 1.00 31.48 ? 231 ARG A C   1 
ATOM   726  O O   . ARG A 1 103 ? -3.885  4.316   -11.495 1.00 31.09 ? 231 ARG A O   1 
ATOM   727  C CB  . ARG A 1 103 ? -0.949  4.626   -13.547 1.00 32.71 ? 231 ARG A CB  1 
ATOM   728  C CG  . ARG A 1 103 ? 0.450   5.375   -13.626 1.00 39.53 ? 231 ARG A CG  1 
ATOM   729  C CD  . ARG A 1 103 ? 0.966   5.553   -15.117 1.00 53.36 ? 231 ARG A CD  1 
ATOM   730  N NE  . ARG A 1 103 ? 0.028   6.317   -16.021 1.00 61.58 ? 231 ARG A NE  1 
ATOM   731  C CZ  . ARG A 1 103 ? -0.904  5.790   -16.855 1.00 63.27 ? 231 ARG A CZ  1 
ATOM   732  N NH1 . ARG A 1 103 ? -1.677  6.601   -17.594 1.00 62.43 ? 231 ARG A NH1 1 
ATOM   733  N NH2 . ARG A 1 103 ? -1.079  4.461   -16.966 1.00 61.77 ? 231 ARG A NH2 1 
ATOM   734  N N   . GLY A 1 104 ? -3.806  3.851   -13.705 1.00 30.33 ? 232 GLY A N   1 
ATOM   735  C CA  . GLY A 1 104 ? -4.868  2.866   -13.622 1.00 29.46 ? 232 GLY A CA  1 
ATOM   736  C C   . GLY A 1 104 ? -6.258  3.474   -13.639 1.00 29.72 ? 232 GLY A C   1 
ATOM   737  O O   . GLY A 1 104 ? -6.510  4.474   -14.312 1.00 29.29 ? 232 GLY A O   1 
ATOM   738  N N   . ALA A 1 105 ? -7.146  2.861   -12.869 1.00 29.50 ? 233 ALA A N   1 
ATOM   739  C CA  . ALA A 1 105 ? -8.571  3.110   -12.890 1.00 30.01 ? 233 ALA A CA  1 
ATOM   740  C C   . ALA A 1 105 ? -8.935  4.256   -11.937 1.00 31.01 ? 233 ALA A C   1 
ATOM   741  O O   . ALA A 1 105 ? -9.679  4.057   -10.939 1.00 30.86 ? 233 ALA A O   1 
ATOM   742  C CB  . ALA A 1 105 ? -9.320  1.817   -12.486 1.00 29.35 ? 233 ALA A CB  1 
ATOM   743  N N   . VAL A 1 106 ? -8.421  5.448   -12.237 1.00 31.67 ? 234 VAL A N   1 
ATOM   744  C CA  . VAL A 1 106 ? -8.544  6.596   -11.320 1.00 32.83 ? 234 VAL A CA  1 
ATOM   745  C C   . VAL A 1 106 ? -9.921  7.287   -11.365 1.00 34.08 ? 234 VAL A C   1 
ATOM   746  O O   . VAL A 1 106 ? -10.305 8.025   -10.444 1.00 34.97 ? 234 VAL A O   1 
ATOM   747  C CB  . VAL A 1 106 ? -7.399  7.613   -11.526 1.00 32.40 ? 234 VAL A CB  1 
ATOM   748  C CG1 . VAL A 1 106 ? -6.052  6.932   -11.295 1.00 32.03 ? 234 VAL A CG1 1 
ATOM   749  C CG2 . VAL A 1 106 ? -7.473  8.230   -12.914 1.00 31.48 ? 234 VAL A CG2 1 
ATOM   750  N N   . SER A 1 107 ? -10.687 7.009   -12.406 1.00 34.89 ? 235 SER A N   1 
ATOM   751  C CA  . SER A 1 107 ? -11.855 7.825   -12.682 1.00 35.80 ? 235 SER A CA  1 
ATOM   752  C C   . SER A 1 107 ? -13.182 7.092   -12.602 1.00 35.52 ? 235 SER A C   1 
ATOM   753  O O   . SER A 1 107 ? -14.214 7.741   -12.695 1.00 35.76 ? 235 SER A O   1 
ATOM   754  C CB  . SER A 1 107 ? -11.718 8.447   -14.060 1.00 36.15 ? 235 SER A CB  1 
ATOM   755  O OG  . SER A 1 107 ? -11.604 7.379   -14.981 1.00 39.41 ? 235 SER A OG  1 
ATOM   756  N N   . GLN A 1 108 ? -13.176 5.771   -12.398 1.00 35.17 ? 236 GLN A N   1 
ATOM   757  C CA  . GLN A 1 108 ? -14.439 5.060   -12.156 1.00 35.10 ? 236 GLN A CA  1 
ATOM   758  C C   . GLN A 1 108 ? -14.841 5.110   -10.686 1.00 33.66 ? 236 GLN A C   1 
ATOM   759  O O   . GLN A 1 108 ? -14.052 5.525   -9.835  1.00 32.83 ? 236 GLN A O   1 
ATOM   760  C CB  . GLN A 1 108 ? -14.412 3.614   -12.676 1.00 36.17 ? 236 GLN A CB  1 
ATOM   761  C CG  . GLN A 1 108 ? -13.012 3.097   -12.937 1.00 41.54 ? 236 GLN A CG  1 
ATOM   762  C CD  . GLN A 1 108 ? -12.479 3.491   -14.295 1.00 45.40 ? 236 GLN A CD  1 
ATOM   763  O OE1 . GLN A 1 108 ? -11.330 3.898   -14.433 1.00 47.12 ? 236 GLN A OE1 1 
ATOM   764  N NE2 . GLN A 1 108 ? -13.320 3.384   -15.306 1.00 49.10 ? 236 GLN A NE2 1 
ATOM   765  N N   . THR A 1 109 ? -16.087 4.734   -10.413 1.00 32.67 ? 237 THR A N   1 
ATOM   766  C CA  . THR A 1 109 ? -16.598 4.675   -9.072  1.00 31.86 ? 237 THR A CA  1 
ATOM   767  C C   . THR A 1 109 ? -16.985 3.234   -8.831  1.00 31.58 ? 237 THR A C   1 
ATOM   768  O O   . THR A 1 109 ? -17.767 2.647   -9.605  1.00 30.94 ? 237 THR A O   1 
ATOM   769  C CB  . THR A 1 109 ? -17.807 5.585   -8.894  1.00 32.15 ? 237 THR A CB  1 
ATOM   770  O OG1 . THR A 1 109 ? -17.386 6.939   -9.052  1.00 33.67 ? 237 THR A OG1 1 
ATOM   771  C CG2 . THR A 1 109 ? -18.447 5.420   -7.496  1.00 31.15 ? 237 THR A CG2 1 
ATOM   772  N N   . TYR A 1 110 ? -16.412 2.671   -7.770  1.00 30.14 ? 238 TYR A N   1 
ATOM   773  C CA  . TYR A 1 110 ? -16.717 1.328   -7.366  1.00 29.77 ? 238 TYR A CA  1 
ATOM   774  C C   . TYR A 1 110 ? -17.429 1.341   -6.007  1.00 31.07 ? 238 TYR A C   1 
ATOM   775  O O   . TYR A 1 110 ? -17.194 2.268   -5.191  1.00 31.28 ? 238 TYR A O   1 
ATOM   776  C CB  . TYR A 1 110 ? -15.466 0.506   -7.306  1.00 28.33 ? 238 TYR A CB  1 
ATOM   777  C CG  . TYR A 1 110 ? -14.648 0.516   -8.566  1.00 26.62 ? 238 TYR A CG  1 
ATOM   778  C CD1 . TYR A 1 110 ? -13.422 1.150   -8.600  1.00 22.02 ? 238 TYR A CD1 1 
ATOM   779  C CD2 . TYR A 1 110 ? -15.068 -0.174  -9.710  1.00 26.57 ? 238 TYR A CD2 1 
ATOM   780  C CE1 . TYR A 1 110 ? -12.625 1.150   -9.722  1.00 21.69 ? 238 TYR A CE1 1 
ATOM   781  C CE2 . TYR A 1 110 ? -14.271 -0.189  -10.875 1.00 25.75 ? 238 TYR A CE2 1 
ATOM   782  C CZ  . TYR A 1 110 ? -13.044 0.489   -10.849 1.00 26.09 ? 238 TYR A CZ  1 
ATOM   783  O OH  . TYR A 1 110 ? -12.225 0.475   -11.936 1.00 27.26 ? 238 TYR A OH  1 
ATOM   784  N N   . PRO A 1 111 ? -18.318 0.343   -5.763  1.00 30.96 ? 239 PRO A N   1 
ATOM   785  C CA  . PRO A 1 111 ? -19.130 0.376   -4.532  1.00 31.70 ? 239 PRO A CA  1 
ATOM   786  C C   . PRO A 1 111 ? -18.279 0.277   -3.265  1.00 31.32 ? 239 PRO A C   1 
ATOM   787  O O   . PRO A 1 111 ? -18.686 0.790   -2.227  1.00 31.88 ? 239 PRO A O   1 
ATOM   788  C CB  . PRO A 1 111 ? -20.028 -0.853  -4.653  1.00 31.35 ? 239 PRO A CB  1 
ATOM   789  C CG  . PRO A 1 111 ? -20.084 -1.094  -6.159  1.00 32.50 ? 239 PRO A CG  1 
ATOM   790  C CD  . PRO A 1 111 ? -18.717 -0.762  -6.660  1.00 32.05 ? 239 PRO A CD  1 
ATOM   791  N N   . SER A 1 112 ? -17.097 -0.334  -3.341  1.00 30.49 ? 240 SER A N   1 
ATOM   792  C CA  . SER A 1 112 ? -16.282 -0.414  -2.154  1.00 29.90 ? 240 SER A CA  1 
ATOM   793  C C   . SER A 1 112 ? -15.038 0.458   -2.225  1.00 28.38 ? 240 SER A C   1 
ATOM   794  O O   . SER A 1 112 ? -14.136 0.348   -1.409  1.00 28.54 ? 240 SER A O   1 
ATOM   795  C CB  . SER A 1 112 ? -15.933 -1.848  -1.865  1.00 30.48 ? 240 SER A CB  1 
ATOM   796  O OG  . SER A 1 112 ? -15.115 -2.303  -2.918  1.00 37.19 ? 240 SER A OG  1 
ATOM   797  N N   . GLY A 1 113 ? -15.002 1.353   -3.187  1.00 27.18 ? 241 GLY A N   1 
ATOM   798  C CA  . GLY A 1 113 ? -13.956 2.356   -3.198  1.00 24.67 ? 241 GLY A CA  1 
ATOM   799  C C   . GLY A 1 113 ? -12.861 1.959   -4.147  1.00 23.28 ? 241 GLY A C   1 
ATOM   800  O O   . GLY A 1 113 ? -12.867 0.862   -4.727  1.00 22.55 ? 241 GLY A O   1 
ATOM   801  N N   . THR A 1 114 ? -11.920 2.876   -4.307  1.00 22.99 ? 242 THR A N   1 
ATOM   802  C CA  . THR A 1 114 ? -10.768 2.680   -5.151  1.00 21.31 ? 242 THR A CA  1 
ATOM   803  C C   . THR A 1 114 ? -9.542  2.696   -4.243  1.00 20.70 ? 242 THR A C   1 
ATOM   804  O O   . THR A 1 114 ? -9.446  3.519   -3.312  1.00 20.29 ? 242 THR A O   1 
ATOM   805  C CB  . THR A 1 114 ? -10.694 3.808   -6.184  1.00 22.05 ? 242 THR A CB  1 
ATOM   806  O OG1 . THR A 1 114 ? -11.958 3.929   -6.849  1.00 22.65 ? 242 THR A OG1 1 
ATOM   807  C CG2 . THR A 1 114 ? -9.585  3.542   -7.223  1.00 22.66 ? 242 THR A CG2 1 
ATOM   808  N N   . CYS A 1 115 ? -8.601  1.796   -4.529  1.00 19.97 ? 243 CYS A N   1 
ATOM   809  C CA  . CYS A 1 115 ? -7.475  1.512   -3.644  1.00 18.91 ? 243 CYS A CA  1 
ATOM   810  C C   . CYS A 1 115 ? -6.199  1.463   -4.462  1.00 17.76 ? 243 CYS A C   1 
ATOM   811  O O   . CYS A 1 115 ? -6.237  1.070   -5.639  1.00 18.02 ? 243 CYS A O   1 
ATOM   812  C CB  . CYS A 1 115 ? -7.714  0.180   -2.934  1.00 18.90 ? 243 CYS A CB  1 
ATOM   813  S SG  . CYS A 1 115 ? -8.951  0.281   -1.548  1.00 20.69 ? 243 CYS A SG  1 
ATOM   814  N N   . ALA A 1 116 ? -5.077  1.871   -3.889  1.00 15.73 ? 244 ALA A N   1 
ATOM   815  C CA  . ALA A 1 116 ? -3.825  1.905   -4.680  1.00 16.44 ? 244 ALA A CA  1 
ATOM   816  C C   . ALA A 1 116 ? -2.960  0.712   -4.347  1.00 16.48 ? 244 ALA A C   1 
ATOM   817  O O   . ALA A 1 116 ? -2.922  0.270   -3.198  1.00 15.91 ? 244 ALA A O   1 
ATOM   818  C CB  . ALA A 1 116 ? -3.036  3.199   -4.456  1.00 14.18 ? 244 ALA A CB  1 
ATOM   819  N N   . TYR A 1 117 ? -2.284  0.182   -5.370  1.00 17.98 ? 245 TYR A N   1 
ATOM   820  C CA  . TYR A 1 117 ? -1.282  -0.873  -5.195  1.00 17.84 ? 245 TYR A CA  1 
ATOM   821  C C   . TYR A 1 117 ? -0.078  -0.564  -6.025  1.00 18.23 ? 245 TYR A C   1 
ATOM   822  O O   . TYR A 1 117 ? -0.076  0.265   -6.949  1.00 16.35 ? 245 TYR A O   1 
ATOM   823  C CB  . TYR A 1 117 ? -1.829  -2.246  -5.578  1.00 17.78 ? 245 TYR A CB  1 
ATOM   824  C CG  . TYR A 1 117 ? -2.265  -2.326  -7.025  1.00 20.36 ? 245 TYR A CG  1 
ATOM   825  C CD1 . TYR A 1 117 ? -1.470  -2.997  -7.984  1.00 19.10 ? 245 TYR A CD1 1 
ATOM   826  C CD2 . TYR A 1 117 ? -3.495  -1.740  -7.462  1.00 22.74 ? 245 TYR A CD2 1 
ATOM   827  C CE1 . TYR A 1 117 ? -1.890  -3.090  -9.354  1.00 19.06 ? 245 TYR A CE1 1 
ATOM   828  C CE2 . TYR A 1 117 ? -3.927  -1.829  -8.846  1.00 22.83 ? 245 TYR A CE2 1 
ATOM   829  C CZ  . TYR A 1 117 ? -3.106  -2.520  -9.776  1.00 22.80 ? 245 TYR A CZ  1 
ATOM   830  O OH  . TYR A 1 117 ? -3.480  -2.625  -11.123 1.00 22.79 ? 245 TYR A OH  1 
ATOM   831  N N   . ILE A 1 118 ? 0.994   -1.252  -5.695  1.00 20.22 ? 246 ILE A N   1 
ATOM   832  C CA  . ILE A 1 118 ? 2.177   -1.052  -6.491  1.00 20.78 ? 246 ILE A CA  1 
ATOM   833  C C   . ILE A 1 118 ? 2.462   -2.348  -7.277  1.00 21.24 ? 246 ILE A C   1 
ATOM   834  O O   . ILE A 1 118 ? 2.278   -3.459  -6.771  1.00 20.53 ? 246 ILE A O   1 
ATOM   835  C CB  . ILE A 1 118 ? 3.348   -0.564  -5.623  1.00 20.59 ? 246 ILE A CB  1 
ATOM   836  C CG1 . ILE A 1 118 ? 4.649   -0.481  -6.447  1.00 21.71 ? 246 ILE A CG1 1 
ATOM   837  C CG2 . ILE A 1 118 ? 3.548   -1.531  -4.549  1.00 22.66 ? 246 ILE A CG2 1 
ATOM   838  C CD1 . ILE A 1 118 ? 5.792   0.341   -5.782  1.00 18.70 ? 246 ILE A CD1 1 
ATOM   839  N N   . GLN A 1 119 ? 2.854   -2.179  -8.545  1.00 21.50 ? 247 GLN A N   1 
ATOM   840  C CA  . GLN A 1 119 ? 3.191   -3.308  -9.410  1.00 22.12 ? 247 GLN A CA  1 
ATOM   841  C C   . GLN A 1 119 ? 4.222   -2.902  -10.470 1.00 23.02 ? 247 GLN A C   1 
ATOM   842  O O   . GLN A 1 119 ? 4.101   -1.839  -11.128 1.00 21.65 ? 247 GLN A O   1 
ATOM   843  C CB  . GLN A 1 119 ? 1.915   -3.833  -10.081 1.00 21.70 ? 247 GLN A CB  1 
ATOM   844  C CG  . GLN A 1 119 ? 2.174   -5.045  -10.991 1.00 20.42 ? 247 GLN A CG  1 
ATOM   845  C CD  . GLN A 1 119 ? 0.902   -5.645  -11.507 1.00 18.13 ? 247 GLN A CD  1 
ATOM   846  O OE1 . GLN A 1 119 ? 0.767   -6.847  -11.572 1.00 18.57 ? 247 GLN A OE1 1 
ATOM   847  N NE2 . GLN A 1 119 ? -0.058  -4.811  -11.792 1.00 17.07 ? 247 GLN A NE2 1 
ATOM   848  N N   . ARG A 1 120 ? 5.227   -3.746  -10.648 1.00 25.91 ? 248 ARG A N   1 
ATOM   849  C CA  . ARG A 1 120 ? 6.345   -3.442  -11.576 1.00 30.00 ? 248 ARG A CA  1 
ATOM   850  C C   . ARG A 1 120 ? 6.905   -2.052  -11.253 1.00 31.26 ? 248 ARG A C   1 
ATOM   851  O O   . ARG A 1 120 ? 7.142   -1.251  -12.176 1.00 33.24 ? 248 ARG A O   1 
ATOM   852  C CB  . ARG A 1 120 ? 5.898   -3.495  -13.052 1.00 30.75 ? 248 ARG A CB  1 
ATOM   853  C CG  . ARG A 1 120 ? 5.632   -4.916  -13.615 1.00 35.69 ? 248 ARG A CG  1 
ATOM   854  C CD  . ARG A 1 120 ? 6.916   -5.613  -14.279 1.00 44.77 ? 248 ARG A CD  1 
ATOM   855  N NE  . ARG A 1 120 ? 6.614   -6.796  -15.141 1.00 47.50 ? 248 ARG A NE  1 
ATOM   856  C CZ  . ARG A 1 120 ? 5.394   -7.062  -15.640 1.00 49.62 ? 248 ARG A CZ  1 
ATOM   857  N NH1 . ARG A 1 120 ? 4.369   -6.246  -15.359 1.00 51.03 ? 248 ARG A NH1 1 
ATOM   858  N NH2 . ARG A 1 120 ? 5.178   -8.129  -16.402 1.00 48.73 ? 248 ARG A NH2 1 
ATOM   859  N N   . GLY A 1 121 ? 7.023   -1.738  -9.950  1.00 31.72 ? 249 GLY A N   1 
ATOM   860  C CA  . GLY A 1 121 ? 7.511   -0.436  -9.457  1.00 30.91 ? 249 GLY A CA  1 
ATOM   861  C C   . GLY A 1 121 ? 6.595   0.787   -9.612  1.00 30.57 ? 249 GLY A C   1 
ATOM   862  O O   . GLY A 1 121 ? 6.861   1.836   -9.011  1.00 31.65 ? 249 GLY A O   1 
ATOM   863  N N   . ALA A 1 122 ? 5.517   0.671   -10.377 1.00 28.44 ? 250 ALA A N   1 
ATOM   864  C CA  . ALA A 1 122 ? 4.586   1.795   -10.544 1.00 27.56 ? 250 ALA A CA  1 
ATOM   865  C C   . ALA A 1 122 ? 3.314   1.673   -9.662  1.00 26.37 ? 250 ALA A C   1 
ATOM   866  O O   . ALA A 1 122 ? 2.957   0.573   -9.197  1.00 25.13 ? 250 ALA A O   1 
ATOM   867  C CB  . ALA A 1 122 ? 4.200   1.987   -12.066 1.00 26.83 ? 250 ALA A CB  1 
ATOM   868  N N   . VAL A 1 123 ? 2.598   2.790   -9.501  1.00 25.13 ? 251 VAL A N   1 
ATOM   869  C CA  . VAL A 1 123 ? 1.428   2.805   -8.618  1.00 24.30 ? 251 VAL A CA  1 
ATOM   870  C C   . VAL A 1 123 ? 0.157   2.955   -9.402  1.00 24.30 ? 251 VAL A C   1 
ATOM   871  O O   . VAL A 1 123 ? 0.053   3.819   -10.268 1.00 25.66 ? 251 VAL A O   1 
ATOM   872  C CB  . VAL A 1 123 ? 1.542   3.892   -7.537  1.00 24.35 ? 251 VAL A CB  1 
ATOM   873  C CG1 . VAL A 1 123 ? 0.251   3.966   -6.663  1.00 21.90 ? 251 VAL A CG1 1 
ATOM   874  C CG2 . VAL A 1 123 ? 2.780   3.643   -6.711  1.00 21.99 ? 251 VAL A CG2 1 
ATOM   875  N N   . TYR A 1 124 ? -0.813  2.103   -9.080  1.00 23.79 ? 252 TYR A N   1 
ATOM   876  C CA  . TYR A 1 124 ? -2.038  2.013   -9.830  1.00 22.96 ? 252 TYR A CA  1 
ATOM   877  C C   . TYR A 1 124 ? -3.201  1.936   -8.858  1.00 23.36 ? 252 TYR A C   1 
ATOM   878  O O   . TYR A 1 124 ? -3.059  1.435   -7.736  1.00 23.42 ? 252 TYR A O   1 
ATOM   879  C CB  . TYR A 1 124 ? -2.041  0.730   -10.684 1.00 23.53 ? 252 TYR A CB  1 
ATOM   880  C CG  . TYR A 1 124 ? -0.925  0.628   -11.717 1.00 23.34 ? 252 TYR A CG  1 
ATOM   881  C CD1 . TYR A 1 124 ? 0.256   -0.030  -11.413 1.00 22.42 ? 252 TYR A CD1 1 
ATOM   882  C CD2 . TYR A 1 124 ? -1.079  1.158   -12.983 1.00 25.50 ? 252 TYR A CD2 1 
ATOM   883  C CE1 . TYR A 1 124 ? 1.281   -0.139  -12.322 1.00 27.15 ? 252 TYR A CE1 1 
ATOM   884  C CE2 . TYR A 1 124 ? -0.053  1.079   -13.928 1.00 29.02 ? 252 TYR A CE2 1 
ATOM   885  C CZ  . TYR A 1 124 ? 1.132   0.425   -13.591 1.00 30.70 ? 252 TYR A CZ  1 
ATOM   886  O OH  . TYR A 1 124 ? 2.167   0.328   -14.509 1.00 32.03 ? 252 TYR A OH  1 
ATOM   887  N N   . ALA A 1 125 ? -4.349  2.402   -9.333  1.00 22.67 ? 253 ALA A N   1 
ATOM   888  C CA  . ALA A 1 125 ? -5.631  2.405   -8.639  1.00 22.66 ? 253 ALA A CA  1 
ATOM   889  C C   . ALA A 1 125 ? -6.527  1.308   -9.231  1.00 22.25 ? 253 ALA A C   1 
ATOM   890  O O   . ALA A 1 125 ? -6.616  1.108   -10.444 1.00 22.51 ? 253 ALA A O   1 
ATOM   891  C CB  . ALA A 1 125 ? -6.319  3.760   -8.831  1.00 22.35 ? 253 ALA A CB  1 
ATOM   892  N N   . GLU A 1 126 ? -7.199  0.590   -8.366  1.00 21.87 ? 254 GLU A N   1 
ATOM   893  C CA  . GLU A 1 126 ? -8.155  -0.412  -8.822  1.00 21.26 ? 254 GLU A CA  1 
ATOM   894  C C   . GLU A 1 126 ? -9.273  -0.535  -7.748  1.00 21.18 ? 254 GLU A C   1 
ATOM   895  O O   . GLU A 1 126 ? -9.108  -0.132  -6.554  1.00 20.26 ? 254 GLU A O   1 
ATOM   896  C CB  . GLU A 1 126 ? -7.452  -1.760  -9.175  1.00 20.33 ? 254 GLU A CB  1 
ATOM   897  C CG  . GLU A 1 126 ? -6.987  -2.546  -7.950  1.00 19.70 ? 254 GLU A CG  1 
ATOM   898  C CD  . GLU A 1 126 ? -6.435  -3.929  -8.274  1.00 24.13 ? 254 GLU A CD  1 
ATOM   899  O OE1 . GLU A 1 126 ? -6.339  -4.263  -9.460  1.00 21.23 ? 254 GLU A OE1 1 
ATOM   900  O OE2 . GLU A 1 126 ? -6.094  -4.702  -7.343  1.00 24.29 ? 254 GLU A OE2 1 
ATOM   901  N N   . ASN A 1 127 ? -10.406 -1.041  -8.207  1.00 20.45 ? 255 ASN A N   1 
ATOM   902  C CA  . ASN A 1 127 ? -11.461 -1.488  -7.361  1.00 21.16 ? 255 ASN A CA  1 
ATOM   903  C C   . ASN A 1 127 ? -10.960 -2.262  -6.120  1.00 20.94 ? 255 ASN A C   1 
ATOM   904  O O   . ASN A 1 127 ? -10.341 -3.295  -6.234  1.00 19.64 ? 255 ASN A O   1 
ATOM   905  C CB  . ASN A 1 127 ? -12.392 -2.338  -8.238  1.00 22.10 ? 255 ASN A CB  1 
ATOM   906  C CG  . ASN A 1 127 ? -13.693 -2.751  -7.542  1.00 22.98 ? 255 ASN A CG  1 
ATOM   907  O OD1 . ASN A 1 127 ? -14.634 -3.202  -8.228  1.00 28.09 ? 255 ASN A OD1 1 
ATOM   908  N ND2 . ASN A 1 127 ? -13.745 -2.666  -6.207  1.00 18.99 ? 255 ASN A ND2 1 
ATOM   909  N N   . CYS A 1 128 ? -11.246 -1.731  -4.934  1.00 21.14 ? 256 CYS A N   1 
ATOM   910  C CA  . CYS A 1 128 ? -10.849 -2.358  -3.653  1.00 21.32 ? 256 CYS A CA  1 
ATOM   911  C C   . CYS A 1 128 ? -11.266 -3.846  -3.442  1.00 21.50 ? 256 CYS A C   1 
ATOM   912  O O   . CYS A 1 128 ? -10.644 -4.518  -2.591  1.00 20.72 ? 256 CYS A O   1 
ATOM   913  C CB  . CYS A 1 128 ? -11.314 -1.490  -2.439  1.00 20.89 ? 256 CYS A CB  1 
ATOM   914  S SG  . CYS A 1 128 ? -10.754 0.331   -2.480  1.00 22.20 ? 256 CYS A SG  1 
ATOM   915  N N   . ILE A 1 129 ? -12.272 -4.378  -4.168  1.00 21.29 ? 257 ILE A N   1 
ATOM   916  C CA  . ILE A 1 129 ? -12.606 -5.790  -3.922  1.00 22.51 ? 257 ILE A CA  1 
ATOM   917  C C   . ILE A 1 129 ? -11.680 -6.741  -4.614  1.00 22.01 ? 257 ILE A C   1 
ATOM   918  O O   . ILE A 1 129 ? -11.795 -7.932  -4.387  1.00 22.10 ? 257 ILE A O   1 
ATOM   919  C CB  . ILE A 1 129 ? -14.037 -6.323  -4.284  1.00 23.61 ? 257 ILE A CB  1 
ATOM   920  C CG1 . ILE A 1 129 ? -14.568 -5.758  -5.593  1.00 26.93 ? 257 ILE A CG1 1 
ATOM   921  C CG2 . ILE A 1 129 ? -15.012 -6.116  -3.189  1.00 25.75 ? 257 ILE A CG2 1 
ATOM   922  C CD1 . ILE A 1 129 ? -13.843 -6.160  -6.780  1.00 23.57 ? 257 ILE A CD1 1 
ATOM   923  N N   . LEU A 1 130 ? -10.774 -6.254  -5.464  1.00 21.92 ? 258 LEU A N   1 
ATOM   924  C CA  . LEU A 1 130 ? -9.879  -7.189  -6.174  1.00 20.81 ? 258 LEU A CA  1 
ATOM   925  C C   . LEU A 1 130 ? -8.816  -7.663  -5.176  1.00 20.33 ? 258 LEU A C   1 
ATOM   926  O O   . LEU A 1 130 ? -8.601  -7.027  -4.132  1.00 18.73 ? 258 LEU A O   1 
ATOM   927  C CB  . LEU A 1 130 ? -9.268  -6.560  -7.421  1.00 20.81 ? 258 LEU A CB  1 
ATOM   928  C CG  . LEU A 1 130 ? -10.331 -6.046  -8.385  1.00 20.89 ? 258 LEU A CG  1 
ATOM   929  C CD1 . LEU A 1 130 ? -9.686  -5.158  -9.426  1.00 17.29 ? 258 LEU A CD1 1 
ATOM   930  C CD2 . LEU A 1 130 ? -11.087 -7.234  -9.038  1.00 22.60 ? 258 LEU A CD2 1 
ATOM   931  N N   . ALA A 1 131 ? -8.242  -8.826  -5.480  1.00 19.63 ? 259 ALA A N   1 
ATOM   932  C CA  . ALA A 1 131 ? -7.271  -9.530  -4.646  1.00 18.51 ? 259 ALA A CA  1 
ATOM   933  C C   . ALA A 1 131 ? -5.870  -9.071  -5.040  1.00 18.46 ? 259 ALA A C   1 
ATOM   934  O O   . ALA A 1 131 ? -5.588  -8.857  -6.243  1.00 17.86 ? 259 ALA A O   1 
ATOM   935  C CB  . ALA A 1 131 ? -7.396  -11.050 -4.877  1.00 17.85 ? 259 ALA A CB  1 
ATOM   936  N N   . ALA A 1 132 ? -4.999  -8.917  -4.041  1.00 17.79 ? 260 ALA A N   1 
ATOM   937  C CA  . ALA A 1 132 ? -3.591  -8.589  -4.253  1.00 17.71 ? 260 ALA A CA  1 
ATOM   938  C C   . ALA A 1 132 ? -2.857  -8.949  -2.999  1.00 17.67 ? 260 ALA A C   1 
ATOM   939  O O   . ALA A 1 132 ? -3.471  -9.056  -1.906  1.00 17.21 ? 260 ALA A O   1 
ATOM   940  C CB  . ALA A 1 132 ? -3.372  -7.083  -4.604  1.00 17.34 ? 260 ALA A CB  1 
ATOM   941  N N   . PHE A 1 133 ? -1.555  -9.181  -3.143  1.00 16.61 ? 261 PHE A N   1 
ATOM   942  C CA  . PHE A 1 133 ? -0.712  -9.189  -1.992  1.00 17.06 ? 261 PHE A CA  1 
ATOM   943  C C   . PHE A 1 133 ? -0.713  -7.823  -1.316  1.00 17.62 ? 261 PHE A C   1 
ATOM   944  O O   . PHE A 1 133 ? -1.296  -6.851  -1.828  1.00 18.65 ? 261 PHE A O   1 
ATOM   945  C CB  . PHE A 1 133 ? 0.672   -9.647  -2.402  1.00 16.79 ? 261 PHE A CB  1 
ATOM   946  C CG  . PHE A 1 133 ? 0.720   -11.131 -2.692  1.00 17.54 ? 261 PHE A CG  1 
ATOM   947  C CD1 . PHE A 1 133 ? 0.697   -11.595 -3.991  1.00 15.03 ? 261 PHE A CD1 1 
ATOM   948  C CD2 . PHE A 1 133 ? 0.755   -12.038 -1.661  1.00 15.95 ? 261 PHE A CD2 1 
ATOM   949  C CE1 . PHE A 1 133 ? 0.746   -12.921 -4.257  1.00 15.41 ? 261 PHE A CE1 1 
ATOM   950  C CE2 . PHE A 1 133 ? 0.790   -13.394 -1.912  1.00 22.05 ? 261 PHE A CE2 1 
ATOM   951  C CZ  . PHE A 1 133 ? 0.794   -13.857 -3.209  1.00 17.55 ? 261 PHE A CZ  1 
ATOM   952  N N   . SER A 1 134 ? -0.060  -7.707  -0.165  1.00 18.14 ? 262 SER A N   1 
ATOM   953  C CA  . SER A 1 134 ? 0.032   -6.368  0.453   1.00 18.68 ? 262 SER A CA  1 
ATOM   954  C C   . SER A 1 134 ? 1.330   -6.279  1.215   1.00 17.87 ? 262 SER A C   1 
ATOM   955  O O   . SER A 1 134 ? 1.987   -7.279  1.406   1.00 19.29 ? 262 SER A O   1 
ATOM   956  C CB  . SER A 1 134 ? -1.187  -6.129  1.404   1.00 17.73 ? 262 SER A CB  1 
ATOM   957  O OG  . SER A 1 134 ? -1.279  -7.210  2.336   1.00 17.21 ? 262 SER A OG  1 
ATOM   958  N N   . ILE A 1 135 ? 1.671   -5.073  1.656   1.00 19.65 ? 263 ILE A N   1 
ATOM   959  C CA  . ILE A 1 135 ? 2.804   -4.806  2.559   1.00 19.48 ? 263 ILE A CA  1 
ATOM   960  C C   . ILE A 1 135 ? 2.250   -4.037  3.793   1.00 21.29 ? 263 ILE A C   1 
ATOM   961  O O   . ILE A 1 135 ? 1.521   -2.977  3.672   1.00 21.33 ? 263 ILE A O   1 
ATOM   962  C CB  . ILE A 1 135 ? 3.873   -3.956  1.832   1.00 19.14 ? 263 ILE A CB  1 
ATOM   963  C CG1 . ILE A 1 135 ? 4.395   -4.702  0.595   1.00 19.71 ? 263 ILE A CG1 1 
ATOM   964  C CG2 . ILE A 1 135 ? 5.012   -3.604  2.754   1.00 16.95 ? 263 ILE A CG2 1 
ATOM   965  C CD1 . ILE A 1 135 ? 5.059   -3.743  -0.468  1.00 18.35 ? 263 ILE A CD1 1 
ATOM   966  N N   . CYS A 1 136 ? 2.554   -4.583  4.966   1.00 21.05 ? 264 CYS A N   1 
ATOM   967  C CA  . CYS A 1 136 ? 2.277   -3.915  6.223   1.00 22.28 ? 264 CYS A CA  1 
ATOM   968  C C   . CYS A 1 136 ? 3.525   -3.243  6.756   1.00 22.49 ? 264 CYS A C   1 
ATOM   969  O O   . CYS A 1 136 ? 4.688   -3.635  6.460   1.00 22.37 ? 264 CYS A O   1 
ATOM   970  C CB  . CYS A 1 136 ? 1.833   -4.925  7.273   1.00 22.31 ? 264 CYS A CB  1 
ATOM   971  S SG  . CYS A 1 136 ? 0.503   -6.037  6.744   1.00 25.95 ? 264 CYS A SG  1 
ATOM   972  N N   . GLN A 1 137 ? 3.281   -2.241  7.588   1.00 23.32 ? 265 GLN A N   1 
ATOM   973  C CA  . GLN A 1 137 ? 4.331   -1.639  8.384   1.00 23.80 ? 265 GLN A CA  1 
ATOM   974  C C   . GLN A 1 137 ? 3.903   -1.329  9.826   1.00 25.62 ? 265 GLN A C   1 
ATOM   975  O O   . GLN A 1 137 ? 2.701   -1.141  10.142  1.00 24.55 ? 265 GLN A O   1 
ATOM   976  C CB  . GLN A 1 137 ? 4.869   -0.402  7.709   1.00 23.66 ? 265 GLN A CB  1 
ATOM   977  C CG  . GLN A 1 137 ? 3.943   0.765   7.727   1.00 23.23 ? 265 GLN A CG  1 
ATOM   978  C CD  . GLN A 1 137 ? 4.618   1.991   7.168   1.00 26.38 ? 265 GLN A CD  1 
ATOM   979  O OE1 . GLN A 1 137 ? 4.710   2.217   5.935   1.00 26.13 ? 265 GLN A OE1 1 
ATOM   980  N NE2 . GLN A 1 137 ? 5.099   2.806   8.073   1.00 28.45 ? 265 GLN A NE2 1 
ATOM   981  N N   . LYS A 1 138 ? 4.929   -1.319  10.689  1.00 27.58 ? 266 LYS A N   1 
ATOM   982  C CA  . LYS A 1 138 ? 4.859   -0.774  12.030  1.00 29.80 ? 266 LYS A CA  1 
ATOM   983  C C   . LYS A 1 138 ? 6.190   -0.149  12.445  1.00 31.43 ? 266 LYS A C   1 
ATOM   984  O O   . LYS A 1 138 ? 7.207   -0.338  11.767  1.00 31.85 ? 266 LYS A O   1 
ATOM   985  C CB  . LYS A 1 138 ? 4.426   -1.853  13.005  1.00 30.04 ? 266 LYS A CB  1 
ATOM   986  C CG  . LYS A 1 138 ? 5.235   -3.120  13.009  1.00 30.75 ? 266 LYS A CG  1 
ATOM   987  C CD  . LYS A 1 138 ? 4.537   -4.085  13.986  1.00 35.37 ? 266 LYS A CD  1 
ATOM   988  C CE  . LYS A 1 138 ? 5.473   -5.133  14.534  1.00 40.03 ? 266 LYS A CE  1 
ATOM   989  N NZ  . LYS A 1 138 ? 4.674   -6.386  14.788  1.00 44.85 ? 266 LYS A NZ  1 
ATOM   990  N N   . LYS A 1 139 ? 6.201   0.605   13.539  1.00 32.93 ? 267 LYS A N   1 
ATOM   991  C CA  . LYS A 1 139 ? 7.447   1.205   14.002  1.00 35.62 ? 267 LYS A CA  1 
ATOM   992  C C   . LYS A 1 139 ? 8.388   0.160   14.670  1.00 35.68 ? 267 LYS A C   1 
ATOM   993  O O   . LYS A 1 139 ? 7.921   -0.768  15.343  1.00 35.45 ? 267 LYS A O   1 
ATOM   994  C CB  . LYS A 1 139 ? 7.192   2.461   14.891  1.00 36.49 ? 267 LYS A CB  1 
ATOM   995  C CG  . LYS A 1 139 ? 6.357   3.556   14.203  1.00 40.78 ? 267 LYS A CG  1 
ATOM   996  C CD  . LYS A 1 139 ? 6.884   4.995   14.431  1.00 49.60 ? 267 LYS A CD  1 
ATOM   997  C CE  . LYS A 1 139 ? 7.614   5.598   13.186  1.00 52.01 ? 267 LYS A CE  1 
ATOM   998  N NZ  . LYS A 1 139 ? 6.701   6.308   12.164  1.00 54.57 ? 267 LYS A NZ  1 
ATOM   999  N N   . ALA A 1 140 ? 9.707   0.316   14.472  1.00 36.70 ? 268 ALA A N   1 
ATOM   1000 C CA  . ALA A 1 140 ? 10.706  -0.644  15.000  1.00 37.83 ? 268 ALA A CA  1 
ATOM   1001 C C   . ALA A 1 140 ? 10.770  -0.744  16.551  1.00 37.94 ? 268 ALA A C   1 
ATOM   1002 O O   . ALA A 1 140 ? 10.516  0.257   17.239  1.00 38.16 ? 268 ALA A O   1 
ATOM   1003 C CB  . ALA A 1 140 ? 12.086  -0.342  14.417  1.00 38.16 ? 268 ALA A CB  1 
HETATM 1004 O O   . HOH B 2 .   ? -10.172 -12.519 -2.153  1.00 38.45 ? 1   HOH A O   1 
HETATM 1005 O O   . HOH B 2 .   ? -4.157  -1.687  8.080   1.00 18.30 ? 2   HOH A O   1 
HETATM 1006 O O   . HOH B 2 .   ? -12.758 8.966   0.262   1.00 18.23 ? 3   HOH A O   1 
HETATM 1007 O O   . HOH B 2 .   ? -8.139  7.717   4.730   1.00 13.02 ? 4   HOH A O   1 
HETATM 1008 O O   . HOH B 2 .   ? 2.632   10.685  1.339   1.00 26.20 ? 5   HOH A O   1 
HETATM 1009 O O   . HOH B 2 .   ? -11.346 4.867   -9.442  1.00 27.31 ? 6   HOH A O   1 
HETATM 1010 O O   . HOH B 2 .   ? -5.776  13.289  -4.465  1.00 25.31 ? 7   HOH A O   1 
HETATM 1011 O O   . HOH B 2 .   ? 5.245   -5.772  -8.688  1.00 20.57 ? 8   HOH A O   1 
HETATM 1012 O O   . HOH B 2 .   ? -4.897  -6.901  -8.128  1.00 17.12 ? 9   HOH A O   1 
HETATM 1013 O O   . HOH B 2 .   ? -6.545  4.812   2.867   1.00 14.00 ? 10  HOH A O   1 
HETATM 1014 O O   . HOH B 2 .   ? -3.018  -9.059  0.997   1.00 21.04 ? 11  HOH A O   1 
HETATM 1015 O O   . HOH B 2 .   ? 3.170   12.103  -5.199  1.00 27.41 ? 12  HOH A O   1 
HETATM 1016 O O   . HOH B 2 .   ? -14.480 4.264   -6.209  1.00 17.05 ? 13  HOH A O   1 
HETATM 1017 O O   . HOH B 2 .   ? 17.073  2.641   6.811   1.00 34.41 ? 14  HOH A O   1 
HETATM 1018 O O   . HOH B 2 .   ? 12.936  5.596   -5.774  1.00 40.53 ? 15  HOH A O   1 
HETATM 1019 O O   . HOH B 2 .   ? -2.313  -1.632  14.035  1.00 20.94 ? 16  HOH A O   1 
HETATM 1020 O O   . HOH B 2 .   ? -10.568 -1.595  -11.183 1.00 20.90 ? 17  HOH A O   1 
HETATM 1021 O O   . HOH B 2 .   ? -9.236  7.578   2.069   1.00 27.32 ? 18  HOH A O   1 
HETATM 1022 O O   . HOH B 2 .   ? 15.465  -6.594  8.753   1.00 32.85 ? 19  HOH A O   1 
HETATM 1023 O O   . HOH B 2 .   ? 16.560  1.814   4.171   1.00 42.75 ? 20  HOH A O   1 
HETATM 1024 O O   . HOH B 2 .   ? -11.862 -4.177  -0.114  1.00 24.80 ? 21  HOH A O   1 
HETATM 1025 O O   . HOH B 2 .   ? -3.782  -7.246  17.139  1.00 29.38 ? 22  HOH A O   1 
HETATM 1026 O O   . HOH B 2 .   ? 1.212   12.681  4.466   1.00 43.80 ? 23  HOH A O   1 
HETATM 1027 O O   . HOH B 2 .   ? -5.251  -0.898  -11.783 1.00 36.72 ? 24  HOH A O   1 
HETATM 1028 O O   . HOH B 2 .   ? -14.099 -0.813  -13.908 1.00 39.98 ? 25  HOH A O   1 
HETATM 1029 O O   . HOH B 2 .   ? 0.545   16.537  0.800   1.00 37.33 ? 26  HOH A O   1 
HETATM 1030 O O   . HOH B 2 .   ? 3.334   5.534   -10.505 1.00 20.42 ? 27  HOH A O   1 
HETATM 1031 O O   . HOH B 2 .   ? -0.925  -2.113  20.189  1.00 27.89 ? 28  HOH A O   1 
HETATM 1032 O O   . HOH B 2 .   ? 6.874   3.498   4.640   1.00 29.24 ? 29  HOH A O   1 
HETATM 1033 O O   . HOH B 2 .   ? -5.148  -6.817  -10.753 1.00 34.30 ? 30  HOH A O   1 
HETATM 1034 O O   . HOH B 2 .   ? 11.672  -4.497  -8.164  1.00 39.21 ? 31  HOH A O   1 
HETATM 1035 O O   . HOH B 2 .   ? 9.186   -5.056  -10.547 1.00 53.27 ? 32  HOH A O   1 
HETATM 1036 O O   . HOH B 2 .   ? -14.537 -5.392  0.275   1.00 41.30 ? 33  HOH A O   1 
HETATM 1037 O O   . HOH B 2 .   ? -13.188 -4.083  -11.238 1.00 32.56 ? 34  HOH A O   1 
HETATM 1038 O O   . HOH B 2 .   ? 5.459   7.732   -11.042 1.00 25.95 ? 35  HOH A O   1 
HETATM 1039 O O   . HOH B 2 .   ? 4.952   2.647   10.765  1.00 28.58 ? 36  HOH A O   1 
HETATM 1040 O O   . HOH B 2 .   ? -3.273  -14.911 5.488   1.00 32.69 ? 37  HOH A O   1 
HETATM 1041 O O   . HOH B 2 .   ? 8.357   -9.964  4.793   1.00 35.66 ? 38  HOH A O   1 
HETATM 1042 O O   . HOH B 2 .   ? -17.728 4.263   -3.245  1.00 40.35 ? 39  HOH A O   1 
HETATM 1043 O O   . HOH B 2 .   ? 7.463   7.645   -9.248  1.00 37.59 ? 40  HOH A O   1 
HETATM 1044 O O   . HOH B 2 .   ? -10.335 10.082  0.519   1.00 33.71 ? 41  HOH A O   1 
HETATM 1045 O O   . HOH B 2 .   ? -8.079  -15.659 6.642   1.00 35.58 ? 42  HOH A O   1 
HETATM 1046 O O   . HOH B 2 .   ? -10.566 -11.289 -0.325  1.00 26.51 ? 43  HOH A O   1 
HETATM 1047 O O   . HOH B 2 .   ? -13.027 -9.490  -2.594  1.00 29.41 ? 44  HOH A O   1 
HETATM 1048 O O   . HOH B 2 .   ? 3.409   1.389   14.621  1.00 29.86 ? 45  HOH A O   1 
HETATM 1049 O O   . HOH B 2 .   ? -9.360  3.006   -16.654 1.00 42.65 ? 46  HOH A O   1 
HETATM 1050 O O   . HOH B 2 .   ? 7.432   16.002  -9.508  1.00 47.45 ? 47  HOH A O   1 
HETATM 1051 O O   . HOH B 2 .   ? 1.038   0.469   13.241  1.00 39.28 ? 48  HOH A O   1 
HETATM 1052 O O   . HOH B 2 .   ? 2.538   15.200  -7.574  1.00 39.90 ? 49  HOH A O   1 
HETATM 1053 O O   . HOH B 2 .   ? -1.665  5.481   7.369   1.00 10.34 ? 50  HOH A O   1 
HETATM 1054 O O   . HOH B 2 .   ? 5.310   17.642  -7.906  1.00 45.31 ? 51  HOH A O   1 
HETATM 1055 O O   . HOH B 2 .   ? -1.714  3.259   5.832   1.00 21.74 ? 52  HOH A O   1 
HETATM 1056 O O   . HOH B 2 .   ? -4.015  -15.963 -0.158  1.00 25.12 ? 53  HOH A O   1 
HETATM 1057 O O   . HOH B 2 .   ? -10.855 -14.326 0.858   1.00 45.83 ? 54  HOH A O   1 
HETATM 1058 O O   . HOH B 2 .   ? -17.648 -4.146  -7.876  1.00 41.98 ? 55  HOH A O   1 
HETATM 1059 O O   . HOH B 2 .   ? -2.667  2.766   -16.505 1.00 39.19 ? 56  HOH A O   1 
HETATM 1060 O O   . HOH B 2 .   ? 13.253  -10.284 6.815   1.00 33.64 ? 57  HOH A O   1 
HETATM 1061 O O   . HOH B 2 .   ? 0.821   13.136  -6.922  1.00 41.15 ? 58  HOH A O   1 
HETATM 1062 O O   . HOH B 2 .   ? 14.222  -12.457 8.972   1.00 29.59 ? 59  HOH A O   1 
HETATM 1063 O O   . HOH B 2 .   ? 3.057   -9.765  0.060   1.00 39.04 ? 60  HOH A O   1 
HETATM 1064 O O   . HOH B 2 .   ? 15.847  3.828   0.290   1.00 32.42 ? 61  HOH A O   1 
HETATM 1065 O O   . HOH B 2 .   ? -20.269 8.596   -6.530  1.00 45.95 ? 62  HOH A O   1 
HETATM 1066 O O   . HOH B 2 .   ? -7.908  -11.191 13.154  1.00 30.75 ? 63  HOH A O   1 
HETATM 1067 O O   . HOH B 2 .   ? 14.264  -11.145 -7.718  0.50 15.28 ? 64  HOH A O   1 
HETATM 1068 O O   . HOH B 2 .   ? 4.028   6.526   8.991   1.00 34.32 ? 65  HOH A O   1 
HETATM 1069 O O   . HOH B 2 .   ? 6.597   -3.133  -8.001  1.00 35.58 ? 66  HOH A O   1 
HETATM 1070 O O   . HOH B 2 .   ? -10.262 -3.729  7.359   1.00 24.47 ? 67  HOH A O   1 
HETATM 1071 O O   . HOH B 2 .   ? 3.737   8.734   8.841   1.00 33.67 ? 68  HOH A O   1 
HETATM 1072 O O   . HOH B 2 .   ? 1.750   0.978   -17.293 1.00 36.41 ? 69  HOH A O   1 
HETATM 1073 O O   . HOH B 2 .   ? 2.752   -16.616 -1.143  1.00 42.24 ? 70  HOH A O   1 
HETATM 1074 O O   . HOH B 2 .   ? -2.227  -17.327 -0.707  1.00 44.41 ? 71  HOH A O   1 
HETATM 1075 O O   . HOH B 2 .   ? -18.705 0.297   -11.084 1.00 40.06 ? 72  HOH A O   1 
HETATM 1076 O O   . HOH B 2 .   ? 4.312   10.991  8.996   0.50 27.73 ? 73  HOH A O   1 
HETATM 1077 O O   . HOH B 2 .   ? 15.956  6.122   5.442   1.00 46.22 ? 74  HOH A O   1 
HETATM 1078 O O   . HOH B 2 .   ? -12.681 0.445   2.483   1.00 35.73 ? 75  HOH A O   1 
HETATM 1079 O O   . HOH B 2 .   ? -9.583  5.844   -15.457 1.00 34.99 ? 76  HOH A O   1 
HETATM 1080 O O   . HOH B 2 .   ? -7.765  -12.218 9.451   1.00 36.63 ? 77  HOH A O   1 
HETATM 1081 O O   . HOH B 2 .   ? 0.441   -12.047 6.455   1.00 28.69 ? 78  HOH A O   1 
HETATM 1082 O O   . HOH B 2 .   ? 15.768  -6.745  -3.622  1.00 22.92 ? 79  HOH A O   1 
HETATM 1083 O O   . HOH B 2 .   ? 4.224   20.303  -8.454  1.00 49.74 ? 80  HOH A O   1 
# 
